data_1QLC
#
_entry.id   1QLC
#
_cell.length_a   1.000
_cell.length_b   1.000
_cell.length_c   1.000
_cell.angle_alpha   90.00
_cell.angle_beta   90.00
_cell.angle_gamma   90.00
#
_symmetry.space_group_name_H-M   'P 1'
#
_entity_poly.entity_id   1
_entity_poly.type   'polypeptide(L)'
_entity_poly.pdbx_seq_one_letter_code
;AEKVMEIKLIKGPKGLGFSIAGGVGNQHIPGDNSIYVTKIIEGGAAHKDGRLQIGDKILAVNSVGLEDVMHEDAVAALKN
TYDVVYLKVAKPSNA
;
_entity_poly.pdbx_strand_id   A
#
# COMPACT_ATOMS: atom_id res chain seq x y z
N ALA A 1 4.27 -17.40 -12.32
CA ALA A 1 3.33 -17.38 -11.17
C ALA A 1 3.99 -16.71 -9.96
N GLU A 2 3.47 -15.56 -9.58
CA GLU A 2 4.00 -14.82 -8.43
C GLU A 2 3.13 -15.03 -7.19
N LYS A 3 3.70 -14.79 -6.03
CA LYS A 3 2.97 -14.95 -4.77
C LYS A 3 2.04 -13.78 -4.52
N VAL A 4 0.88 -14.05 -3.93
CA VAL A 4 -0.10 -13.00 -3.63
C VAL A 4 -0.53 -13.06 -2.18
N MET A 5 -0.39 -11.94 -1.47
CA MET A 5 -0.77 -11.86 -0.06
C MET A 5 -1.63 -10.64 0.22
N GLU A 6 -2.44 -10.73 1.28
CA GLU A 6 -3.32 -9.62 1.66
C GLU A 6 -2.78 -8.90 2.89
N ILE A 7 -2.98 -7.58 2.93
CA ILE A 7 -2.51 -6.78 4.05
C ILE A 7 -3.68 -5.97 4.64
N LYS A 8 -4.02 -6.24 5.91
CA LYS A 8 -5.11 -5.50 6.57
C LYS A 8 -4.59 -4.27 7.28
N LEU A 9 -5.25 -3.15 7.05
CA LEU A 9 -4.87 -1.89 7.68
C LEU A 9 -6.06 -1.38 8.48
N ILE A 10 -5.85 -1.06 9.74
CA ILE A 10 -6.92 -0.58 10.59
C ILE A 10 -6.93 0.93 10.67
N LYS A 11 -8.11 1.50 10.53
CA LYS A 11 -8.28 2.95 10.57
C LYS A 11 -8.31 3.45 12.02
N GLY A 12 -7.25 3.16 12.76
CA GLY A 12 -7.17 3.59 14.14
C GLY A 12 -7.08 5.10 14.26
N PRO A 13 -6.52 5.63 15.37
CA PRO A 13 -6.39 7.07 15.57
C PRO A 13 -5.40 7.71 14.59
N LYS A 14 -4.48 6.90 14.07
CA LYS A 14 -3.48 7.40 13.13
C LYS A 14 -3.92 7.20 11.67
N GLY A 15 -5.06 6.54 11.45
CA GLY A 15 -5.53 6.31 10.10
C GLY A 15 -5.05 4.98 9.55
N LEU A 16 -4.50 5.02 8.34
CA LEU A 16 -4.01 3.81 7.69
C LEU A 16 -2.88 3.18 8.50
N GLY A 17 -2.04 4.04 9.10
CA GLY A 17 -0.94 3.54 9.89
C GLY A 17 0.34 3.34 9.08
N PHE A 18 0.48 4.10 8.00
CA PHE A 18 1.66 4.00 7.15
C PHE A 18 1.65 5.05 6.05
N SER A 19 2.54 4.90 5.08
CA SER A 19 2.64 5.83 3.97
C SER A 19 2.77 5.08 2.65
N ILE A 20 2.44 5.76 1.55
CA ILE A 20 2.52 5.16 0.23
C ILE A 20 3.39 6.00 -0.70
N ALA A 21 3.86 5.38 -1.77
CA ALA A 21 4.68 6.07 -2.75
C ALA A 21 4.04 5.91 -4.13
N GLY A 22 4.01 6.97 -4.91
CA GLY A 22 3.40 6.89 -6.22
C GLY A 22 4.39 6.97 -7.35
N GLY A 23 4.27 6.03 -8.26
CA GLY A 23 5.16 5.98 -9.40
C GLY A 23 4.72 6.88 -10.55
N VAL A 24 3.42 7.20 -10.61
CA VAL A 24 2.90 8.03 -11.70
C VAL A 24 2.95 9.53 -11.36
N GLY A 25 3.69 10.28 -12.18
CA GLY A 25 3.79 11.72 -11.98
C GLY A 25 4.80 12.11 -10.92
N ASN A 26 4.60 11.59 -9.73
CA ASN A 26 5.49 11.86 -8.61
C ASN A 26 6.27 10.60 -8.25
N GLN A 27 6.90 10.03 -9.28
CA GLN A 27 7.66 8.81 -9.15
C GLN A 27 8.56 8.79 -7.92
N HIS A 28 8.26 7.85 -7.03
CA HIS A 28 9.03 7.64 -5.82
C HIS A 28 9.91 6.40 -5.99
N ILE A 29 9.45 5.46 -6.83
CA ILE A 29 10.18 4.22 -7.07
C ILE A 29 11.02 4.35 -8.35
N PRO A 30 12.35 4.14 -8.27
CA PRO A 30 13.23 4.24 -9.44
C PRO A 30 12.92 3.19 -10.50
N GLY A 31 11.91 3.46 -11.31
CA GLY A 31 11.54 2.54 -12.37
C GLY A 31 10.26 1.78 -12.08
N ASP A 32 9.18 2.52 -11.80
CA ASP A 32 7.90 1.90 -11.51
C ASP A 32 6.80 2.96 -11.39
N ASN A 33 5.70 2.74 -12.11
CA ASN A 33 4.58 3.67 -12.08
C ASN A 33 3.44 3.11 -11.24
N SER A 34 3.79 2.29 -10.24
CA SER A 34 2.80 1.69 -9.36
C SER A 34 2.89 2.29 -7.95
N ILE A 35 2.35 1.59 -6.95
CA ILE A 35 2.40 2.07 -5.58
C ILE A 35 3.33 1.19 -4.73
N TYR A 36 4.14 1.85 -3.92
CA TYR A 36 5.05 1.17 -3.02
C TYR A 36 5.00 1.82 -1.64
N VAL A 37 5.33 1.06 -0.62
CA VAL A 37 5.31 1.57 0.73
C VAL A 37 6.58 2.38 1.03
N THR A 38 6.44 3.48 1.76
CA THR A 38 7.58 4.32 2.08
C THR A 38 7.78 4.53 3.58
N LYS A 39 6.72 4.38 4.38
CA LYS A 39 6.83 4.56 5.82
C LYS A 39 5.74 3.79 6.56
N ILE A 40 6.12 3.16 7.68
CA ILE A 40 5.20 2.39 8.49
C ILE A 40 5.16 2.94 9.92
N ILE A 41 3.96 3.08 10.46
CA ILE A 41 3.80 3.58 11.82
C ILE A 41 4.02 2.44 12.81
N GLU A 42 4.98 2.65 13.73
CA GLU A 42 5.34 1.65 14.73
C GLU A 42 4.13 0.91 15.31
N GLY A 43 3.80 -0.23 14.69
CA GLY A 43 2.68 -1.03 15.15
C GLY A 43 1.38 -0.25 15.23
N GLY A 44 1.27 0.79 14.42
CA GLY A 44 0.06 1.59 14.42
C GLY A 44 -1.15 0.81 13.92
N ALA A 45 -1.14 0.50 12.62
CA ALA A 45 -2.23 -0.26 12.01
C ALA A 45 -1.71 -1.11 10.88
N ALA A 46 -1.12 -0.46 9.89
CA ALA A 46 -0.56 -1.16 8.74
C ALA A 46 0.59 -2.07 9.17
N HIS A 47 1.45 -1.54 10.04
CA HIS A 47 2.59 -2.30 10.53
C HIS A 47 2.15 -3.48 11.39
N LYS A 48 1.37 -3.21 12.43
CA LYS A 48 0.90 -4.26 13.33
C LYS A 48 -0.11 -5.18 12.65
N ASP A 49 -1.15 -4.59 12.06
CA ASP A 49 -2.19 -5.36 11.39
C ASP A 49 -1.73 -5.90 10.04
N GLY A 50 -1.19 -5.01 9.21
CA GLY A 50 -0.75 -5.40 7.89
C GLY A 50 0.57 -6.14 7.86
N ARG A 51 1.46 -5.82 8.79
CA ARG A 51 2.77 -6.45 8.83
C ARG A 51 3.56 -6.14 7.56
N LEU A 52 3.31 -4.95 7.01
CA LEU A 52 3.98 -4.51 5.79
C LEU A 52 5.11 -3.55 6.11
N GLN A 53 6.22 -3.69 5.40
CA GLN A 53 7.38 -2.83 5.61
C GLN A 53 7.77 -2.11 4.32
N ILE A 54 8.63 -1.10 4.44
CA ILE A 54 9.09 -0.34 3.27
C ILE A 54 9.74 -1.25 2.25
N GLY A 55 9.12 -1.34 1.07
CA GLY A 55 9.64 -2.19 0.01
C GLY A 55 8.55 -2.99 -0.67
N ASP A 56 7.38 -3.10 -0.03
CA ASP A 56 6.26 -3.84 -0.59
C ASP A 56 5.53 -3.01 -1.64
N LYS A 57 4.96 -3.69 -2.63
CA LYS A 57 4.22 -3.02 -3.69
C LYS A 57 2.73 -3.35 -3.62
N ILE A 58 1.89 -2.34 -3.61
CA ILE A 58 0.45 -2.53 -3.53
C ILE A 58 -0.18 -2.66 -4.92
N LEU A 59 -0.84 -3.79 -5.16
CA LEU A 59 -1.48 -4.03 -6.45
C LEU A 59 -3.00 -3.79 -6.42
N ALA A 60 -3.53 -3.35 -5.27
CA ALA A 60 -4.97 -3.09 -5.11
C ALA A 60 -5.34 -3.00 -3.63
N VAL A 61 -6.43 -2.31 -3.35
CA VAL A 61 -6.92 -2.16 -1.98
C VAL A 61 -8.41 -2.45 -1.93
N ASN A 62 -8.80 -3.48 -1.19
CA ASN A 62 -10.20 -3.89 -1.07
C ASN A 62 -10.75 -4.21 -2.47
N SER A 63 -11.22 -3.19 -3.18
CA SER A 63 -11.73 -3.35 -4.53
C SER A 63 -11.30 -2.16 -5.42
N VAL A 64 -10.34 -1.37 -4.93
CA VAL A 64 -9.85 -0.21 -5.67
C VAL A 64 -8.45 -0.45 -6.20
N GLY A 65 -8.20 0.03 -7.42
CA GLY A 65 -6.89 -0.13 -8.02
C GLY A 65 -6.05 1.13 -7.94
N LEU A 66 -5.21 1.20 -6.92
CA LEU A 66 -4.33 2.35 -6.71
C LEU A 66 -2.93 1.97 -7.15
N GLU A 67 -2.86 1.32 -8.30
CA GLU A 67 -1.59 0.86 -8.84
C GLU A 67 -1.42 1.27 -10.30
N ASP A 68 -2.09 2.35 -10.68
CA ASP A 68 -2.02 2.88 -12.04
C ASP A 68 -2.33 4.37 -12.03
N VAL A 69 -1.94 5.03 -10.94
CA VAL A 69 -2.18 6.46 -10.77
C VAL A 69 -1.11 7.06 -9.85
N MET A 70 -1.03 8.39 -9.81
CA MET A 70 -0.03 9.05 -8.99
C MET A 70 -0.22 8.77 -7.51
N HIS A 71 0.77 9.17 -6.74
CA HIS A 71 0.76 9.01 -5.30
C HIS A 71 -0.47 9.68 -4.66
N GLU A 72 -0.89 10.82 -5.22
CA GLU A 72 -2.03 11.56 -4.67
C GLU A 72 -3.34 10.79 -4.79
N ASP A 73 -3.65 10.33 -6.00
CA ASP A 73 -4.87 9.58 -6.23
C ASP A 73 -4.87 8.29 -5.41
N ALA A 74 -3.67 7.70 -5.27
CA ALA A 74 -3.52 6.48 -4.49
C ALA A 74 -3.93 6.74 -3.05
N VAL A 75 -3.56 7.92 -2.53
CA VAL A 75 -3.91 8.30 -1.18
C VAL A 75 -5.43 8.30 -1.04
N ALA A 76 -6.09 8.82 -2.08
CA ALA A 76 -7.55 8.85 -2.09
C ALA A 76 -8.12 7.45 -2.05
N ALA A 77 -7.40 6.51 -2.66
CA ALA A 77 -7.83 5.12 -2.68
C ALA A 77 -7.83 4.54 -1.27
N LEU A 78 -6.80 4.89 -0.50
CA LEU A 78 -6.69 4.42 0.88
C LEU A 78 -7.67 5.13 1.80
N LYS A 79 -7.71 6.46 1.72
CA LYS A 79 -8.60 7.26 2.57
C LYS A 79 -10.06 6.93 2.33
N ASN A 80 -10.39 6.62 1.09
CA ASN A 80 -11.76 6.28 0.71
C ASN A 80 -12.24 5.00 1.40
N THR A 81 -11.30 4.18 1.87
CA THR A 81 -11.64 2.92 2.52
C THR A 81 -12.37 3.17 3.86
N TYR A 82 -12.42 2.15 4.71
CA TYR A 82 -13.10 2.25 5.99
C TYR A 82 -12.22 1.75 7.14
N ASP A 83 -12.84 1.27 8.24
CA ASP A 83 -12.10 0.76 9.41
C ASP A 83 -10.93 -0.13 8.99
N VAL A 84 -11.22 -1.36 8.60
CA VAL A 84 -10.17 -2.26 8.16
C VAL A 84 -10.16 -2.36 6.65
N VAL A 85 -9.03 -2.01 6.05
CA VAL A 85 -8.89 -2.07 4.61
C VAL A 85 -7.78 -3.04 4.22
N TYR A 86 -8.10 -4.02 3.39
CA TYR A 86 -7.12 -5.01 2.96
C TYR A 86 -6.49 -4.61 1.63
N LEU A 87 -5.17 -4.81 1.55
CA LEU A 87 -4.43 -4.48 0.34
C LEU A 87 -3.86 -5.76 -0.26
N LYS A 88 -3.76 -5.80 -1.58
CA LYS A 88 -3.23 -6.96 -2.27
C LYS A 88 -1.83 -6.66 -2.82
N VAL A 89 -0.85 -7.42 -2.36
CA VAL A 89 0.53 -7.24 -2.77
C VAL A 89 1.13 -8.57 -3.24
N ALA A 90 2.03 -8.49 -4.22
CA ALA A 90 2.69 -9.67 -4.77
C ALA A 90 4.20 -9.50 -4.72
N LYS A 91 4.89 -10.52 -4.22
CA LYS A 91 6.35 -10.48 -4.13
C LYS A 91 6.99 -11.15 -5.35
N PRO A 92 7.94 -10.46 -6.02
CA PRO A 92 8.61 -11.02 -7.21
C PRO A 92 9.70 -12.04 -6.83
N SER A 93 9.45 -13.30 -7.15
CA SER A 93 10.40 -14.37 -6.85
C SER A 93 11.27 -14.68 -8.06
N ASN A 94 12.59 -14.54 -7.89
CA ASN A 94 13.53 -14.80 -8.96
C ASN A 94 13.85 -16.29 -9.07
N ALA A 95 12.95 -17.03 -9.72
CA ALA A 95 13.13 -18.47 -9.90
C ALA A 95 13.23 -19.17 -8.55
N ALA A 1 -1.91 -14.96 -10.65
CA ALA A 1 -0.60 -15.68 -10.67
C ALA A 1 0.41 -14.98 -9.77
N GLU A 2 1.64 -15.48 -9.78
CA GLU A 2 2.71 -14.91 -8.96
C GLU A 2 2.37 -15.01 -7.48
N LYS A 3 3.26 -14.51 -6.63
CA LYS A 3 3.05 -14.56 -5.18
C LYS A 3 2.16 -13.41 -4.73
N VAL A 4 0.91 -13.71 -4.41
CA VAL A 4 -0.04 -12.70 -3.96
C VAL A 4 -0.31 -12.84 -2.46
N MET A 5 -0.23 -11.73 -1.75
CA MET A 5 -0.47 -11.72 -0.30
C MET A 5 -1.41 -10.59 0.10
N GLU A 6 -2.22 -10.84 1.13
CA GLU A 6 -3.16 -9.84 1.61
C GLU A 6 -2.60 -9.08 2.81
N ILE A 7 -2.92 -7.78 2.89
CA ILE A 7 -2.45 -6.94 3.98
C ILE A 7 -3.62 -6.26 4.66
N LYS A 8 -3.81 -6.52 5.95
CA LYS A 8 -4.92 -5.93 6.70
C LYS A 8 -4.50 -4.69 7.49
N LEU A 9 -5.20 -3.58 7.28
CA LEU A 9 -4.90 -2.35 8.00
C LEU A 9 -6.15 -1.81 8.66
N ILE A 10 -6.07 -1.50 9.95
CA ILE A 10 -7.22 -0.97 10.66
C ILE A 10 -7.10 0.55 10.83
N LYS A 11 -8.17 1.24 10.55
CA LYS A 11 -8.21 2.71 10.64
C LYS A 11 -8.13 3.17 12.10
N GLY A 12 -6.93 3.05 12.68
CA GLY A 12 -6.74 3.45 14.05
C GLY A 12 -6.96 4.94 14.26
N PRO A 13 -6.46 5.52 15.37
CA PRO A 13 -6.62 6.95 15.65
C PRO A 13 -5.80 7.83 14.72
N LYS A 14 -4.73 7.27 14.18
CA LYS A 14 -3.85 8.02 13.28
C LYS A 14 -4.11 7.67 11.81
N GLY A 15 -5.04 6.74 11.54
CA GLY A 15 -5.32 6.38 10.17
C GLY A 15 -4.90 4.96 9.84
N LEU A 16 -4.31 4.78 8.67
CA LEU A 16 -3.86 3.47 8.25
C LEU A 16 -2.66 3.01 9.06
N GLY A 17 -1.82 3.96 9.45
CA GLY A 17 -0.64 3.63 10.24
C GLY A 17 0.59 3.45 9.38
N PHE A 18 0.62 4.12 8.22
CA PHE A 18 1.76 4.03 7.32
C PHE A 18 1.63 5.06 6.19
N SER A 19 2.49 4.94 5.18
CA SER A 19 2.48 5.87 4.06
C SER A 19 2.63 5.12 2.73
N ILE A 20 2.29 5.81 1.64
CA ILE A 20 2.38 5.23 0.31
C ILE A 20 3.26 6.08 -0.60
N ALA A 21 3.73 5.47 -1.68
CA ALA A 21 4.57 6.17 -2.64
C ALA A 21 3.99 5.96 -4.04
N GLY A 22 3.97 7.02 -4.84
CA GLY A 22 3.40 6.92 -6.17
C GLY A 22 4.43 6.98 -7.28
N GLY A 23 4.34 6.02 -8.18
CA GLY A 23 5.25 5.96 -9.29
C GLY A 23 4.84 6.85 -10.46
N VAL A 24 3.56 7.16 -10.56
CA VAL A 24 3.06 7.99 -11.66
C VAL A 24 3.09 9.49 -11.35
N GLY A 25 3.83 10.24 -12.17
CA GLY A 25 3.91 11.68 -12.00
C GLY A 25 4.95 12.10 -10.99
N ASN A 26 4.81 11.59 -9.78
CA ASN A 26 5.74 11.89 -8.70
C ASN A 26 6.45 10.61 -8.27
N GLN A 27 7.10 9.97 -9.23
CA GLN A 27 7.79 8.72 -9.01
C GLN A 27 8.67 8.71 -7.77
N HIS A 28 8.32 7.85 -6.84
CA HIS A 28 9.07 7.65 -5.61
C HIS A 28 9.91 6.38 -5.74
N ILE A 29 9.46 5.45 -6.59
CA ILE A 29 10.17 4.19 -6.80
C ILE A 29 11.08 4.29 -8.02
N PRO A 30 12.36 3.90 -7.90
CA PRO A 30 13.31 3.97 -9.02
C PRO A 30 13.06 2.88 -10.06
N GLY A 31 12.05 3.09 -10.90
CA GLY A 31 11.74 2.13 -11.95
C GLY A 31 10.43 1.40 -11.69
N ASP A 32 9.37 2.17 -11.44
CA ASP A 32 8.06 1.58 -11.18
C ASP A 32 6.99 2.66 -11.11
N ASN A 33 5.96 2.53 -11.94
CA ASN A 33 4.87 3.50 -11.97
C ASN A 33 3.68 3.01 -11.15
N SER A 34 3.97 2.20 -10.12
CA SER A 34 2.91 1.67 -9.27
C SER A 34 3.01 2.27 -7.87
N ILE A 35 2.29 1.67 -6.91
CA ILE A 35 2.30 2.16 -5.55
C ILE A 35 3.19 1.28 -4.66
N TYR A 36 4.02 1.93 -3.85
CA TYR A 36 4.91 1.23 -2.94
C TYR A 36 4.87 1.89 -1.58
N VAL A 37 5.17 1.14 -0.54
CA VAL A 37 5.16 1.67 0.82
C VAL A 37 6.45 2.43 1.09
N THR A 38 6.35 3.55 1.81
CA THR A 38 7.52 4.37 2.10
C THR A 38 7.75 4.59 3.61
N LYS A 39 6.68 4.52 4.40
CA LYS A 39 6.80 4.72 5.84
C LYS A 39 5.75 3.95 6.62
N ILE A 40 6.17 3.33 7.72
CA ILE A 40 5.28 2.56 8.57
C ILE A 40 5.27 3.12 9.99
N ILE A 41 4.09 3.25 10.57
CA ILE A 41 3.98 3.77 11.93
C ILE A 41 4.26 2.64 12.93
N GLU A 42 5.31 2.82 13.73
CA GLU A 42 5.73 1.84 14.73
C GLU A 42 4.56 1.15 15.43
N GLY A 43 4.23 -0.06 14.96
CA GLY A 43 3.14 -0.81 15.53
C GLY A 43 1.84 -0.02 15.63
N GLY A 44 1.69 0.99 14.78
CA GLY A 44 0.50 1.80 14.80
C GLY A 44 -0.73 1.03 14.35
N ALA A 45 -0.87 0.87 13.04
CA ALA A 45 -2.00 0.14 12.47
C ALA A 45 -1.55 -0.77 11.34
N ALA A 46 -0.94 -0.18 10.32
CA ALA A 46 -0.47 -0.94 9.18
C ALA A 46 0.63 -1.94 9.58
N HIS A 47 1.58 -1.47 10.38
CA HIS A 47 2.68 -2.31 10.83
C HIS A 47 2.18 -3.53 11.61
N LYS A 48 1.41 -3.30 12.66
CA LYS A 48 0.90 -4.40 13.48
C LYS A 48 -0.14 -5.24 12.75
N ASP A 49 -1.16 -4.59 12.20
CA ASP A 49 -2.23 -5.28 11.50
C ASP A 49 -1.80 -5.81 10.13
N GLY A 50 -1.20 -4.94 9.33
CA GLY A 50 -0.79 -5.34 7.99
C GLY A 50 0.54 -6.06 7.93
N ARG A 51 1.46 -5.72 8.82
CA ARG A 51 2.78 -6.34 8.83
C ARG A 51 3.52 -6.03 7.53
N LEU A 52 3.25 -4.85 6.99
CA LEU A 52 3.88 -4.42 5.74
C LEU A 52 4.99 -3.41 6.02
N GLN A 53 6.10 -3.53 5.29
CA GLN A 53 7.23 -2.62 5.47
C GLN A 53 7.57 -1.90 4.17
N ILE A 54 8.54 -0.99 4.26
CA ILE A 54 8.97 -0.24 3.08
C ILE A 54 9.59 -1.15 2.03
N GLY A 55 8.90 -1.28 0.91
CA GLY A 55 9.39 -2.14 -0.15
C GLY A 55 8.27 -2.94 -0.82
N ASP A 56 7.12 -3.04 -0.17
CA ASP A 56 5.99 -3.78 -0.72
C ASP A 56 5.26 -2.96 -1.78
N LYS A 57 4.70 -3.64 -2.77
CA LYS A 57 3.97 -2.98 -3.84
C LYS A 57 2.48 -3.29 -3.74
N ILE A 58 1.66 -2.26 -3.77
CA ILE A 58 0.21 -2.43 -3.67
C ILE A 58 -0.43 -2.56 -5.04
N LEU A 59 -1.03 -3.73 -5.31
CA LEU A 59 -1.67 -3.96 -6.59
C LEU A 59 -3.19 -3.71 -6.51
N ALA A 60 -3.71 -3.38 -5.33
CA ALA A 60 -5.14 -3.11 -5.13
C ALA A 60 -5.49 -3.08 -3.65
N VAL A 61 -6.52 -2.34 -3.31
CA VAL A 61 -6.96 -2.24 -1.92
C VAL A 61 -8.46 -2.47 -1.84
N ASN A 62 -8.87 -3.52 -1.12
CA ASN A 62 -10.29 -3.86 -0.97
C ASN A 62 -10.92 -4.07 -2.35
N SER A 63 -11.35 -2.98 -2.99
CA SER A 63 -11.93 -3.05 -4.32
C SER A 63 -11.46 -1.87 -5.19
N VAL A 64 -10.44 -1.14 -4.73
CA VAL A 64 -9.92 0.00 -5.46
C VAL A 64 -8.53 -0.29 -6.04
N GLY A 65 -8.29 0.19 -7.26
CA GLY A 65 -7.01 -0.02 -7.90
C GLY A 65 -6.11 1.20 -7.80
N LEU A 66 -5.06 1.08 -7.00
CA LEU A 66 -4.10 2.17 -6.80
C LEU A 66 -2.73 1.70 -7.24
N GLU A 67 -2.66 1.14 -8.43
CA GLU A 67 -1.42 0.61 -8.99
C GLU A 67 -1.20 1.07 -10.43
N ASP A 68 -1.78 2.21 -10.77
CA ASP A 68 -1.66 2.76 -12.12
C ASP A 68 -1.98 4.26 -12.10
N VAL A 69 -1.70 4.90 -10.98
CA VAL A 69 -1.96 6.33 -10.83
C VAL A 69 -0.93 6.96 -9.90
N MET A 70 -0.87 8.29 -9.88
CA MET A 70 0.09 8.99 -9.04
C MET A 70 -0.13 8.72 -7.57
N HIS A 71 0.82 9.17 -6.78
CA HIS A 71 0.77 9.03 -5.34
C HIS A 71 -0.48 9.68 -4.76
N GLU A 72 -0.89 10.82 -5.33
CA GLU A 72 -2.06 11.55 -4.83
C GLU A 72 -3.36 10.77 -5.03
N ASP A 73 -3.60 10.33 -6.26
CA ASP A 73 -4.81 9.56 -6.56
C ASP A 73 -4.81 8.26 -5.76
N ALA A 74 -3.62 7.71 -5.57
CA ALA A 74 -3.46 6.48 -4.81
C ALA A 74 -3.96 6.69 -3.38
N VAL A 75 -3.66 7.88 -2.85
CA VAL A 75 -4.09 8.24 -1.51
C VAL A 75 -5.62 8.20 -1.45
N ALA A 76 -6.24 8.71 -2.52
CA ALA A 76 -7.69 8.72 -2.62
C ALA A 76 -8.23 7.30 -2.58
N ALA A 77 -7.46 6.37 -3.13
CA ALA A 77 -7.84 4.96 -3.15
C ALA A 77 -7.88 4.41 -1.72
N LEU A 78 -6.89 4.77 -0.93
CA LEU A 78 -6.81 4.32 0.45
C LEU A 78 -7.83 5.04 1.34
N LYS A 79 -7.98 6.35 1.13
CA LYS A 79 -8.92 7.15 1.92
C LYS A 79 -10.35 6.64 1.79
N ASN A 80 -10.72 6.26 0.58
CA ASN A 80 -12.06 5.76 0.31
C ASN A 80 -12.40 4.54 1.16
N THR A 81 -11.38 3.86 1.69
CA THR A 81 -11.59 2.69 2.50
C THR A 81 -12.28 3.04 3.81
N TYR A 82 -12.29 2.10 4.76
CA TYR A 82 -12.94 2.31 6.06
C TYR A 82 -12.07 1.76 7.18
N ASP A 83 -12.69 1.31 8.29
CA ASP A 83 -11.97 0.75 9.43
C ASP A 83 -10.87 -0.21 8.98
N VAL A 84 -11.24 -1.44 8.67
CA VAL A 84 -10.26 -2.42 8.23
C VAL A 84 -10.21 -2.50 6.71
N VAL A 85 -9.04 -2.24 6.15
CA VAL A 85 -8.87 -2.28 4.71
C VAL A 85 -7.80 -3.30 4.33
N TYR A 86 -8.11 -4.16 3.37
CA TYR A 86 -7.16 -5.18 2.95
C TYR A 86 -6.45 -4.76 1.66
N LEU A 87 -5.14 -4.67 1.73
CA LEU A 87 -4.33 -4.31 0.58
C LEU A 87 -3.81 -5.58 -0.07
N LYS A 88 -3.84 -5.62 -1.39
CA LYS A 88 -3.37 -6.79 -2.12
C LYS A 88 -2.05 -6.47 -2.80
N VAL A 89 -1.02 -7.25 -2.44
CA VAL A 89 0.32 -7.06 -2.98
C VAL A 89 0.82 -8.33 -3.67
N ALA A 90 1.63 -8.13 -4.71
CA ALA A 90 2.21 -9.24 -5.45
C ALA A 90 3.74 -9.21 -5.33
N LYS A 91 4.32 -10.36 -5.02
CA LYS A 91 5.77 -10.44 -4.86
C LYS A 91 6.43 -10.87 -6.18
N PRO A 92 7.44 -10.13 -6.66
CA PRO A 92 8.13 -10.45 -7.91
C PRO A 92 9.23 -11.49 -7.72
N SER A 93 8.90 -12.60 -7.05
CA SER A 93 9.86 -13.66 -6.81
C SER A 93 11.04 -13.16 -5.97
N ASN A 94 11.67 -14.07 -5.24
CA ASN A 94 12.81 -13.72 -4.40
C ASN A 94 14.07 -14.41 -4.88
N ALA A 95 14.67 -13.86 -5.94
CA ALA A 95 15.89 -14.42 -6.51
C ALA A 95 16.45 -13.50 -7.59
N ALA A 1 3.47 -18.96 -11.48
CA ALA A 1 3.24 -19.12 -10.02
C ALA A 1 3.86 -17.97 -9.23
N GLU A 2 3.12 -16.87 -9.14
CA GLU A 2 3.61 -15.69 -8.41
C GLU A 2 3.17 -15.74 -6.95
N LYS A 3 3.67 -14.80 -6.16
CA LYS A 3 3.33 -14.75 -4.74
C LYS A 3 2.50 -13.50 -4.43
N VAL A 4 1.27 -13.73 -3.95
CA VAL A 4 0.37 -12.63 -3.60
C VAL A 4 0.02 -12.68 -2.12
N MET A 5 0.36 -11.61 -1.41
CA MET A 5 0.08 -11.52 0.02
C MET A 5 -0.94 -10.42 0.32
N GLU A 6 -1.84 -10.69 1.26
CA GLU A 6 -2.86 -9.74 1.65
C GLU A 6 -2.42 -8.94 2.87
N ILE A 7 -2.79 -7.66 2.91
CA ILE A 7 -2.41 -6.79 4.02
C ILE A 7 -3.66 -6.14 4.62
N LYS A 8 -3.91 -6.39 5.89
CA LYS A 8 -5.07 -5.83 6.56
C LYS A 8 -4.68 -4.69 7.51
N LEU A 9 -5.35 -3.55 7.37
CA LEU A 9 -5.07 -2.39 8.23
C LEU A 9 -6.37 -1.85 8.83
N ILE A 10 -6.37 -1.65 10.13
CA ILE A 10 -7.55 -1.14 10.80
C ILE A 10 -7.44 0.37 11.02
N LYS A 11 -8.50 1.09 10.70
CA LYS A 11 -8.53 2.54 10.83
C LYS A 11 -8.61 2.95 12.29
N GLY A 12 -7.49 3.38 12.83
CA GLY A 12 -7.45 3.81 14.22
C GLY A 12 -7.34 5.32 14.34
N PRO A 13 -6.78 5.84 15.44
CA PRO A 13 -6.62 7.29 15.63
C PRO A 13 -5.63 7.89 14.65
N LYS A 14 -4.73 7.07 14.12
CA LYS A 14 -3.72 7.54 13.17
C LYS A 14 -4.09 7.21 11.73
N GLY A 15 -5.18 6.47 11.51
CA GLY A 15 -5.56 6.12 10.16
C GLY A 15 -4.95 4.81 9.70
N LEU A 16 -4.50 4.78 8.45
CA LEU A 16 -3.89 3.58 7.88
C LEU A 16 -2.68 3.13 8.70
N GLY A 17 -1.92 4.09 9.20
CA GLY A 17 -0.75 3.77 10.01
C GLY A 17 0.48 3.50 9.17
N PHE A 18 0.65 4.24 8.08
CA PHE A 18 1.79 4.07 7.21
C PHE A 18 1.81 5.15 6.12
N SER A 19 2.64 4.92 5.10
CA SER A 19 2.77 5.86 3.99
C SER A 19 2.86 5.11 2.66
N ILE A 20 2.54 5.81 1.58
CA ILE A 20 2.58 5.21 0.25
C ILE A 20 3.47 6.03 -0.68
N ALA A 21 3.89 5.41 -1.78
CA ALA A 21 4.72 6.07 -2.77
C ALA A 21 4.09 5.90 -4.14
N GLY A 22 4.08 6.95 -4.94
CA GLY A 22 3.46 6.88 -6.25
C GLY A 22 4.45 6.93 -7.39
N GLY A 23 4.32 5.98 -8.30
CA GLY A 23 5.19 5.92 -9.44
C GLY A 23 4.74 6.79 -10.62
N VAL A 24 3.45 7.13 -10.65
CA VAL A 24 2.91 7.93 -11.75
C VAL A 24 2.98 9.44 -11.49
N GLY A 25 3.73 10.15 -12.34
CA GLY A 25 3.85 11.60 -12.21
C GLY A 25 4.88 12.02 -11.19
N ASN A 26 4.69 11.55 -9.96
CA ASN A 26 5.61 11.88 -8.88
C ASN A 26 6.34 10.61 -8.45
N GLN A 27 6.98 9.99 -9.43
CA GLN A 27 7.72 8.75 -9.21
C GLN A 27 8.59 8.75 -7.97
N HIS A 28 8.29 7.81 -7.08
CA HIS A 28 9.05 7.65 -5.86
C HIS A 28 9.97 6.44 -6.01
N ILE A 29 9.52 5.45 -6.80
CA ILE A 29 10.30 4.24 -7.04
C ILE A 29 11.08 4.36 -8.36
N PRO A 30 12.41 4.18 -8.34
CA PRO A 30 13.24 4.29 -9.55
C PRO A 30 12.99 3.15 -10.54
N GLY A 31 11.89 3.23 -11.29
CA GLY A 31 11.58 2.19 -12.26
C GLY A 31 10.28 1.49 -11.98
N ASP A 32 9.23 2.24 -11.67
CA ASP A 32 7.93 1.66 -11.37
C ASP A 32 6.86 2.74 -11.28
N ASN A 33 5.76 2.54 -12.03
CA ASN A 33 4.66 3.50 -12.04
C ASN A 33 3.53 3.04 -11.10
N SER A 34 3.79 2.03 -10.27
CA SER A 34 2.78 1.52 -9.34
C SER A 34 2.95 2.17 -7.96
N ILE A 35 2.29 1.59 -6.95
CA ILE A 35 2.37 2.11 -5.60
C ILE A 35 3.30 1.24 -4.74
N TYR A 36 4.09 1.90 -3.91
CA TYR A 36 5.01 1.20 -3.02
C TYR A 36 4.97 1.82 -1.63
N VAL A 37 5.25 1.03 -0.62
CA VAL A 37 5.24 1.53 0.75
C VAL A 37 6.56 2.25 1.06
N THR A 38 6.50 3.36 1.78
CA THR A 38 7.69 4.12 2.10
C THR A 38 7.88 4.34 3.61
N LYS A 39 6.80 4.32 4.37
CA LYS A 39 6.91 4.54 5.81
C LYS A 39 5.82 3.77 6.57
N ILE A 40 6.23 3.12 7.66
CA ILE A 40 5.30 2.37 8.49
C ILE A 40 5.30 2.91 9.91
N ILE A 41 4.12 3.07 10.48
CA ILE A 41 4.02 3.57 11.85
C ILE A 41 4.26 2.43 12.83
N GLU A 42 5.33 2.57 13.63
CA GLU A 42 5.73 1.57 14.63
C GLU A 42 4.54 0.87 15.29
N GLY A 43 4.17 -0.29 14.75
CA GLY A 43 3.07 -1.05 15.29
C GLY A 43 1.78 -0.25 15.40
N GLY A 44 1.66 0.80 14.60
CA GLY A 44 0.47 1.63 14.62
C GLY A 44 -0.76 0.86 14.19
N ALA A 45 -0.96 0.77 12.87
CA ALA A 45 -2.10 0.06 12.32
C ALA A 45 -1.67 -0.86 11.19
N ALA A 46 -1.03 -0.29 10.18
CA ALA A 46 -0.56 -1.07 9.04
C ALA A 46 0.54 -2.03 9.46
N HIS A 47 1.47 -1.53 10.27
CA HIS A 47 2.59 -2.34 10.75
C HIS A 47 2.10 -3.52 11.59
N LYS A 48 1.34 -3.24 12.64
CA LYS A 48 0.83 -4.29 13.51
C LYS A 48 -0.23 -5.14 12.83
N ASP A 49 -1.25 -4.49 12.26
CA ASP A 49 -2.33 -5.19 11.59
C ASP A 49 -1.92 -5.77 10.23
N GLY A 50 -1.32 -4.93 9.40
CA GLY A 50 -0.92 -5.35 8.06
C GLY A 50 0.41 -6.09 8.01
N ARG A 51 1.33 -5.77 8.92
CA ARG A 51 2.63 -6.41 8.92
C ARG A 51 3.38 -6.12 7.62
N LEU A 52 3.14 -4.93 7.07
CA LEU A 52 3.79 -4.52 5.81
C LEU A 52 4.96 -3.59 6.09
N GLN A 53 6.02 -3.74 5.32
CA GLN A 53 7.21 -2.91 5.48
C GLN A 53 7.53 -2.16 4.19
N ILE A 54 8.50 -1.25 4.27
CA ILE A 54 8.90 -0.46 3.10
C ILE A 54 9.49 -1.36 2.02
N GLY A 55 9.02 -1.16 0.78
CA GLY A 55 9.51 -1.95 -0.32
C GLY A 55 8.41 -2.74 -1.01
N ASP A 56 7.31 -2.96 -0.30
CA ASP A 56 6.18 -3.71 -0.87
C ASP A 56 5.41 -2.87 -1.88
N LYS A 57 4.81 -3.53 -2.85
CA LYS A 57 4.04 -2.84 -3.89
C LYS A 57 2.55 -3.19 -3.76
N ILE A 58 1.72 -2.17 -3.74
CA ILE A 58 0.28 -2.36 -3.62
C ILE A 58 -0.38 -2.50 -4.99
N LEU A 59 -0.98 -3.65 -5.24
CA LEU A 59 -1.64 -3.90 -6.53
C LEU A 59 -3.17 -3.66 -6.46
N ALA A 60 -3.69 -3.33 -5.27
CA ALA A 60 -5.13 -3.07 -5.10
C ALA A 60 -5.50 -3.05 -3.62
N VAL A 61 -6.54 -2.29 -3.28
CA VAL A 61 -7.00 -2.21 -1.90
C VAL A 61 -8.51 -2.38 -1.84
N ASN A 62 -8.95 -3.42 -1.12
CA ASN A 62 -10.38 -3.73 -1.00
C ASN A 62 -10.97 -3.97 -2.39
N SER A 63 -11.37 -2.90 -3.07
CA SER A 63 -11.92 -2.99 -4.42
C SER A 63 -11.45 -1.82 -5.29
N VAL A 64 -10.43 -1.09 -4.81
CA VAL A 64 -9.89 0.06 -5.53
C VAL A 64 -8.51 -0.23 -6.08
N GLY A 65 -8.25 0.24 -7.30
CA GLY A 65 -6.96 0.02 -7.92
C GLY A 65 -6.05 1.24 -7.83
N LEU A 66 -5.11 1.21 -6.88
CA LEU A 66 -4.16 2.30 -6.69
C LEU A 66 -2.79 1.83 -7.13
N GLU A 67 -2.75 1.24 -8.32
CA GLU A 67 -1.52 0.70 -8.89
C GLU A 67 -1.33 1.15 -10.32
N ASP A 68 -1.89 2.31 -10.66
CA ASP A 68 -1.77 2.85 -12.01
C ASP A 68 -2.11 4.34 -12.00
N VAL A 69 -1.78 4.99 -10.89
CA VAL A 69 -2.04 6.42 -10.73
C VAL A 69 -0.98 7.04 -9.83
N MET A 70 -0.92 8.38 -9.80
CA MET A 70 0.07 9.07 -8.99
C MET A 70 -0.12 8.78 -7.51
N HIS A 71 0.88 9.19 -6.75
CA HIS A 71 0.88 9.02 -5.30
C HIS A 71 -0.34 9.71 -4.67
N GLU A 72 -0.75 10.85 -5.24
CA GLU A 72 -1.89 11.60 -4.69
C GLU A 72 -3.20 10.84 -4.83
N ASP A 73 -3.51 10.40 -6.05
CA ASP A 73 -4.73 9.65 -6.29
C ASP A 73 -4.73 8.37 -5.48
N ALA A 74 -3.55 7.78 -5.32
CA ALA A 74 -3.41 6.56 -4.53
C ALA A 74 -3.85 6.81 -3.11
N VAL A 75 -3.49 7.99 -2.60
CA VAL A 75 -3.88 8.39 -1.24
C VAL A 75 -5.39 8.39 -1.15
N ALA A 76 -6.04 8.88 -2.20
CA ALA A 76 -7.49 8.92 -2.27
C ALA A 76 -8.05 7.50 -2.24
N ALA A 77 -7.30 6.57 -2.82
CA ALA A 77 -7.71 5.17 -2.85
C ALA A 77 -7.77 4.61 -1.44
N LEU A 78 -6.78 4.98 -0.62
CA LEU A 78 -6.73 4.52 0.77
C LEU A 78 -7.83 5.17 1.61
N LYS A 79 -8.05 6.46 1.38
CA LYS A 79 -9.08 7.20 2.13
C LYS A 79 -10.47 6.66 1.86
N ASN A 80 -10.70 6.26 0.62
CA ASN A 80 -11.99 5.72 0.21
C ASN A 80 -12.37 4.48 1.04
N THR A 81 -11.38 3.85 1.65
CA THR A 81 -11.61 2.65 2.45
C THR A 81 -12.34 3.00 3.75
N TYR A 82 -12.37 2.05 4.69
CA TYR A 82 -13.05 2.26 5.97
C TYR A 82 -12.22 1.69 7.12
N ASP A 83 -12.88 1.24 8.19
CA ASP A 83 -12.19 0.67 9.36
C ASP A 83 -11.08 -0.30 8.93
N VAL A 84 -11.44 -1.52 8.61
CA VAL A 84 -10.45 -2.49 8.19
C VAL A 84 -10.35 -2.55 6.66
N VAL A 85 -9.17 -2.26 6.15
CA VAL A 85 -8.95 -2.28 4.72
C VAL A 85 -7.88 -3.28 4.34
N TYR A 86 -8.15 -4.09 3.33
CA TYR A 86 -7.18 -5.09 2.90
C TYR A 86 -6.50 -4.68 1.61
N LEU A 87 -5.18 -4.53 1.67
CA LEU A 87 -4.39 -4.17 0.51
C LEU A 87 -3.76 -5.45 -0.06
N LYS A 88 -3.74 -5.55 -1.37
CA LYS A 88 -3.18 -6.72 -2.02
C LYS A 88 -1.84 -6.39 -2.67
N VAL A 89 -0.84 -7.22 -2.39
CA VAL A 89 0.50 -7.02 -2.91
C VAL A 89 1.06 -8.32 -3.50
N ALA A 90 1.86 -8.18 -4.56
CA ALA A 90 2.47 -9.32 -5.21
C ALA A 90 3.99 -9.25 -5.11
N LYS A 91 4.60 -10.31 -4.58
CA LYS A 91 6.05 -10.35 -4.42
C LYS A 91 6.70 -11.03 -5.63
N PRO A 92 7.70 -10.39 -6.27
CA PRO A 92 8.39 -10.96 -7.43
C PRO A 92 9.51 -11.91 -7.03
N SER A 93 9.14 -13.04 -6.43
CA SER A 93 10.12 -14.03 -6.00
C SER A 93 9.78 -15.41 -6.56
N ASN A 94 10.79 -16.27 -6.66
CA ASN A 94 10.60 -17.62 -7.16
C ASN A 94 10.06 -17.59 -8.60
N ALA A 95 10.50 -16.60 -9.37
CA ALA A 95 10.06 -16.45 -10.75
C ALA A 95 10.43 -17.68 -11.57
N ALA A 1 0.40 -17.51 -11.58
CA ALA A 1 0.00 -17.19 -10.19
C ALA A 1 1.21 -16.79 -9.36
N GLU A 2 1.65 -15.55 -9.52
CA GLU A 2 2.80 -15.05 -8.77
C GLU A 2 2.52 -15.06 -7.27
N LYS A 3 3.47 -14.55 -6.49
CA LYS A 3 3.33 -14.51 -5.04
C LYS A 3 2.44 -13.34 -4.62
N VAL A 4 1.17 -13.62 -4.39
CA VAL A 4 0.22 -12.58 -3.98
C VAL A 4 -0.23 -12.77 -2.54
N MET A 5 -0.05 -11.73 -1.73
CA MET A 5 -0.45 -11.77 -0.33
C MET A 5 -1.29 -10.56 0.04
N GLU A 6 -2.17 -10.72 1.02
CA GLU A 6 -3.05 -9.64 1.44
C GLU A 6 -2.52 -8.95 2.70
N ILE A 7 -2.71 -7.64 2.76
CA ILE A 7 -2.27 -6.84 3.90
C ILE A 7 -3.48 -6.20 4.57
N LYS A 8 -3.73 -6.54 5.83
CA LYS A 8 -4.88 -6.00 6.54
C LYS A 8 -4.47 -4.91 7.53
N LEU A 9 -5.14 -3.77 7.46
CA LEU A 9 -4.88 -2.65 8.36
C LEU A 9 -6.17 -2.11 8.93
N ILE A 10 -6.22 -1.96 10.24
CA ILE A 10 -7.41 -1.44 10.89
C ILE A 10 -7.26 0.05 11.18
N LYS A 11 -8.29 0.82 10.86
CA LYS A 11 -8.27 2.26 11.06
C LYS A 11 -8.47 2.62 12.53
N GLY A 12 -7.68 3.58 13.01
CA GLY A 12 -7.79 4.01 14.38
C GLY A 12 -7.31 5.44 14.59
N PRO A 13 -6.83 5.79 15.80
CA PRO A 13 -6.34 7.14 16.08
C PRO A 13 -5.21 7.56 15.15
N LYS A 14 -4.52 6.59 14.56
CA LYS A 14 -3.42 6.88 13.65
C LYS A 14 -3.86 6.85 12.18
N GLY A 15 -5.12 6.50 11.92
CA GLY A 15 -5.61 6.45 10.55
C GLY A 15 -5.25 5.16 9.84
N LEU A 16 -4.64 5.29 8.66
CA LEU A 16 -4.25 4.11 7.89
C LEU A 16 -3.12 3.35 8.59
N GLY A 17 -2.20 4.09 9.20
CA GLY A 17 -1.09 3.47 9.92
C GLY A 17 0.16 3.30 9.07
N PHE A 18 0.29 4.10 8.01
CA PHE A 18 1.45 4.03 7.14
C PHE A 18 1.40 5.11 6.07
N SER A 19 2.32 5.02 5.10
CA SER A 19 2.40 5.98 4.01
C SER A 19 2.53 5.27 2.67
N ILE A 20 2.29 5.98 1.58
CA ILE A 20 2.38 5.41 0.25
C ILE A 20 3.26 6.25 -0.68
N ALA A 21 3.76 5.61 -1.73
CA ALA A 21 4.60 6.27 -2.72
C ALA A 21 4.04 5.98 -4.12
N GLY A 22 4.03 6.99 -4.98
CA GLY A 22 3.48 6.79 -6.32
C GLY A 22 4.52 6.87 -7.41
N GLY A 23 4.45 5.92 -8.32
CA GLY A 23 5.38 5.87 -9.43
C GLY A 23 4.96 6.76 -10.61
N VAL A 24 3.67 7.04 -10.73
CA VAL A 24 3.18 7.86 -11.84
C VAL A 24 3.15 9.35 -11.51
N GLY A 25 3.88 10.14 -12.29
CA GLY A 25 3.92 11.58 -12.10
C GLY A 25 4.94 12.01 -11.07
N ASN A 26 4.82 11.46 -9.87
CA ASN A 26 5.73 11.77 -8.78
C ASN A 26 6.47 10.51 -8.37
N GLN A 27 7.14 9.91 -9.34
CA GLN A 27 7.87 8.68 -9.14
C GLN A 27 8.74 8.67 -7.88
N HIS A 28 8.42 7.73 -7.00
CA HIS A 28 9.16 7.54 -5.77
C HIS A 28 9.98 6.24 -5.88
N ILE A 29 9.53 5.32 -6.73
CA ILE A 29 10.22 4.05 -6.92
C ILE A 29 11.15 4.12 -8.13
N PRO A 30 12.41 3.65 -8.01
CA PRO A 30 13.36 3.69 -9.12
C PRO A 30 13.05 2.67 -10.20
N GLY A 31 12.10 3.00 -11.07
CA GLY A 31 11.73 2.10 -12.14
C GLY A 31 10.41 1.39 -11.89
N ASP A 32 9.36 2.16 -11.66
CA ASP A 32 8.04 1.60 -11.41
C ASP A 32 6.97 2.67 -11.34
N ASN A 33 5.88 2.47 -12.07
CA ASN A 33 4.77 3.43 -12.09
C ASN A 33 3.60 2.92 -11.25
N SER A 34 3.91 2.16 -10.21
CA SER A 34 2.89 1.63 -9.32
C SER A 34 2.99 2.28 -7.95
N ILE A 35 2.30 1.71 -6.96
CA ILE A 35 2.31 2.25 -5.62
C ILE A 35 3.17 1.36 -4.71
N TYR A 36 4.01 2.01 -3.91
CA TYR A 36 4.88 1.32 -2.97
C TYR A 36 4.81 1.98 -1.61
N VAL A 37 5.07 1.22 -0.56
CA VAL A 37 5.03 1.77 0.78
C VAL A 37 6.34 2.51 1.09
N THR A 38 6.23 3.64 1.79
CA THR A 38 7.41 4.43 2.12
C THR A 38 7.56 4.67 3.62
N LYS A 39 6.46 4.61 4.37
CA LYS A 39 6.53 4.82 5.81
C LYS A 39 5.51 3.96 6.55
N ILE A 40 5.97 3.35 7.64
CA ILE A 40 5.11 2.50 8.46
C ILE A 40 5.06 3.02 9.88
N ILE A 41 3.88 3.07 10.46
CA ILE A 41 3.73 3.55 11.83
C ILE A 41 4.07 2.44 12.81
N GLU A 42 5.13 2.66 13.59
CA GLU A 42 5.62 1.69 14.59
C GLU A 42 4.50 0.94 15.28
N GLY A 43 4.16 -0.23 14.74
CA GLY A 43 3.10 -1.05 15.33
C GLY A 43 1.80 -0.29 15.50
N GLY A 44 1.60 0.75 14.71
CA GLY A 44 0.39 1.54 14.79
C GLY A 44 -0.82 0.79 14.29
N ALA A 45 -0.90 0.59 12.98
CA ALA A 45 -2.01 -0.11 12.37
C ALA A 45 -1.54 -1.03 11.24
N ALA A 46 -1.05 -0.43 10.17
CA ALA A 46 -0.57 -1.19 9.03
C ALA A 46 0.59 -2.10 9.42
N HIS A 47 1.55 -1.55 10.17
CA HIS A 47 2.70 -2.32 10.60
C HIS A 47 2.28 -3.52 11.46
N LYS A 48 1.55 -3.26 12.53
CA LYS A 48 1.11 -4.34 13.42
C LYS A 48 0.05 -5.23 12.78
N ASP A 49 -1.02 -4.63 12.28
CA ASP A 49 -2.11 -5.39 11.67
C ASP A 49 -1.75 -5.92 10.29
N GLY A 50 -1.23 -5.04 9.43
CA GLY A 50 -0.87 -5.44 8.08
C GLY A 50 0.45 -6.18 7.98
N ARG A 51 1.39 -5.87 8.86
CA ARG A 51 2.69 -6.51 8.82
C ARG A 51 3.40 -6.21 7.51
N LEU A 52 3.38 -4.92 7.14
CA LEU A 52 3.99 -4.48 5.89
C LEU A 52 5.13 -3.50 6.17
N GLN A 53 6.22 -3.63 5.41
CA GLN A 53 7.38 -2.76 5.58
C GLN A 53 7.64 -1.95 4.32
N ILE A 54 8.52 -0.96 4.41
CA ILE A 54 8.86 -0.12 3.27
C ILE A 54 9.46 -0.96 2.14
N GLY A 55 8.81 -0.97 1.00
CA GLY A 55 9.29 -1.74 -0.13
C GLY A 55 8.21 -2.57 -0.79
N ASP A 56 7.11 -2.80 -0.08
CA ASP A 56 6.01 -3.60 -0.62
C ASP A 56 5.25 -2.81 -1.68
N LYS A 57 4.74 -3.51 -2.70
CA LYS A 57 3.99 -2.88 -3.77
C LYS A 57 2.50 -3.17 -3.63
N ILE A 58 1.69 -2.13 -3.66
CA ILE A 58 0.25 -2.27 -3.54
C ILE A 58 -0.41 -2.32 -4.91
N LEU A 59 -1.03 -3.47 -5.23
CA LEU A 59 -1.70 -3.60 -6.53
C LEU A 59 -3.19 -3.28 -6.43
N ALA A 60 -3.71 -3.13 -5.21
CA ALA A 60 -5.12 -2.81 -4.99
C ALA A 60 -5.44 -2.78 -3.50
N VAL A 61 -6.38 -1.94 -3.12
CA VAL A 61 -6.78 -1.83 -1.73
C VAL A 61 -8.27 -2.09 -1.58
N ASN A 62 -8.62 -3.13 -0.81
CA ASN A 62 -10.01 -3.51 -0.59
C ASN A 62 -10.69 -3.79 -1.94
N SER A 63 -11.21 -2.74 -2.57
CA SER A 63 -11.84 -2.87 -3.89
C SER A 63 -11.44 -1.69 -4.79
N VAL A 64 -10.42 -0.94 -4.38
CA VAL A 64 -9.94 0.20 -5.14
C VAL A 64 -8.57 -0.10 -5.76
N GLY A 65 -8.36 0.37 -6.98
CA GLY A 65 -7.10 0.12 -7.66
C GLY A 65 -6.21 1.35 -7.71
N LEU A 66 -5.38 1.55 -6.68
CA LEU A 66 -4.46 2.68 -6.65
C LEU A 66 -3.26 2.45 -7.58
N GLU A 67 -3.19 1.26 -8.16
CA GLU A 67 -2.09 0.92 -9.06
C GLU A 67 -2.18 1.76 -10.34
N ASP A 68 -1.10 1.71 -11.11
CA ASP A 68 -1.01 2.43 -12.39
C ASP A 68 -1.48 3.89 -12.28
N VAL A 69 -1.38 4.47 -11.09
CA VAL A 69 -1.78 5.86 -10.90
C VAL A 69 -0.76 6.60 -10.04
N MET A 70 -0.83 7.92 -10.04
CA MET A 70 0.10 8.72 -9.27
C MET A 70 -0.10 8.53 -7.78
N HIS A 71 0.86 9.04 -7.03
CA HIS A 71 0.82 8.98 -5.59
C HIS A 71 -0.44 9.67 -5.03
N GLU A 72 -0.85 10.77 -5.67
CA GLU A 72 -2.01 11.53 -5.21
C GLU A 72 -3.32 10.76 -5.37
N ASP A 73 -3.57 10.25 -6.56
CA ASP A 73 -4.79 9.49 -6.81
C ASP A 73 -4.82 8.25 -5.94
N ALA A 74 -3.65 7.67 -5.69
CA ALA A 74 -3.54 6.50 -4.85
C ALA A 74 -3.98 6.83 -3.43
N VAL A 75 -3.61 8.03 -2.97
CA VAL A 75 -4.01 8.48 -1.64
C VAL A 75 -5.52 8.47 -1.52
N ALA A 76 -6.17 8.94 -2.58
CA ALA A 76 -7.62 8.97 -2.62
C ALA A 76 -8.17 7.56 -2.56
N ALA A 77 -7.45 6.63 -3.17
CA ALA A 77 -7.85 5.23 -3.17
C ALA A 77 -7.84 4.67 -1.75
N LEU A 78 -6.84 5.07 -0.97
CA LEU A 78 -6.71 4.62 0.41
C LEU A 78 -7.75 5.31 1.30
N LYS A 79 -7.94 6.61 1.09
CA LYS A 79 -8.91 7.37 1.89
C LYS A 79 -10.31 6.79 1.76
N ASN A 80 -10.60 6.27 0.57
CA ASN A 80 -11.91 5.68 0.30
C ASN A 80 -12.16 4.46 1.19
N THR A 81 -11.09 3.88 1.74
CA THR A 81 -11.21 2.71 2.60
C THR A 81 -11.98 3.04 3.88
N TYR A 82 -11.99 2.10 4.82
CA TYR A 82 -12.68 2.28 6.09
C TYR A 82 -11.89 1.64 7.23
N ASP A 83 -12.59 1.19 8.29
CA ASP A 83 -11.94 0.56 9.44
C ASP A 83 -10.87 -0.43 9.00
N VAL A 84 -11.27 -1.63 8.61
CA VAL A 84 -10.31 -2.62 8.18
C VAL A 84 -10.16 -2.59 6.66
N VAL A 85 -8.93 -2.34 6.21
CA VAL A 85 -8.67 -2.28 4.78
C VAL A 85 -7.63 -3.33 4.38
N TYR A 86 -8.02 -4.23 3.48
CA TYR A 86 -7.12 -5.27 3.02
C TYR A 86 -6.53 -4.92 1.66
N LEU A 87 -5.22 -4.82 1.60
CA LEU A 87 -4.54 -4.48 0.36
C LEU A 87 -3.99 -5.73 -0.30
N LYS A 88 -3.93 -5.70 -1.62
CA LYS A 88 -3.43 -6.84 -2.38
C LYS A 88 -2.06 -6.50 -2.98
N VAL A 89 -1.05 -7.25 -2.57
CA VAL A 89 0.32 -7.04 -3.04
C VAL A 89 0.88 -8.31 -3.68
N ALA A 90 1.77 -8.11 -4.65
CA ALA A 90 2.41 -9.22 -5.34
C ALA A 90 3.92 -9.13 -5.19
N LYS A 91 4.54 -10.19 -4.69
CA LYS A 91 5.98 -10.20 -4.49
C LYS A 91 6.70 -10.79 -5.71
N PRO A 92 7.78 -10.14 -6.19
CA PRO A 92 8.52 -10.61 -7.35
C PRO A 92 9.52 -11.71 -7.00
N SER A 93 9.28 -12.91 -7.53
CA SER A 93 10.16 -14.04 -7.27
C SER A 93 11.37 -14.01 -8.19
N ASN A 94 12.29 -14.97 -8.00
CA ASN A 94 13.48 -15.05 -8.83
C ASN A 94 14.32 -13.78 -8.69
N ALA A 95 15.11 -13.71 -7.62
CA ALA A 95 15.96 -12.55 -7.37
C ALA A 95 17.32 -12.72 -8.06
N ALA A 1 4.63 -16.82 -12.76
CA ALA A 1 3.59 -16.79 -11.70
C ALA A 1 4.11 -16.12 -10.44
N GLU A 2 3.30 -15.24 -9.87
CA GLU A 2 3.67 -14.53 -8.65
C GLU A 2 2.70 -14.85 -7.51
N LYS A 3 3.19 -14.75 -6.28
CA LYS A 3 2.37 -15.02 -5.11
C LYS A 3 1.68 -13.75 -4.62
N VAL A 4 0.38 -13.84 -4.36
CA VAL A 4 -0.39 -12.69 -3.89
C VAL A 4 -0.78 -12.88 -2.42
N MET A 5 -0.66 -11.80 -1.64
CA MET A 5 -1.00 -11.84 -0.23
C MET A 5 -1.88 -10.66 0.15
N GLU A 6 -2.77 -10.87 1.11
CA GLU A 6 -3.67 -9.81 1.58
C GLU A 6 -3.18 -9.24 2.89
N ILE A 7 -3.13 -7.91 2.97
CA ILE A 7 -2.68 -7.22 4.18
C ILE A 7 -3.75 -6.23 4.66
N LYS A 8 -4.27 -6.42 5.86
CA LYS A 8 -5.30 -5.51 6.38
C LYS A 8 -4.72 -4.47 7.34
N LEU A 9 -5.19 -3.23 7.19
CA LEU A 9 -4.77 -2.13 8.03
C LEU A 9 -5.96 -1.57 8.78
N ILE A 10 -5.76 -1.21 10.04
CA ILE A 10 -6.84 -0.68 10.85
C ILE A 10 -6.81 0.84 10.86
N LYS A 11 -7.97 1.45 10.62
CA LYS A 11 -8.09 2.90 10.58
C LYS A 11 -8.19 3.48 12.00
N GLY A 12 -7.18 3.18 12.82
CA GLY A 12 -7.17 3.69 14.18
C GLY A 12 -7.13 5.20 14.23
N PRO A 13 -6.74 5.80 15.37
CA PRO A 13 -6.68 7.26 15.51
C PRO A 13 -5.61 7.88 14.62
N LYS A 14 -4.64 7.09 14.20
CA LYS A 14 -3.55 7.58 13.36
C LYS A 14 -3.79 7.34 11.87
N GLY A 15 -4.99 6.88 11.50
CA GLY A 15 -5.28 6.63 10.10
C GLY A 15 -4.92 5.22 9.68
N LEU A 16 -4.46 5.08 8.44
CA LEU A 16 -4.09 3.78 7.91
C LEU A 16 -2.95 3.17 8.73
N GLY A 17 -2.02 4.00 9.17
CA GLY A 17 -0.90 3.51 9.95
C GLY A 17 0.36 3.35 9.13
N PHE A 18 0.48 4.12 8.05
CA PHE A 18 1.64 4.05 7.17
C PHE A 18 1.57 5.11 6.08
N SER A 19 2.47 5.01 5.11
CA SER A 19 2.51 5.95 4.00
C SER A 19 2.68 5.21 2.68
N ILE A 20 2.30 5.86 1.59
CA ILE A 20 2.42 5.25 0.27
C ILE A 20 3.29 6.11 -0.64
N ALA A 21 3.79 5.49 -1.71
CA ALA A 21 4.63 6.19 -2.67
C ALA A 21 4.07 5.98 -4.07
N GLY A 22 4.06 7.04 -4.87
CA GLY A 22 3.51 6.92 -6.21
C GLY A 22 4.53 7.00 -7.29
N GLY A 23 4.48 6.03 -8.19
CA GLY A 23 5.40 5.98 -9.29
C GLY A 23 5.06 6.94 -10.41
N VAL A 24 3.77 7.25 -10.58
CA VAL A 24 3.34 8.15 -11.64
C VAL A 24 3.31 9.62 -11.21
N GLY A 25 4.06 10.45 -11.93
CA GLY A 25 4.12 11.88 -11.64
C GLY A 25 5.12 12.22 -10.57
N ASN A 26 4.99 11.58 -9.42
CA ASN A 26 5.90 11.81 -8.30
C ASN A 26 6.64 10.52 -8.00
N GLN A 27 7.22 9.94 -9.05
CA GLN A 27 7.95 8.69 -8.95
C GLN A 27 8.86 8.61 -7.74
N HIS A 28 8.38 7.95 -6.71
CA HIS A 28 9.15 7.74 -5.50
C HIS A 28 10.05 6.52 -5.69
N ILE A 29 9.62 5.59 -6.54
CA ILE A 29 10.41 4.38 -6.80
C ILE A 29 11.24 4.58 -8.08
N PRO A 30 12.55 4.30 -8.05
CA PRO A 30 13.43 4.47 -9.21
C PRO A 30 13.15 3.47 -10.32
N GLY A 31 12.14 3.74 -11.13
CA GLY A 31 11.80 2.85 -12.23
C GLY A 31 10.55 2.05 -11.99
N ASP A 32 9.46 2.73 -11.65
CA ASP A 32 8.19 2.06 -11.39
C ASP A 32 7.05 3.07 -11.32
N ASN A 33 5.93 2.76 -11.98
CA ASN A 33 4.77 3.64 -11.97
C ASN A 33 3.63 3.05 -11.13
N SER A 34 3.99 2.18 -10.17
CA SER A 34 3.00 1.57 -9.29
C SER A 34 3.06 2.19 -7.90
N ILE A 35 2.39 1.57 -6.94
CA ILE A 35 2.38 2.07 -5.58
C ILE A 35 3.28 1.21 -4.69
N TYR A 36 4.10 1.89 -3.90
CA TYR A 36 5.01 1.21 -2.98
C TYR A 36 4.95 1.91 -1.63
N VAL A 37 5.20 1.16 -0.57
CA VAL A 37 5.16 1.73 0.76
C VAL A 37 6.45 2.48 1.06
N THR A 38 6.34 3.62 1.76
CA THR A 38 7.52 4.44 2.06
C THR A 38 7.70 4.67 3.56
N LYS A 39 6.63 4.55 4.34
CA LYS A 39 6.72 4.77 5.78
C LYS A 39 5.70 3.95 6.54
N ILE A 40 6.14 3.30 7.61
CA ILE A 40 5.26 2.48 8.45
C ILE A 40 5.24 3.01 9.87
N ILE A 41 4.05 3.09 10.46
CA ILE A 41 3.91 3.58 11.82
C ILE A 41 4.23 2.47 12.80
N GLU A 42 5.27 2.70 13.62
CA GLU A 42 5.74 1.74 14.61
C GLU A 42 4.61 0.96 15.30
N GLY A 43 4.31 -0.22 14.75
CA GLY A 43 3.26 -1.07 15.30
C GLY A 43 1.96 -0.33 15.54
N GLY A 44 1.68 0.67 14.71
CA GLY A 44 0.45 1.42 14.85
C GLY A 44 -0.76 0.66 14.35
N ALA A 45 -0.91 0.58 13.03
CA ALA A 45 -2.03 -0.13 12.43
C ALA A 45 -1.55 -1.01 11.28
N ALA A 46 -0.96 -0.38 10.27
CA ALA A 46 -0.45 -1.10 9.12
C ALA A 46 0.72 -2.00 9.48
N HIS A 47 1.66 -1.46 10.27
CA HIS A 47 2.83 -2.22 10.67
C HIS A 47 2.43 -3.47 11.47
N LYS A 48 1.69 -3.28 12.55
CA LYS A 48 1.27 -4.40 13.39
C LYS A 48 0.23 -5.29 12.70
N ASP A 49 -0.85 -4.66 12.23
CA ASP A 49 -1.93 -5.39 11.57
C ASP A 49 -1.56 -5.83 10.15
N GLY A 50 -1.08 -4.90 9.35
CA GLY A 50 -0.73 -5.20 7.97
C GLY A 50 0.60 -5.94 7.83
N ARG A 51 1.54 -5.68 8.73
CA ARG A 51 2.84 -6.33 8.67
C ARG A 51 3.55 -5.98 7.36
N LEU A 52 3.27 -4.80 6.85
CA LEU A 52 3.88 -4.34 5.60
C LEU A 52 4.99 -3.34 5.87
N GLN A 53 6.16 -3.60 5.28
CA GLN A 53 7.31 -2.72 5.46
C GLN A 53 7.61 -1.94 4.18
N ILE A 54 8.57 -1.02 4.27
CA ILE A 54 8.95 -0.21 3.13
C ILE A 54 9.55 -1.06 2.03
N GLY A 55 8.84 -1.15 0.91
CA GLY A 55 9.32 -1.95 -0.21
C GLY A 55 8.21 -2.78 -0.85
N ASP A 56 7.08 -2.93 -0.15
CA ASP A 56 5.97 -3.70 -0.66
C ASP A 56 5.21 -2.93 -1.72
N LYS A 57 4.75 -3.63 -2.76
CA LYS A 57 3.99 -2.99 -3.83
C LYS A 57 2.50 -3.28 -3.66
N ILE A 58 1.69 -2.24 -3.70
CA ILE A 58 0.25 -2.40 -3.54
C ILE A 58 -0.48 -2.45 -4.87
N LEU A 59 -1.10 -3.59 -5.17
CA LEU A 59 -1.85 -3.75 -6.41
C LEU A 59 -3.21 -3.08 -6.30
N ALA A 60 -4.06 -3.64 -5.46
CA ALA A 60 -5.39 -3.11 -5.25
C ALA A 60 -5.78 -3.18 -3.77
N VAL A 61 -6.68 -2.30 -3.37
CA VAL A 61 -7.14 -2.26 -1.99
C VAL A 61 -8.62 -2.63 -1.91
N ASN A 62 -8.93 -3.72 -1.18
CA ASN A 62 -10.30 -4.19 -1.05
C ASN A 62 -10.88 -4.49 -2.43
N SER A 63 -11.41 -3.46 -3.10
CA SER A 63 -11.95 -3.61 -4.44
C SER A 63 -11.58 -2.40 -5.32
N VAL A 64 -10.64 -1.57 -4.85
CA VAL A 64 -10.20 -0.40 -5.58
C VAL A 64 -8.79 -0.58 -6.12
N GLY A 65 -8.57 -0.11 -7.35
CA GLY A 65 -7.27 -0.23 -7.97
C GLY A 65 -6.57 1.11 -8.10
N LEU A 66 -5.50 1.29 -7.32
CA LEU A 66 -4.73 2.53 -7.35
C LEU A 66 -3.44 2.32 -8.11
N GLU A 67 -3.54 1.58 -9.21
CA GLU A 67 -2.37 1.28 -10.02
C GLU A 67 -2.25 2.22 -11.20
N ASP A 68 -1.06 2.23 -11.79
CA ASP A 68 -0.76 3.08 -12.94
C ASP A 68 -1.22 4.52 -12.70
N VAL A 69 -1.25 4.93 -11.44
CA VAL A 69 -1.67 6.28 -11.08
C VAL A 69 -0.66 6.91 -10.12
N MET A 70 -0.73 8.23 -9.98
CA MET A 70 0.19 8.93 -9.11
C MET A 70 -0.08 8.65 -7.65
N HIS A 71 0.85 9.10 -6.82
CA HIS A 71 0.77 8.94 -5.37
C HIS A 71 -0.53 9.54 -4.82
N GLU A 72 -0.97 10.66 -5.39
CA GLU A 72 -2.17 11.35 -4.92
C GLU A 72 -3.44 10.51 -5.09
N ASP A 73 -3.66 10.02 -6.30
CA ASP A 73 -4.84 9.20 -6.58
C ASP A 73 -4.85 7.95 -5.71
N ALA A 74 -3.68 7.39 -5.46
CA ALA A 74 -3.57 6.21 -4.63
C ALA A 74 -4.04 6.52 -3.21
N VAL A 75 -3.68 7.71 -2.73
CA VAL A 75 -4.09 8.15 -1.40
C VAL A 75 -5.61 8.13 -1.31
N ALA A 76 -6.25 8.59 -2.37
CA ALA A 76 -7.71 8.60 -2.42
C ALA A 76 -8.26 7.18 -2.36
N ALA A 77 -7.51 6.26 -2.95
CA ALA A 77 -7.90 4.86 -2.95
C ALA A 77 -7.92 4.30 -1.53
N LEU A 78 -6.89 4.63 -0.76
CA LEU A 78 -6.77 4.16 0.62
C LEU A 78 -7.75 4.88 1.54
N LYS A 79 -7.80 6.21 1.45
CA LYS A 79 -8.68 7.02 2.30
C LYS A 79 -10.15 6.61 2.17
N ASN A 80 -10.56 6.32 0.95
CA ASN A 80 -11.94 5.92 0.68
C ASN A 80 -12.34 4.68 1.49
N THR A 81 -11.35 3.92 1.95
CA THR A 81 -11.61 2.71 2.71
C THR A 81 -12.26 3.03 4.06
N TYR A 82 -12.25 2.07 4.98
CA TYR A 82 -12.88 2.26 6.29
C TYR A 82 -12.02 1.65 7.42
N ASP A 83 -12.66 1.21 8.52
CA ASP A 83 -11.96 0.63 9.68
C ASP A 83 -10.81 -0.28 9.25
N VAL A 84 -11.13 -1.50 8.84
CA VAL A 84 -10.10 -2.43 8.40
C VAL A 84 -10.13 -2.56 6.89
N VAL A 85 -9.04 -2.16 6.25
CA VAL A 85 -8.94 -2.24 4.80
C VAL A 85 -7.83 -3.20 4.38
N TYR A 86 -8.16 -4.09 3.45
CA TYR A 86 -7.20 -5.07 2.95
C TYR A 86 -6.47 -4.54 1.74
N LEU A 87 -5.19 -4.86 1.67
CA LEU A 87 -4.35 -4.46 0.57
C LEU A 87 -3.81 -5.70 -0.12
N LYS A 88 -3.81 -5.69 -1.44
CA LYS A 88 -3.32 -6.83 -2.20
C LYS A 88 -1.96 -6.49 -2.79
N VAL A 89 -0.97 -7.33 -2.48
CA VAL A 89 0.40 -7.12 -2.94
C VAL A 89 0.96 -8.41 -3.54
N ALA A 90 1.86 -8.25 -4.50
CA ALA A 90 2.50 -9.37 -5.16
C ALA A 90 4.00 -9.40 -4.86
N LYS A 91 4.46 -10.49 -4.27
CA LYS A 91 5.87 -10.63 -3.92
C LYS A 91 6.63 -11.36 -5.03
N PRO A 92 7.57 -10.69 -5.72
CA PRO A 92 8.34 -11.32 -6.81
C PRO A 92 9.38 -12.30 -6.28
N SER A 93 9.16 -13.59 -6.56
CA SER A 93 10.07 -14.63 -6.11
C SER A 93 10.19 -15.73 -7.16
N ASN A 94 10.15 -15.34 -8.43
CA ASN A 94 10.24 -16.30 -9.52
C ASN A 94 11.69 -16.54 -9.91
N ALA A 95 12.52 -15.51 -9.76
CA ALA A 95 13.94 -15.61 -10.09
C ALA A 95 14.80 -14.87 -9.08
N ALA A 1 6.08 -17.38 -11.75
CA ALA A 1 4.94 -17.08 -10.84
C ALA A 1 5.34 -16.05 -9.80
N GLU A 2 4.35 -15.52 -9.10
CA GLU A 2 4.59 -14.50 -8.07
C GLU A 2 3.78 -14.81 -6.82
N LYS A 3 4.25 -14.30 -5.68
CA LYS A 3 3.58 -14.52 -4.41
C LYS A 3 2.68 -13.32 -4.07
N VAL A 4 1.44 -13.61 -3.68
CA VAL A 4 0.49 -12.57 -3.33
C VAL A 4 0.11 -12.65 -1.86
N MET A 5 0.24 -11.52 -1.15
CA MET A 5 -0.08 -11.48 0.27
C MET A 5 -1.06 -10.35 0.57
N GLU A 6 -1.93 -10.60 1.55
CA GLU A 6 -2.94 -9.61 1.96
C GLU A 6 -2.44 -8.77 3.13
N ILE A 7 -2.75 -7.48 3.09
CA ILE A 7 -2.35 -6.56 4.15
C ILE A 7 -3.59 -5.92 4.77
N LYS A 8 -3.80 -6.18 6.07
CA LYS A 8 -4.97 -5.63 6.75
C LYS A 8 -4.59 -4.46 7.65
N LEU A 9 -5.29 -3.33 7.48
CA LEU A 9 -5.03 -2.14 8.30
C LEU A 9 -6.31 -1.65 8.93
N ILE A 10 -6.27 -1.43 10.25
CA ILE A 10 -7.45 -0.95 10.96
C ILE A 10 -7.36 0.56 11.18
N LYS A 11 -8.40 1.26 10.79
CA LYS A 11 -8.47 2.71 10.92
C LYS A 11 -8.52 3.12 12.38
N GLY A 12 -7.37 3.11 13.02
CA GLY A 12 -7.29 3.48 14.42
C GLY A 12 -7.05 4.96 14.61
N PRO A 13 -6.60 5.40 15.81
CA PRO A 13 -6.35 6.82 16.09
C PRO A 13 -5.32 7.42 15.14
N LYS A 14 -4.51 6.56 14.51
CA LYS A 14 -3.48 7.02 13.59
C LYS A 14 -3.92 6.90 12.13
N GLY A 15 -5.09 6.30 11.88
CA GLY A 15 -5.56 6.15 10.52
C GLY A 15 -5.02 4.89 9.87
N LEU A 16 -4.53 5.02 8.65
CA LEU A 16 -3.99 3.89 7.92
C LEU A 16 -2.79 3.30 8.67
N GLY A 17 -2.01 4.16 9.30
CA GLY A 17 -0.86 3.72 10.06
C GLY A 17 0.35 3.42 9.18
N PHE A 18 0.49 4.18 8.10
CA PHE A 18 1.62 4.01 7.18
C PHE A 18 1.56 5.05 6.06
N SER A 19 2.46 4.91 5.10
CA SER A 19 2.52 5.85 3.97
C SER A 19 2.67 5.10 2.65
N ILE A 20 2.32 5.78 1.56
CA ILE A 20 2.41 5.18 0.24
C ILE A 20 3.31 6.01 -0.67
N ALA A 21 3.77 5.39 -1.75
CA ALA A 21 4.63 6.07 -2.71
C ALA A 21 4.10 5.83 -4.11
N GLY A 22 4.10 6.87 -4.94
CA GLY A 22 3.58 6.74 -6.29
C GLY A 22 4.62 6.90 -7.36
N GLY A 23 4.63 5.96 -8.28
CA GLY A 23 5.57 6.00 -9.37
C GLY A 23 5.16 6.91 -10.51
N VAL A 24 3.85 7.17 -10.63
CA VAL A 24 3.34 8.02 -11.71
C VAL A 24 3.30 9.50 -11.34
N GLY A 25 4.08 10.30 -12.07
CA GLY A 25 4.11 11.74 -11.83
C GLY A 25 5.06 12.14 -10.73
N ASN A 26 4.86 11.55 -9.55
CA ASN A 26 5.69 11.84 -8.40
C ASN A 26 6.49 10.58 -8.03
N GLN A 27 7.22 10.09 -9.03
CA GLN A 27 8.01 8.87 -8.88
C GLN A 27 8.83 8.83 -7.61
N HIS A 28 8.49 7.85 -6.77
CA HIS A 28 9.20 7.61 -5.53
C HIS A 28 10.16 6.43 -5.74
N ILE A 29 9.75 5.50 -6.60
CA ILE A 29 10.56 4.33 -6.91
C ILE A 29 11.37 4.57 -8.20
N PRO A 30 12.70 4.38 -8.17
CA PRO A 30 13.54 4.60 -9.35
C PRO A 30 13.37 3.52 -10.41
N GLY A 31 12.29 3.60 -11.18
CA GLY A 31 12.05 2.63 -12.24
C GLY A 31 10.69 1.96 -12.17
N ASP A 32 9.80 2.47 -11.32
CA ASP A 32 8.46 1.89 -11.19
C ASP A 32 7.40 2.98 -11.22
N ASN A 33 6.33 2.74 -11.98
CA ASN A 33 5.23 3.70 -12.08
C ASN A 33 3.99 3.19 -11.34
N SER A 34 4.21 2.34 -10.33
CA SER A 34 3.11 1.80 -9.53
C SER A 34 3.14 2.36 -8.11
N ILE A 35 2.41 1.73 -7.19
CA ILE A 35 2.37 2.18 -5.81
C ILE A 35 3.19 1.24 -4.92
N TYR A 36 4.03 1.84 -4.09
CA TYR A 36 4.85 1.10 -3.16
C TYR A 36 4.81 1.78 -1.79
N VAL A 37 5.04 1.01 -0.74
CA VAL A 37 5.01 1.55 0.60
C VAL A 37 6.31 2.28 0.91
N THR A 38 6.23 3.40 1.61
CA THR A 38 7.42 4.19 1.93
C THR A 38 7.64 4.38 3.44
N LYS A 39 6.58 4.22 4.23
CA LYS A 39 6.71 4.39 5.68
C LYS A 39 5.64 3.64 6.44
N ILE A 40 6.06 2.98 7.51
CA ILE A 40 5.15 2.21 8.36
C ILE A 40 5.20 2.74 9.78
N ILE A 41 4.04 2.89 10.40
CA ILE A 41 3.98 3.39 11.76
C ILE A 41 4.31 2.27 12.74
N GLU A 42 5.43 2.44 13.45
CA GLU A 42 5.93 1.46 14.43
C GLU A 42 4.81 0.79 15.22
N GLY A 43 4.34 -0.35 14.71
CA GLY A 43 3.28 -1.08 15.37
C GLY A 43 2.04 -0.25 15.60
N GLY A 44 1.85 0.76 14.76
CA GLY A 44 0.68 1.62 14.89
C GLY A 44 -0.60 0.94 14.42
N ALA A 45 -0.83 0.95 13.11
CA ALA A 45 -2.01 0.34 12.54
C ALA A 45 -1.66 -0.60 11.40
N ALA A 46 -1.04 -0.05 10.36
CA ALA A 46 -0.66 -0.85 9.19
C ALA A 46 0.44 -1.86 9.55
N HIS A 47 1.41 -1.43 10.33
CA HIS A 47 2.52 -2.31 10.72
C HIS A 47 2.04 -3.49 11.56
N LYS A 48 1.34 -3.21 12.66
CA LYS A 48 0.86 -4.27 13.54
C LYS A 48 -0.23 -5.10 12.87
N ASP A 49 -1.26 -4.44 12.34
CA ASP A 49 -2.36 -5.12 11.69
C ASP A 49 -1.99 -5.68 10.33
N GLY A 50 -1.36 -4.85 9.50
CA GLY A 50 -0.99 -5.26 8.16
C GLY A 50 0.32 -6.01 8.07
N ARG A 51 1.30 -5.62 8.87
CA ARG A 51 2.61 -6.27 8.84
C ARG A 51 3.27 -6.04 7.48
N LEU A 52 3.31 -4.77 7.07
CA LEU A 52 3.91 -4.40 5.80
C LEU A 52 5.13 -3.51 6.01
N GLN A 53 6.17 -3.73 5.22
CA GLN A 53 7.40 -2.95 5.33
C GLN A 53 7.66 -2.18 4.04
N ILE A 54 8.57 -1.20 4.12
CA ILE A 54 8.92 -0.39 2.97
C ILE A 54 9.51 -1.26 1.86
N GLY A 55 8.77 -1.38 0.75
CA GLY A 55 9.23 -2.17 -0.36
C GLY A 55 8.12 -2.98 -1.02
N ASP A 56 6.97 -3.10 -0.34
CA ASP A 56 5.85 -3.86 -0.88
C ASP A 56 5.09 -3.04 -1.93
N LYS A 57 4.61 -3.72 -2.96
CA LYS A 57 3.86 -3.05 -4.02
C LYS A 57 2.37 -3.34 -3.88
N ILE A 58 1.56 -2.30 -3.90
CA ILE A 58 0.12 -2.45 -3.76
C ILE A 58 -0.57 -2.62 -5.11
N LEU A 59 -1.33 -3.71 -5.25
CA LEU A 59 -2.05 -3.97 -6.50
C LEU A 59 -3.46 -3.41 -6.41
N ALA A 60 -4.06 -3.57 -5.25
CA ALA A 60 -5.41 -3.09 -5.00
C ALA A 60 -5.74 -3.08 -3.53
N VAL A 61 -6.68 -2.22 -3.14
CA VAL A 61 -7.10 -2.11 -1.76
C VAL A 61 -8.61 -2.31 -1.63
N ASN A 62 -9.00 -3.33 -0.87
CA ASN A 62 -10.41 -3.65 -0.68
C ASN A 62 -11.03 -4.00 -2.04
N SER A 63 -11.46 -2.98 -2.78
CA SER A 63 -12.04 -3.16 -4.10
C SER A 63 -11.62 -2.03 -5.05
N VAL A 64 -10.62 -1.24 -4.65
CA VAL A 64 -10.15 -0.12 -5.44
C VAL A 64 -8.75 -0.40 -6.00
N GLY A 65 -8.54 0.00 -7.25
CA GLY A 65 -7.25 -0.19 -7.88
C GLY A 65 -6.46 1.10 -7.97
N LEU A 66 -5.41 1.20 -7.15
CA LEU A 66 -4.56 2.38 -7.14
C LEU A 66 -3.29 2.12 -7.93
N GLU A 67 -3.42 1.40 -9.03
CA GLU A 67 -2.28 1.07 -9.85
C GLU A 67 -2.18 1.98 -11.07
N ASP A 68 -1.00 1.98 -11.67
CA ASP A 68 -0.73 2.80 -12.85
C ASP A 68 -1.18 4.24 -12.65
N VAL A 69 -1.20 4.68 -11.40
CA VAL A 69 -1.62 6.05 -11.09
C VAL A 69 -0.63 6.71 -10.13
N MET A 70 -0.69 8.03 -10.06
CA MET A 70 0.21 8.78 -9.19
C MET A 70 -0.05 8.50 -7.72
N HIS A 71 0.90 8.96 -6.91
CA HIS A 71 0.83 8.80 -5.47
C HIS A 71 -0.45 9.44 -4.90
N GLU A 72 -0.88 10.56 -5.49
CA GLU A 72 -2.07 11.27 -5.04
C GLU A 72 -3.34 10.46 -5.23
N ASP A 73 -3.56 9.95 -6.44
CA ASP A 73 -4.75 9.17 -6.74
C ASP A 73 -4.82 7.94 -5.85
N ALA A 74 -3.66 7.35 -5.56
CA ALA A 74 -3.60 6.18 -4.71
C ALA A 74 -4.08 6.52 -3.32
N VAL A 75 -3.70 7.70 -2.83
CA VAL A 75 -4.12 8.17 -1.52
C VAL A 75 -5.65 8.18 -1.45
N ALA A 76 -6.26 8.64 -2.53
CA ALA A 76 -7.72 8.67 -2.61
C ALA A 76 -8.29 7.26 -2.61
N ALA A 77 -7.53 6.33 -3.19
CA ALA A 77 -7.95 4.93 -3.25
C ALA A 77 -8.02 4.32 -1.86
N LEU A 78 -6.95 4.49 -1.08
CA LEU A 78 -6.89 3.95 0.27
C LEU A 78 -7.78 4.75 1.23
N LYS A 79 -7.76 6.07 1.09
CA LYS A 79 -8.57 6.94 1.95
C LYS A 79 -10.05 6.60 1.87
N ASN A 80 -10.50 6.26 0.68
CA ASN A 80 -11.89 5.90 0.44
C ASN A 80 -12.31 4.69 1.27
N THR A 81 -11.35 3.90 1.73
CA THR A 81 -11.62 2.70 2.52
C THR A 81 -12.33 3.05 3.82
N TYR A 82 -12.35 2.11 4.77
CA TYR A 82 -13.02 2.33 6.06
C TYR A 82 -12.17 1.78 7.20
N ASP A 83 -12.80 1.35 8.31
CA ASP A 83 -12.10 0.82 9.47
C ASP A 83 -11.00 -0.15 9.07
N VAL A 84 -11.37 -1.39 8.78
CA VAL A 84 -10.37 -2.38 8.39
C VAL A 84 -10.31 -2.48 6.87
N VAL A 85 -9.15 -2.19 6.31
CA VAL A 85 -8.96 -2.23 4.88
C VAL A 85 -7.87 -3.23 4.49
N TYR A 86 -8.20 -4.15 3.60
CA TYR A 86 -7.24 -5.15 3.17
C TYR A 86 -6.63 -4.78 1.82
N LEU A 87 -5.32 -4.62 1.80
CA LEU A 87 -4.61 -4.31 0.57
C LEU A 87 -4.03 -5.59 -0.01
N LYS A 88 -4.04 -5.70 -1.33
CA LYS A 88 -3.51 -6.87 -1.99
C LYS A 88 -2.19 -6.53 -2.66
N VAL A 89 -1.13 -7.20 -2.21
CA VAL A 89 0.21 -6.96 -2.73
C VAL A 89 0.83 -8.25 -3.27
N ALA A 90 1.70 -8.10 -4.27
CA ALA A 90 2.38 -9.23 -4.88
C ALA A 90 3.86 -8.95 -5.04
N LYS A 91 4.69 -9.86 -4.54
CA LYS A 91 6.15 -9.70 -4.62
C LYS A 91 6.71 -10.39 -5.86
N PRO A 92 7.18 -9.62 -6.87
CA PRO A 92 7.76 -10.20 -8.09
C PRO A 92 9.13 -10.80 -7.84
N SER A 93 9.15 -12.05 -7.38
CA SER A 93 10.40 -12.74 -7.08
C SER A 93 10.21 -14.25 -7.11
N ASN A 94 11.32 -14.97 -7.25
CA ASN A 94 11.29 -16.43 -7.28
C ASN A 94 12.41 -17.04 -6.44
N ALA A 95 12.81 -16.32 -5.39
CA ALA A 95 13.87 -16.79 -4.51
C ALA A 95 15.19 -16.91 -5.26
N ALA A 1 5.37 -15.42 -13.79
CA ALA A 1 4.45 -15.52 -12.64
C ALA A 1 5.08 -14.91 -11.38
N GLU A 2 4.23 -14.44 -10.47
CA GLU A 2 4.70 -13.83 -9.23
C GLU A 2 3.89 -14.33 -8.04
N LYS A 3 4.24 -13.84 -6.85
CA LYS A 3 3.54 -14.23 -5.63
C LYS A 3 2.45 -13.23 -5.28
N VAL A 4 1.30 -13.73 -4.85
CA VAL A 4 0.18 -12.87 -4.49
C VAL A 4 -0.13 -12.94 -2.99
N MET A 5 -0.04 -11.79 -2.33
CA MET A 5 -0.32 -11.70 -0.90
C MET A 5 -1.26 -10.53 -0.61
N GLU A 6 -1.98 -10.60 0.50
CA GLU A 6 -2.91 -9.53 0.86
C GLU A 6 -2.60 -8.99 2.26
N ILE A 7 -2.44 -7.67 2.34
CA ILE A 7 -2.14 -7.00 3.61
C ILE A 7 -3.41 -6.41 4.21
N LYS A 8 -3.77 -6.87 5.40
CA LYS A 8 -4.97 -6.38 6.09
C LYS A 8 -4.61 -5.47 7.25
N LEU A 9 -5.22 -4.29 7.26
CA LEU A 9 -4.98 -3.32 8.32
C LEU A 9 -6.31 -2.72 8.78
N ILE A 10 -6.38 -2.29 10.03
CA ILE A 10 -7.59 -1.69 10.54
C ILE A 10 -7.40 -0.18 10.75
N LYS A 11 -8.33 0.60 10.24
CA LYS A 11 -8.28 2.05 10.35
C LYS A 11 -8.15 2.48 11.81
N GLY A 12 -6.91 2.61 12.28
CA GLY A 12 -6.68 3.02 13.65
C GLY A 12 -7.05 4.47 13.91
N PRO A 13 -7.04 4.91 15.18
CA PRO A 13 -7.39 6.30 15.52
C PRO A 13 -6.52 7.33 14.79
N LYS A 14 -5.35 6.88 14.32
CA LYS A 14 -4.43 7.78 13.61
C LYS A 14 -4.53 7.62 12.08
N GLY A 15 -5.37 6.69 11.62
CA GLY A 15 -5.52 6.50 10.18
C GLY A 15 -5.04 5.13 9.72
N LEU A 16 -4.56 5.06 8.48
CA LEU A 16 -4.09 3.80 7.92
C LEU A 16 -2.93 3.25 8.73
N GLY A 17 -2.06 4.13 9.20
CA GLY A 17 -0.92 3.70 9.98
C GLY A 17 0.32 3.49 9.13
N PHE A 18 0.43 4.23 8.04
CA PHE A 18 1.59 4.13 7.14
C PHE A 18 1.50 5.16 6.01
N SER A 19 2.51 5.17 5.16
CA SER A 19 2.56 6.08 4.02
C SER A 19 2.73 5.32 2.70
N ILE A 20 2.46 5.99 1.58
CA ILE A 20 2.57 5.35 0.28
C ILE A 20 3.44 6.15 -0.69
N ALA A 21 3.88 5.48 -1.75
CA ALA A 21 4.70 6.10 -2.79
C ALA A 21 4.11 5.76 -4.14
N GLY A 22 4.11 6.74 -5.06
CA GLY A 22 3.52 6.50 -6.37
C GLY A 22 4.52 6.61 -7.50
N GLY A 23 4.46 5.63 -8.40
CA GLY A 23 5.35 5.62 -9.53
C GLY A 23 4.82 6.38 -10.74
N VAL A 24 3.52 6.69 -10.75
CA VAL A 24 2.93 7.41 -11.87
C VAL A 24 2.97 8.92 -11.68
N GLY A 25 3.72 9.61 -12.54
CA GLY A 25 3.82 11.06 -12.48
C GLY A 25 4.76 11.54 -11.39
N ASN A 26 4.47 11.15 -10.16
CA ASN A 26 5.29 11.52 -9.01
C ASN A 26 6.14 10.34 -8.60
N GLN A 27 6.88 9.82 -9.57
CA GLN A 27 7.73 8.65 -9.37
C GLN A 27 8.57 8.70 -8.10
N HIS A 28 8.34 7.72 -7.24
CA HIS A 28 9.06 7.59 -5.98
C HIS A 28 10.00 6.40 -6.05
N ILE A 29 9.63 5.39 -6.85
CA ILE A 29 10.44 4.19 -6.99
C ILE A 29 11.33 4.27 -8.24
N PRO A 30 12.67 4.17 -8.09
CA PRO A 30 13.59 4.24 -9.22
C PRO A 30 13.40 3.10 -10.21
N GLY A 31 12.40 3.23 -11.08
CA GLY A 31 12.14 2.20 -12.07
C GLY A 31 10.90 1.38 -11.76
N ASP A 32 9.77 2.06 -11.57
CA ASP A 32 8.52 1.39 -11.26
C ASP A 32 7.37 2.39 -11.20
N ASN A 33 6.38 2.21 -12.07
CA ASN A 33 5.23 3.10 -12.12
C ASN A 33 4.05 2.54 -11.29
N SER A 34 4.37 1.95 -10.15
CA SER A 34 3.35 1.37 -9.28
C SER A 34 3.36 2.03 -7.91
N ILE A 35 2.67 1.42 -6.94
CA ILE A 35 2.62 1.96 -5.59
C ILE A 35 3.52 1.14 -4.66
N TYR A 36 4.27 1.85 -3.84
CA TYR A 36 5.16 1.22 -2.88
C TYR A 36 5.04 1.92 -1.53
N VAL A 37 5.26 1.19 -0.46
CA VAL A 37 5.17 1.75 0.87
C VAL A 37 6.43 2.55 1.21
N THR A 38 6.26 3.68 1.91
CA THR A 38 7.40 4.53 2.25
C THR A 38 7.60 4.64 3.76
N LYS A 39 6.51 4.74 4.51
CA LYS A 39 6.63 4.88 5.96
C LYS A 39 5.60 4.02 6.69
N ILE A 40 6.04 3.38 7.76
CA ILE A 40 5.17 2.54 8.56
C ILE A 40 5.13 3.06 9.99
N ILE A 41 3.94 3.12 10.56
CA ILE A 41 3.78 3.61 11.92
C ILE A 41 4.09 2.49 12.91
N GLU A 42 5.18 2.67 13.67
CA GLU A 42 5.65 1.70 14.66
C GLU A 42 4.51 0.98 15.38
N GLY A 43 4.17 -0.21 14.90
CA GLY A 43 3.11 -1.00 15.48
C GLY A 43 1.79 -0.25 15.58
N GLY A 44 1.63 0.78 14.77
CA GLY A 44 0.39 1.54 14.79
C GLY A 44 -0.79 0.74 14.28
N ALA A 45 -1.04 0.83 12.98
CA ALA A 45 -2.14 0.09 12.36
C ALA A 45 -1.62 -0.81 11.24
N ALA A 46 -1.06 -0.19 10.22
CA ALA A 46 -0.53 -0.93 9.08
C ALA A 46 0.60 -1.87 9.51
N HIS A 47 1.52 -1.36 10.31
CA HIS A 47 2.65 -2.14 10.78
C HIS A 47 2.20 -3.38 11.55
N LYS A 48 1.43 -3.18 12.62
CA LYS A 48 0.97 -4.31 13.44
C LYS A 48 -0.10 -5.14 12.73
N ASP A 49 -1.14 -4.50 12.25
CA ASP A 49 -2.24 -5.19 11.56
C ASP A 49 -1.84 -5.66 10.16
N GLY A 50 -1.27 -4.74 9.38
CA GLY A 50 -0.88 -5.06 8.02
C GLY A 50 0.40 -5.87 7.93
N ARG A 51 1.33 -5.63 8.85
CA ARG A 51 2.61 -6.33 8.85
C ARG A 51 3.36 -6.04 7.56
N LEU A 52 3.21 -4.81 7.08
CA LEU A 52 3.86 -4.38 5.84
C LEU A 52 5.00 -3.41 6.12
N GLN A 53 6.09 -3.57 5.40
CA GLN A 53 7.25 -2.69 5.56
C GLN A 53 7.50 -1.89 4.28
N ILE A 54 8.54 -1.07 4.30
CA ILE A 54 8.87 -0.25 3.14
C ILE A 54 9.39 -1.11 1.99
N GLY A 55 8.89 -0.84 0.78
CA GLY A 55 9.32 -1.59 -0.38
C GLY A 55 8.23 -2.49 -0.94
N ASP A 56 7.16 -2.72 -0.17
CA ASP A 56 6.06 -3.57 -0.62
C ASP A 56 5.26 -2.89 -1.73
N LYS A 57 4.95 -3.64 -2.79
CA LYS A 57 4.19 -3.10 -3.90
C LYS A 57 2.70 -3.35 -3.71
N ILE A 58 1.90 -2.30 -3.84
CA ILE A 58 0.46 -2.42 -3.66
C ILE A 58 -0.27 -2.26 -4.98
N LEU A 59 -1.30 -3.10 -5.19
CA LEU A 59 -2.08 -3.03 -6.43
C LEU A 59 -3.55 -2.68 -6.15
N ALA A 60 -3.96 -2.69 -4.89
CA ALA A 60 -5.35 -2.37 -4.54
C ALA A 60 -5.52 -2.21 -3.04
N VAL A 61 -6.52 -1.42 -2.65
CA VAL A 61 -6.82 -1.18 -1.24
C VAL A 61 -8.29 -1.52 -0.98
N ASN A 62 -8.54 -2.50 -0.10
CA ASN A 62 -9.90 -2.92 0.22
C ASN A 62 -10.64 -3.34 -1.07
N SER A 63 -11.26 -2.37 -1.73
CA SER A 63 -11.96 -2.62 -2.99
C SER A 63 -11.66 -1.51 -4.01
N VAL A 64 -10.65 -0.69 -3.72
CA VAL A 64 -10.26 0.41 -4.60
C VAL A 64 -8.93 0.11 -5.29
N GLY A 65 -8.83 0.49 -6.55
CA GLY A 65 -7.61 0.22 -7.29
C GLY A 65 -6.70 1.44 -7.40
N LEU A 66 -5.76 1.56 -6.46
CA LEU A 66 -4.81 2.68 -6.48
C LEU A 66 -3.69 2.43 -7.50
N GLU A 67 -3.71 1.26 -8.14
CA GLU A 67 -2.70 0.90 -9.12
C GLU A 67 -2.84 1.76 -10.37
N ASP A 68 -1.81 1.69 -11.22
CA ASP A 68 -1.77 2.44 -12.47
C ASP A 68 -2.12 3.92 -12.29
N VAL A 69 -1.89 4.45 -11.10
CA VAL A 69 -2.18 5.85 -10.84
C VAL A 69 -1.07 6.50 -10.01
N MET A 70 -1.03 7.83 -10.02
CA MET A 70 -0.01 8.58 -9.28
C MET A 70 -0.17 8.41 -7.78
N HIS A 71 0.85 8.88 -7.07
CA HIS A 71 0.87 8.84 -5.62
C HIS A 71 -0.32 9.58 -5.03
N GLU A 72 -0.71 10.70 -5.66
CA GLU A 72 -1.82 11.51 -5.15
C GLU A 72 -3.16 10.79 -5.25
N ASP A 73 -3.47 10.30 -6.44
CA ASP A 73 -4.72 9.58 -6.64
C ASP A 73 -4.76 8.34 -5.78
N ALA A 74 -3.59 7.72 -5.59
CA ALA A 74 -3.49 6.54 -4.76
C ALA A 74 -3.89 6.87 -3.33
N VAL A 75 -3.49 8.06 -2.89
CA VAL A 75 -3.86 8.52 -1.55
C VAL A 75 -5.37 8.56 -1.42
N ALA A 76 -6.02 9.04 -2.48
CA ALA A 76 -7.48 9.10 -2.51
C ALA A 76 -8.07 7.71 -2.38
N ALA A 77 -7.37 6.73 -2.95
CA ALA A 77 -7.81 5.34 -2.89
C ALA A 77 -7.68 4.81 -1.46
N LEU A 78 -6.60 5.21 -0.78
CA LEU A 78 -6.36 4.79 0.59
C LEU A 78 -7.32 5.51 1.55
N LYS A 79 -7.56 6.79 1.29
CA LYS A 79 -8.45 7.58 2.12
C LYS A 79 -9.88 7.04 2.05
N ASN A 80 -10.24 6.52 0.89
CA ASN A 80 -11.57 5.96 0.67
C ASN A 80 -11.82 4.74 1.56
N THR A 81 -10.74 4.11 2.05
CA THR A 81 -10.84 2.93 2.90
C THR A 81 -11.80 3.15 4.07
N TYR A 82 -12.02 2.10 4.86
CA TYR A 82 -12.92 2.17 6.01
C TYR A 82 -12.31 1.41 7.21
N ASP A 83 -13.16 0.82 8.06
CA ASP A 83 -12.71 0.08 9.24
C ASP A 83 -11.49 -0.80 8.93
N VAL A 84 -11.72 -1.93 8.28
CA VAL A 84 -10.61 -2.81 7.92
C VAL A 84 -10.29 -2.71 6.44
N VAL A 85 -9.04 -2.41 6.14
CA VAL A 85 -8.60 -2.28 4.77
C VAL A 85 -7.60 -3.38 4.40
N TYR A 86 -7.96 -4.17 3.39
CA TYR A 86 -7.08 -5.24 2.93
C TYR A 86 -6.57 -4.92 1.54
N LEU A 87 -5.25 -4.78 1.43
CA LEU A 87 -4.60 -4.46 0.18
C LEU A 87 -4.01 -5.72 -0.44
N LYS A 88 -3.89 -5.72 -1.75
CA LYS A 88 -3.32 -6.87 -2.44
C LYS A 88 -1.93 -6.51 -2.92
N VAL A 89 -0.95 -7.23 -2.38
CA VAL A 89 0.46 -6.98 -2.70
C VAL A 89 1.07 -8.16 -3.45
N ALA A 90 1.97 -7.85 -4.38
CA ALA A 90 2.64 -8.87 -5.17
C ALA A 90 4.15 -8.84 -4.94
N LYS A 91 4.70 -9.97 -4.50
CA LYS A 91 6.13 -10.06 -4.23
C LYS A 91 6.87 -10.78 -5.36
N PRO A 92 8.01 -10.23 -5.84
CA PRO A 92 8.79 -10.85 -6.92
C PRO A 92 9.57 -12.07 -6.45
N SER A 93 9.14 -13.25 -6.86
CA SER A 93 9.80 -14.49 -6.47
C SER A 93 11.23 -14.55 -7.02
N ASN A 94 11.48 -13.83 -8.11
CA ASN A 94 12.79 -13.81 -8.73
C ASN A 94 13.72 -12.85 -7.99
N ALA A 95 13.35 -11.58 -7.94
CA ALA A 95 14.15 -10.57 -7.27
C ALA A 95 14.32 -10.90 -5.79
N ALA A 1 1.49 -18.66 -11.74
CA ALA A 1 1.04 -17.48 -10.93
C ALA A 1 2.14 -17.01 -9.99
N GLU A 2 1.98 -15.80 -9.46
CA GLU A 2 2.96 -15.24 -8.55
C GLU A 2 2.50 -15.36 -7.10
N LYS A 3 3.31 -14.88 -6.17
CA LYS A 3 2.98 -14.94 -4.76
C LYS A 3 2.21 -13.69 -4.32
N VAL A 4 0.88 -13.79 -4.33
CA VAL A 4 0.03 -12.68 -3.93
C VAL A 4 -0.49 -12.86 -2.50
N MET A 5 -0.37 -11.82 -1.69
CA MET A 5 -0.84 -11.87 -0.31
C MET A 5 -1.67 -10.65 0.04
N GLU A 6 -2.59 -10.82 0.99
CA GLU A 6 -3.46 -9.73 1.43
C GLU A 6 -2.96 -9.12 2.72
N ILE A 7 -3.03 -7.80 2.82
CA ILE A 7 -2.57 -7.09 4.01
C ILE A 7 -3.69 -6.18 4.55
N LYS A 8 -4.13 -6.44 5.77
CA LYS A 8 -5.21 -5.64 6.36
C LYS A 8 -4.67 -4.58 7.32
N LEU A 9 -5.28 -3.41 7.25
CA LEU A 9 -4.91 -2.28 8.11
C LEU A 9 -6.16 -1.73 8.76
N ILE A 10 -6.13 -1.56 10.08
CA ILE A 10 -7.28 -1.05 10.80
C ILE A 10 -7.17 0.46 11.05
N LYS A 11 -8.27 1.15 10.78
CA LYS A 11 -8.34 2.59 10.96
C LYS A 11 -8.40 2.97 12.44
N GLY A 12 -7.23 3.24 13.00
CA GLY A 12 -7.16 3.61 14.41
C GLY A 12 -6.95 5.10 14.59
N PRO A 13 -6.43 5.54 15.75
CA PRO A 13 -6.20 6.97 16.02
C PRO A 13 -5.22 7.59 15.03
N LYS A 14 -4.38 6.75 14.42
CA LYS A 14 -3.39 7.23 13.46
C LYS A 14 -3.81 6.96 12.01
N GLY A 15 -4.94 6.29 11.81
CA GLY A 15 -5.40 5.99 10.46
C GLY A 15 -4.84 4.70 9.92
N LEU A 16 -4.40 4.72 8.67
CA LEU A 16 -3.84 3.53 8.04
C LEU A 16 -2.62 3.03 8.80
N GLY A 17 -1.88 3.95 9.38
CA GLY A 17 -0.68 3.58 10.13
C GLY A 17 0.53 3.39 9.25
N PHE A 18 0.58 4.14 8.15
CA PHE A 18 1.70 4.05 7.22
C PHE A 18 1.58 5.11 6.12
N SER A 19 2.46 5.02 5.14
CA SER A 19 2.46 5.96 4.02
C SER A 19 2.58 5.22 2.70
N ILE A 20 2.20 5.89 1.61
CA ILE A 20 2.27 5.30 0.29
C ILE A 20 3.13 6.14 -0.65
N ALA A 21 3.66 5.49 -1.67
CA ALA A 21 4.49 6.17 -2.66
C ALA A 21 3.94 5.89 -4.04
N GLY A 22 3.91 6.91 -4.90
CA GLY A 22 3.38 6.72 -6.23
C GLY A 22 4.39 6.84 -7.33
N GLY A 23 4.40 5.85 -8.20
CA GLY A 23 5.33 5.84 -9.30
C GLY A 23 4.86 6.64 -10.51
N VAL A 24 3.58 6.96 -10.57
CA VAL A 24 3.04 7.71 -11.71
C VAL A 24 3.09 9.23 -11.45
N GLY A 25 3.88 9.93 -12.25
CA GLY A 25 3.99 11.38 -12.13
C GLY A 25 4.89 11.81 -10.99
N ASN A 26 4.55 11.38 -9.79
CA ASN A 26 5.31 11.70 -8.59
C ASN A 26 6.16 10.52 -8.19
N GLN A 27 6.92 10.00 -9.14
CA GLN A 27 7.76 8.83 -8.94
C GLN A 27 8.57 8.88 -7.65
N HIS A 28 8.30 7.91 -6.79
CA HIS A 28 9.01 7.77 -5.53
C HIS A 28 9.98 6.58 -5.64
N ILE A 29 9.59 5.58 -6.43
CA ILE A 29 10.41 4.39 -6.61
C ILE A 29 11.26 4.53 -7.89
N PRO A 30 12.60 4.36 -7.79
CA PRO A 30 13.48 4.50 -8.95
C PRO A 30 13.34 3.36 -9.96
N GLY A 31 12.28 3.41 -10.77
CA GLY A 31 12.07 2.38 -11.78
C GLY A 31 10.70 1.70 -11.69
N ASP A 32 9.79 2.25 -10.90
CA ASP A 32 8.45 1.67 -10.77
C ASP A 32 7.37 2.74 -10.86
N ASN A 33 6.37 2.48 -11.69
CA ASN A 33 5.26 3.42 -11.88
C ASN A 33 4.01 2.94 -11.14
N SER A 34 4.20 2.21 -10.04
CA SER A 34 3.09 1.69 -9.25
C SER A 34 3.10 2.29 -7.84
N ILE A 35 2.33 1.68 -6.93
CA ILE A 35 2.26 2.17 -5.56
C ILE A 35 3.11 1.27 -4.64
N TYR A 36 3.96 1.91 -3.84
CA TYR A 36 4.82 1.20 -2.90
C TYR A 36 4.80 1.91 -1.56
N VAL A 37 5.08 1.17 -0.50
CA VAL A 37 5.09 1.74 0.84
C VAL A 37 6.39 2.49 1.10
N THR A 38 6.30 3.66 1.74
CA THR A 38 7.49 4.47 2.02
C THR A 38 7.68 4.74 3.51
N LYS A 39 6.63 4.58 4.31
CA LYS A 39 6.71 4.83 5.74
C LYS A 39 5.73 3.99 6.52
N ILE A 40 6.21 3.36 7.59
CA ILE A 40 5.37 2.52 8.44
C ILE A 40 5.37 3.05 9.87
N ILE A 41 4.19 3.14 10.47
CA ILE A 41 4.08 3.62 11.83
C ILE A 41 4.39 2.48 12.82
N GLU A 42 5.44 2.66 13.61
CA GLU A 42 5.88 1.66 14.58
C GLU A 42 4.71 1.03 15.35
N GLY A 43 4.34 -0.18 14.93
CA GLY A 43 3.23 -0.88 15.57
C GLY A 43 1.95 -0.08 15.58
N GLY A 44 1.83 0.86 14.64
CA GLY A 44 0.64 1.68 14.57
C GLY A 44 -0.58 0.89 14.13
N ALA A 45 -0.81 0.83 12.82
CA ALA A 45 -1.95 0.10 12.28
C ALA A 45 -1.51 -0.81 11.14
N ALA A 46 -0.89 -0.23 10.12
CA ALA A 46 -0.43 -0.98 8.97
C ALA A 46 0.70 -1.93 9.36
N HIS A 47 1.67 -1.42 10.11
CA HIS A 47 2.80 -2.24 10.54
C HIS A 47 2.35 -3.44 11.37
N LYS A 48 1.63 -3.19 12.44
CA LYS A 48 1.17 -4.28 13.31
C LYS A 48 0.09 -5.13 12.64
N ASP A 49 -0.96 -4.48 12.15
CA ASP A 49 -2.07 -5.18 11.51
C ASP A 49 -1.73 -5.71 10.11
N GLY A 50 -1.19 -4.83 9.27
CA GLY A 50 -0.87 -5.21 7.91
C GLY A 50 0.44 -5.98 7.78
N ARG A 51 1.38 -5.73 8.69
CA ARG A 51 2.67 -6.40 8.65
C ARG A 51 3.42 -6.03 7.38
N LEU A 52 3.19 -4.81 6.89
CA LEU A 52 3.86 -4.32 5.68
C LEU A 52 4.99 -3.36 6.02
N GLN A 53 6.08 -3.46 5.29
CA GLN A 53 7.23 -2.60 5.51
C GLN A 53 7.59 -1.83 4.24
N ILE A 54 8.46 -0.83 4.38
CA ILE A 54 8.89 -0.03 3.24
C ILE A 54 9.54 -0.91 2.17
N GLY A 55 8.81 -1.13 1.09
CA GLY A 55 9.31 -1.95 0.01
C GLY A 55 8.23 -2.76 -0.68
N ASP A 56 7.07 -2.90 -0.03
CA ASP A 56 5.96 -3.66 -0.60
C ASP A 56 5.21 -2.83 -1.64
N LYS A 57 4.66 -3.50 -2.65
CA LYS A 57 3.92 -2.82 -3.70
C LYS A 57 2.43 -3.19 -3.64
N ILE A 58 1.58 -2.18 -3.67
CA ILE A 58 0.14 -2.40 -3.61
C ILE A 58 -0.46 -2.49 -5.01
N LEU A 59 -1.01 -3.64 -5.34
CA LEU A 59 -1.64 -3.83 -6.65
C LEU A 59 -3.14 -3.50 -6.62
N ALA A 60 -3.70 -3.33 -5.42
CA ALA A 60 -5.12 -3.02 -5.25
C ALA A 60 -5.49 -3.06 -3.78
N VAL A 61 -6.41 -2.20 -3.37
CA VAL A 61 -6.85 -2.16 -1.98
C VAL A 61 -8.35 -2.46 -1.89
N ASN A 62 -8.69 -3.54 -1.18
CA ASN A 62 -10.08 -3.95 -1.02
C ASN A 62 -10.73 -4.17 -2.41
N SER A 63 -11.26 -3.10 -3.00
CA SER A 63 -11.86 -3.18 -4.32
C SER A 63 -11.44 -1.96 -5.17
N VAL A 64 -10.44 -1.20 -4.69
CA VAL A 64 -9.94 -0.03 -5.39
C VAL A 64 -8.56 -0.29 -5.98
N GLY A 65 -8.32 0.21 -7.18
CA GLY A 65 -7.04 0.01 -7.82
C GLY A 65 -6.17 1.25 -7.81
N LEU A 66 -5.39 1.42 -6.74
CA LEU A 66 -4.48 2.56 -6.64
C LEU A 66 -3.29 2.41 -7.58
N GLU A 67 -3.17 1.23 -8.18
CA GLU A 67 -2.07 0.96 -9.10
C GLU A 67 -2.22 1.79 -10.37
N ASP A 68 -1.16 1.80 -11.17
CA ASP A 68 -1.13 2.53 -12.43
C ASP A 68 -1.60 3.98 -12.29
N VAL A 69 -1.50 4.54 -11.09
CA VAL A 69 -1.91 5.92 -10.87
C VAL A 69 -0.90 6.66 -10.00
N MET A 70 -0.96 7.98 -9.99
CA MET A 70 -0.03 8.77 -9.20
C MET A 70 -0.25 8.56 -7.72
N HIS A 71 0.71 9.02 -6.95
CA HIS A 71 0.65 8.93 -5.50
C HIS A 71 -0.60 9.62 -4.95
N GLU A 72 -0.99 10.74 -5.57
CA GLU A 72 -2.16 11.50 -5.11
C GLU A 72 -3.46 10.71 -5.28
N ASP A 73 -3.72 10.21 -6.49
CA ASP A 73 -4.92 9.44 -6.75
C ASP A 73 -4.93 8.19 -5.88
N ALA A 74 -3.75 7.63 -5.66
CA ALA A 74 -3.61 6.44 -4.83
C ALA A 74 -4.09 6.74 -3.42
N VAL A 75 -3.78 7.96 -2.96
CA VAL A 75 -4.21 8.41 -1.64
C VAL A 75 -5.72 8.36 -1.57
N ALA A 76 -6.35 8.79 -2.65
CA ALA A 76 -7.82 8.78 -2.72
C ALA A 76 -8.35 7.36 -2.64
N ALA A 77 -7.58 6.42 -3.18
CA ALA A 77 -7.96 5.01 -3.16
C ALA A 77 -7.96 4.48 -1.73
N LEU A 78 -6.91 4.82 -0.98
CA LEU A 78 -6.78 4.39 0.41
C LEU A 78 -7.72 5.17 1.32
N LYS A 79 -7.86 6.47 1.08
CA LYS A 79 -8.71 7.33 1.90
C LYS A 79 -10.16 6.84 1.93
N ASN A 80 -10.68 6.52 0.76
CA ASN A 80 -12.05 6.06 0.63
C ASN A 80 -12.33 4.81 1.47
N THR A 81 -11.27 4.10 1.86
CA THR A 81 -11.42 2.87 2.64
C THR A 81 -12.18 3.13 3.94
N TYR A 82 -12.18 2.15 4.84
CA TYR A 82 -12.89 2.27 6.11
C TYR A 82 -12.05 1.68 7.24
N ASP A 83 -12.70 1.20 8.32
CA ASP A 83 -11.99 0.62 9.47
C ASP A 83 -10.86 -0.29 9.02
N VAL A 84 -11.18 -1.51 8.64
CA VAL A 84 -10.15 -2.45 8.19
C VAL A 84 -10.09 -2.47 6.66
N VAL A 85 -8.95 -2.07 6.12
CA VAL A 85 -8.77 -2.05 4.68
C VAL A 85 -7.73 -3.08 4.25
N TYR A 86 -8.12 -3.94 3.32
CA TYR A 86 -7.22 -4.98 2.83
C TYR A 86 -6.43 -4.49 1.63
N LEU A 87 -5.17 -4.87 1.57
CA LEU A 87 -4.30 -4.50 0.47
C LEU A 87 -3.84 -5.76 -0.26
N LYS A 88 -3.85 -5.71 -1.58
CA LYS A 88 -3.44 -6.84 -2.38
C LYS A 88 -2.08 -6.55 -3.01
N VAL A 89 -1.09 -7.35 -2.66
CA VAL A 89 0.27 -7.17 -3.14
C VAL A 89 0.79 -8.44 -3.79
N ALA A 90 1.70 -8.27 -4.76
CA ALA A 90 2.31 -9.37 -5.46
C ALA A 90 3.80 -9.42 -5.16
N LYS A 91 4.28 -10.58 -4.69
CA LYS A 91 5.68 -10.73 -4.35
C LYS A 91 6.47 -11.28 -5.54
N PRO A 92 7.34 -10.46 -6.16
CA PRO A 92 8.14 -10.89 -7.32
C PRO A 92 9.32 -11.78 -6.90
N SER A 93 9.05 -13.06 -6.72
CA SER A 93 10.08 -14.02 -6.33
C SER A 93 10.66 -13.68 -4.96
N ASN A 94 10.88 -14.71 -4.14
CA ASN A 94 11.43 -14.52 -2.80
C ASN A 94 12.90 -14.90 -2.77
N ALA A 95 13.77 -13.97 -3.18
CA ALA A 95 15.20 -14.20 -3.18
C ALA A 95 15.97 -12.91 -2.98
N ALA A 1 -0.88 -15.04 -11.23
CA ALA A 1 0.57 -15.10 -11.56
C ALA A 1 1.41 -14.56 -10.42
N GLU A 2 2.63 -15.09 -10.28
CA GLU A 2 3.54 -14.66 -9.23
C GLU A 2 2.95 -14.95 -7.85
N LYS A 3 3.59 -14.44 -6.81
CA LYS A 3 3.13 -14.64 -5.45
C LYS A 3 2.30 -13.44 -4.98
N VAL A 4 0.99 -13.53 -5.15
CA VAL A 4 0.10 -12.44 -4.77
C VAL A 4 -0.54 -12.70 -3.40
N MET A 5 -0.29 -11.79 -2.47
CA MET A 5 -0.83 -11.89 -1.12
C MET A 5 -1.44 -10.56 -0.69
N GLU A 6 -2.48 -10.61 0.13
CA GLU A 6 -3.14 -9.39 0.59
C GLU A 6 -2.78 -9.09 2.05
N ILE A 7 -2.58 -7.82 2.35
CA ILE A 7 -2.23 -7.39 3.70
C ILE A 7 -3.45 -6.74 4.37
N LYS A 8 -3.88 -7.34 5.47
CA LYS A 8 -5.03 -6.84 6.22
C LYS A 8 -4.61 -6.02 7.42
N LEU A 9 -5.03 -4.76 7.42
CA LEU A 9 -4.76 -3.83 8.50
C LEU A 9 -6.02 -3.05 8.80
N ILE A 10 -6.23 -2.70 10.06
CA ILE A 10 -7.44 -1.96 10.43
C ILE A 10 -7.17 -0.46 10.53
N LYS A 11 -8.08 0.33 9.95
CA LYS A 11 -7.98 1.78 9.96
C LYS A 11 -7.73 2.32 11.38
N GLY A 12 -6.46 2.49 11.72
CA GLY A 12 -6.10 3.00 13.03
C GLY A 12 -6.80 4.31 13.36
N PRO A 13 -6.97 4.65 14.65
CA PRO A 13 -7.63 5.90 15.05
C PRO A 13 -6.97 7.12 14.43
N LYS A 14 -5.69 6.99 14.07
CA LYS A 14 -4.96 8.10 13.47
C LYS A 14 -4.82 7.92 11.95
N GLY A 15 -5.61 7.02 11.37
CA GLY A 15 -5.54 6.80 9.93
C GLY A 15 -5.17 5.37 9.60
N LEU A 16 -4.51 5.18 8.45
CA LEU A 16 -4.11 3.85 8.02
C LEU A 16 -2.93 3.35 8.85
N GLY A 17 -2.02 4.26 9.20
CA GLY A 17 -0.87 3.88 9.99
C GLY A 17 0.35 3.61 9.14
N PHE A 18 0.49 4.36 8.05
CA PHE A 18 1.62 4.21 7.13
C PHE A 18 1.56 5.25 6.01
N SER A 19 2.46 5.11 5.06
CA SER A 19 2.53 6.03 3.92
C SER A 19 2.76 5.26 2.63
N ILE A 20 2.40 5.88 1.50
CA ILE A 20 2.55 5.23 0.20
C ILE A 20 3.43 6.07 -0.73
N ALA A 21 3.94 5.44 -1.77
CA ALA A 21 4.77 6.10 -2.75
C ALA A 21 4.17 5.88 -4.13
N GLY A 22 4.18 6.91 -4.97
CA GLY A 22 3.60 6.78 -6.30
C GLY A 22 4.61 6.77 -7.40
N GLY A 23 4.48 5.76 -8.26
CA GLY A 23 5.38 5.63 -9.38
C GLY A 23 5.04 6.54 -10.55
N VAL A 24 3.75 6.84 -10.73
CA VAL A 24 3.32 7.69 -11.85
C VAL A 24 3.31 9.18 -11.48
N GLY A 25 4.05 9.97 -12.25
CA GLY A 25 4.10 11.42 -12.03
C GLY A 25 5.10 11.81 -10.95
N ASN A 26 4.93 11.23 -9.78
CA ASN A 26 5.81 11.50 -8.66
C ASN A 26 6.58 10.23 -8.29
N GLN A 27 7.15 9.61 -9.32
CA GLN A 27 7.89 8.37 -9.18
C GLN A 27 8.83 8.36 -7.98
N HIS A 28 8.43 7.61 -6.96
CA HIS A 28 9.23 7.44 -5.76
C HIS A 28 10.14 6.23 -5.95
N ILE A 29 9.66 5.24 -6.70
CA ILE A 29 10.44 4.04 -6.97
C ILE A 29 11.15 4.16 -8.31
N PRO A 30 12.49 4.06 -8.35
CA PRO A 30 13.25 4.18 -9.59
C PRO A 30 13.04 2.99 -10.54
N GLY A 31 11.91 2.99 -11.25
CA GLY A 31 11.64 1.92 -12.20
C GLY A 31 10.27 1.28 -12.03
N ASP A 32 9.44 1.83 -11.15
CA ASP A 32 8.11 1.27 -10.92
C ASP A 32 7.03 2.35 -11.02
N ASN A 33 6.00 2.07 -11.82
CA ASN A 33 4.89 3.01 -11.98
C ASN A 33 3.67 2.56 -11.19
N SER A 34 3.92 1.83 -10.10
CA SER A 34 2.86 1.34 -9.23
C SER A 34 2.99 1.96 -7.84
N ILE A 35 2.33 1.36 -6.85
CA ILE A 35 2.39 1.89 -5.49
C ILE A 35 3.34 1.06 -4.64
N TYR A 36 4.13 1.77 -3.85
CA TYR A 36 5.08 1.15 -2.95
C TYR A 36 5.01 1.85 -1.60
N VAL A 37 5.18 1.11 -0.52
CA VAL A 37 5.12 1.70 0.79
C VAL A 37 6.45 2.38 1.12
N THR A 38 6.39 3.57 1.73
CA THR A 38 7.61 4.31 2.05
C THR A 38 7.75 4.64 3.54
N LYS A 39 6.67 4.52 4.31
CA LYS A 39 6.73 4.83 5.73
C LYS A 39 5.67 4.09 6.53
N ILE A 40 6.09 3.49 7.64
CA ILE A 40 5.18 2.76 8.51
C ILE A 40 5.20 3.36 9.92
N ILE A 41 4.03 3.53 10.50
CA ILE A 41 3.95 4.10 11.85
C ILE A 41 4.23 2.99 12.87
N GLU A 42 5.30 3.20 13.64
CA GLU A 42 5.76 2.24 14.65
C GLU A 42 4.60 1.57 15.41
N GLY A 43 4.29 0.35 15.01
CA GLY A 43 3.22 -0.40 15.65
C GLY A 43 1.89 0.35 15.64
N GLY A 44 1.74 1.27 14.69
CA GLY A 44 0.50 2.02 14.61
C GLY A 44 -0.70 1.13 14.27
N ALA A 45 -0.98 1.00 12.99
CA ALA A 45 -2.08 0.17 12.53
C ALA A 45 -1.65 -0.71 11.37
N ALA A 46 -1.09 -0.10 10.34
CA ALA A 46 -0.64 -0.83 9.17
C ALA A 46 0.52 -1.76 9.53
N HIS A 47 1.48 -1.24 10.29
CA HIS A 47 2.64 -2.03 10.69
C HIS A 47 2.25 -3.27 11.49
N LYS A 48 1.53 -3.08 12.59
CA LYS A 48 1.13 -4.20 13.44
C LYS A 48 0.09 -5.10 12.77
N ASP A 49 -1.00 -4.49 12.30
CA ASP A 49 -2.09 -5.24 11.66
C ASP A 49 -1.71 -5.71 10.26
N GLY A 50 -1.21 -4.79 9.43
CA GLY A 50 -0.85 -5.13 8.06
C GLY A 50 0.47 -5.87 7.95
N ARG A 51 1.38 -5.66 8.89
CA ARG A 51 2.68 -6.30 8.85
C ARG A 51 3.44 -5.93 7.58
N LEU A 52 3.11 -4.77 7.03
CA LEU A 52 3.76 -4.30 5.80
C LEU A 52 4.89 -3.32 6.11
N GLN A 53 5.98 -3.44 5.38
CA GLN A 53 7.14 -2.58 5.59
C GLN A 53 7.49 -1.82 4.31
N ILE A 54 8.39 -0.86 4.42
CA ILE A 54 8.80 -0.06 3.28
C ILE A 54 9.45 -0.94 2.21
N GLY A 55 8.77 -1.05 1.07
CA GLY A 55 9.28 -1.86 -0.02
C GLY A 55 8.23 -2.73 -0.68
N ASP A 56 7.08 -2.89 -0.03
CA ASP A 56 6.00 -3.70 -0.59
C ASP A 56 5.23 -2.95 -1.67
N LYS A 57 4.91 -3.65 -2.76
CA LYS A 57 4.18 -3.05 -3.87
C LYS A 57 2.68 -3.30 -3.71
N ILE A 58 1.88 -2.24 -3.82
CA ILE A 58 0.44 -2.36 -3.66
C ILE A 58 -0.29 -2.13 -4.99
N LEU A 59 -1.26 -3.00 -5.26
CA LEU A 59 -2.05 -2.91 -6.49
C LEU A 59 -3.53 -2.66 -6.18
N ALA A 60 -3.90 -2.64 -4.90
CA ALA A 60 -5.29 -2.42 -4.52
C ALA A 60 -5.43 -2.25 -3.01
N VAL A 61 -6.42 -1.45 -2.60
CA VAL A 61 -6.68 -1.23 -1.18
C VAL A 61 -8.16 -1.41 -0.89
N ASN A 62 -8.48 -2.37 -0.01
CA ASN A 62 -9.86 -2.66 0.33
C ASN A 62 -10.62 -3.11 -0.93
N SER A 63 -11.12 -2.16 -1.70
CA SER A 63 -11.83 -2.47 -2.94
C SER A 63 -11.55 -1.40 -4.00
N VAL A 64 -10.52 -0.58 -3.78
CA VAL A 64 -10.15 0.48 -4.71
C VAL A 64 -8.84 0.15 -5.44
N GLY A 65 -8.81 0.47 -6.73
CA GLY A 65 -7.63 0.22 -7.52
C GLY A 65 -6.81 1.49 -7.75
N LEU A 66 -5.72 1.60 -7.01
CA LEU A 66 -4.84 2.77 -7.13
C LEU A 66 -3.63 2.43 -7.97
N GLU A 67 -3.86 1.65 -9.02
CA GLU A 67 -2.80 1.22 -9.91
C GLU A 67 -2.67 2.15 -11.10
N ASP A 68 -1.54 2.05 -11.79
CA ASP A 68 -1.25 2.88 -12.96
C ASP A 68 -1.60 4.35 -12.71
N VAL A 69 -1.50 4.77 -11.46
CA VAL A 69 -1.81 6.14 -11.09
C VAL A 69 -0.72 6.73 -10.19
N MET A 70 -0.76 8.04 -9.99
CA MET A 70 0.23 8.72 -9.17
C MET A 70 0.01 8.49 -7.69
N HIS A 71 0.98 8.97 -6.92
CA HIS A 71 0.96 8.87 -5.47
C HIS A 71 -0.30 9.54 -4.88
N GLU A 72 -0.71 10.66 -5.47
CA GLU A 72 -1.88 11.41 -4.98
C GLU A 72 -3.17 10.61 -5.09
N ASP A 73 -3.44 10.08 -6.28
CA ASP A 73 -4.66 9.31 -6.50
C ASP A 73 -4.70 8.10 -5.58
N ALA A 74 -3.54 7.50 -5.34
CA ALA A 74 -3.46 6.34 -4.47
C ALA A 74 -3.84 6.72 -3.05
N VAL A 75 -3.42 7.91 -2.63
CA VAL A 75 -3.76 8.40 -1.29
C VAL A 75 -5.26 8.43 -1.11
N ALA A 76 -5.95 8.90 -2.15
CA ALA A 76 -7.40 8.97 -2.14
C ALA A 76 -7.98 7.57 -2.09
N ALA A 77 -7.28 6.63 -2.72
CA ALA A 77 -7.71 5.23 -2.74
C ALA A 77 -7.71 4.65 -1.34
N LEU A 78 -6.71 5.01 -0.55
CA LEU A 78 -6.60 4.53 0.83
C LEU A 78 -7.68 5.15 1.70
N LYS A 79 -7.90 6.45 1.53
CA LYS A 79 -8.91 7.18 2.29
C LYS A 79 -10.30 6.58 2.06
N ASN A 80 -10.52 6.10 0.86
CA ASN A 80 -11.80 5.51 0.49
C ASN A 80 -12.11 4.28 1.35
N THR A 81 -11.07 3.65 1.88
CA THR A 81 -11.22 2.46 2.73
C THR A 81 -12.13 2.74 3.92
N TYR A 82 -12.23 1.77 4.82
CA TYR A 82 -13.06 1.87 6.00
C TYR A 82 -12.42 1.15 7.20
N ASP A 83 -13.22 0.63 8.12
CA ASP A 83 -12.73 -0.08 9.32
C ASP A 83 -11.51 -0.94 9.03
N VAL A 84 -11.72 -2.08 8.38
CA VAL A 84 -10.62 -2.97 8.04
C VAL A 84 -10.16 -2.75 6.61
N VAL A 85 -8.89 -2.39 6.45
CA VAL A 85 -8.33 -2.15 5.14
C VAL A 85 -7.40 -3.27 4.74
N TYR A 86 -7.73 -3.93 3.64
CA TYR A 86 -6.92 -5.02 3.12
C TYR A 86 -6.34 -4.64 1.77
N LEU A 87 -5.03 -4.61 1.69
CA LEU A 87 -4.33 -4.25 0.46
C LEU A 87 -3.88 -5.50 -0.29
N LYS A 88 -3.75 -5.39 -1.60
CA LYS A 88 -3.30 -6.50 -2.41
C LYS A 88 -1.88 -6.25 -2.87
N VAL A 89 -0.97 -7.11 -2.43
CA VAL A 89 0.44 -6.96 -2.75
C VAL A 89 1.00 -8.22 -3.42
N ALA A 90 1.91 -8.02 -4.37
CA ALA A 90 2.54 -9.13 -5.08
C ALA A 90 4.03 -9.18 -4.77
N LYS A 91 4.50 -10.34 -4.34
CA LYS A 91 5.92 -10.51 -4.01
C LYS A 91 6.70 -11.06 -5.20
N PRO A 92 7.57 -10.23 -5.84
CA PRO A 92 8.38 -10.67 -6.98
C PRO A 92 9.48 -11.64 -6.57
N SER A 93 9.44 -12.84 -7.14
CA SER A 93 10.44 -13.87 -6.84
C SER A 93 10.60 -14.07 -5.33
N ASN A 94 11.51 -14.96 -4.94
CA ASN A 94 11.75 -15.24 -3.54
C ASN A 94 12.96 -14.46 -3.04
N ALA A 95 14.15 -14.92 -3.39
CA ALA A 95 15.39 -14.27 -2.99
C ALA A 95 15.55 -14.30 -1.47
N ALA A 1 4.93 -18.60 -12.28
CA ALA A 1 4.00 -17.56 -11.80
C ALA A 1 4.63 -16.77 -10.64
N GLU A 2 3.89 -15.77 -10.16
CA GLU A 2 4.37 -14.94 -9.05
C GLU A 2 3.57 -15.21 -7.79
N LYS A 3 3.99 -14.58 -6.69
CA LYS A 3 3.32 -14.75 -5.40
C LYS A 3 2.34 -13.61 -5.15
N VAL A 4 1.15 -13.95 -4.65
CA VAL A 4 0.13 -12.95 -4.36
C VAL A 4 -0.39 -13.09 -2.93
N MET A 5 -0.23 -12.03 -2.14
CA MET A 5 -0.68 -12.04 -0.75
C MET A 5 -1.47 -10.77 -0.44
N GLU A 6 -2.36 -10.86 0.55
CA GLU A 6 -3.19 -9.72 0.94
C GLU A 6 -2.85 -9.26 2.36
N ILE A 7 -2.54 -7.98 2.49
CA ILE A 7 -2.21 -7.41 3.78
C ILE A 7 -3.42 -6.71 4.39
N LYS A 8 -3.86 -7.20 5.55
CA LYS A 8 -5.02 -6.65 6.23
C LYS A 8 -4.63 -5.82 7.46
N LEU A 9 -5.04 -4.56 7.44
CA LEU A 9 -4.79 -3.63 8.53
C LEU A 9 -6.06 -2.84 8.81
N ILE A 10 -6.31 -2.50 10.06
CA ILE A 10 -7.52 -1.76 10.40
C ILE A 10 -7.24 -0.26 10.51
N LYS A 11 -8.12 0.53 9.91
CA LYS A 11 -8.01 1.99 9.94
C LYS A 11 -7.76 2.51 11.36
N GLY A 12 -6.48 2.68 11.71
CA GLY A 12 -6.13 3.16 13.03
C GLY A 12 -6.72 4.52 13.34
N PRO A 13 -6.69 4.97 14.61
CA PRO A 13 -7.23 6.27 15.01
C PRO A 13 -6.58 7.42 14.24
N LYS A 14 -5.34 7.22 13.81
CA LYS A 14 -4.61 8.24 13.08
C LYS A 14 -4.60 7.96 11.57
N GLY A 15 -5.47 7.06 11.11
CA GLY A 15 -5.52 6.74 9.70
C GLY A 15 -5.04 5.33 9.40
N LEU A 16 -4.52 5.13 8.19
CA LEU A 16 -4.03 3.81 7.77
C LEU A 16 -2.88 3.35 8.66
N GLY A 17 -2.06 4.30 9.11
CA GLY A 17 -0.93 3.95 9.95
C GLY A 17 0.32 3.68 9.15
N PHE A 18 0.51 4.42 8.06
CA PHE A 18 1.68 4.27 7.21
C PHE A 18 1.68 5.30 6.09
N SER A 19 2.52 5.09 5.09
CA SER A 19 2.62 6.00 3.96
C SER A 19 2.76 5.24 2.66
N ILE A 20 2.50 5.92 1.55
CA ILE A 20 2.60 5.31 0.23
C ILE A 20 3.43 6.15 -0.71
N ALA A 21 3.94 5.52 -1.77
CA ALA A 21 4.74 6.22 -2.76
C ALA A 21 4.14 6.00 -4.14
N GLY A 22 4.10 7.06 -4.95
CA GLY A 22 3.51 6.93 -6.28
C GLY A 22 4.53 6.99 -7.39
N GLY A 23 4.43 6.03 -8.28
CA GLY A 23 5.33 5.97 -9.40
C GLY A 23 4.92 6.88 -10.57
N VAL A 24 3.63 7.19 -10.66
CA VAL A 24 3.13 8.02 -11.74
C VAL A 24 3.14 9.51 -11.39
N GLY A 25 3.92 10.28 -12.14
CA GLY A 25 4.00 11.72 -11.93
C GLY A 25 4.97 12.10 -10.82
N ASN A 26 4.75 11.55 -9.65
CA ASN A 26 5.60 11.81 -8.49
C ASN A 26 6.41 10.56 -8.18
N GLN A 27 7.03 10.01 -9.21
CA GLN A 27 7.82 8.80 -9.11
C GLN A 27 8.72 8.76 -7.89
N HIS A 28 8.44 7.81 -7.02
CA HIS A 28 9.22 7.59 -5.81
C HIS A 28 10.07 6.32 -5.98
N ILE A 29 9.58 5.38 -6.81
CA ILE A 29 10.28 4.13 -7.05
C ILE A 29 11.15 4.23 -8.31
N PRO A 30 12.46 3.92 -8.21
CA PRO A 30 13.36 4.01 -9.37
C PRO A 30 13.03 2.99 -10.46
N GLY A 31 12.05 3.32 -11.29
CA GLY A 31 11.66 2.43 -12.38
C GLY A 31 10.41 1.65 -12.07
N ASP A 32 9.32 2.35 -11.76
CA ASP A 32 8.05 1.70 -11.46
C ASP A 32 6.94 2.74 -11.30
N ASN A 33 5.95 2.67 -12.18
CA ASN A 33 4.82 3.60 -12.13
C ASN A 33 3.65 3.01 -11.35
N SER A 34 3.95 2.40 -10.21
CA SER A 34 2.93 1.80 -9.36
C SER A 34 2.99 2.39 -7.95
N ILE A 35 2.41 1.71 -6.96
CA ILE A 35 2.41 2.19 -5.60
C ILE A 35 3.29 1.30 -4.72
N TYR A 36 4.11 1.93 -3.90
CA TYR A 36 5.00 1.23 -2.99
C TYR A 36 4.96 1.90 -1.62
N VAL A 37 5.25 1.14 -0.59
CA VAL A 37 5.23 1.67 0.77
C VAL A 37 6.50 2.44 1.07
N THR A 38 6.37 3.53 1.83
CA THR A 38 7.52 4.37 2.17
C THR A 38 7.79 4.43 3.67
N LYS A 39 6.74 4.68 4.46
CA LYS A 39 6.90 4.78 5.90
C LYS A 39 5.77 4.06 6.65
N ILE A 40 6.14 3.37 7.72
CA ILE A 40 5.19 2.64 8.54
C ILE A 40 5.18 3.21 9.95
N ILE A 41 4.00 3.39 10.52
CA ILE A 41 3.90 3.93 11.87
C ILE A 41 4.17 2.83 12.89
N GLU A 42 5.29 2.99 13.61
CA GLU A 42 5.74 2.02 14.63
C GLU A 42 4.60 1.36 15.39
N GLY A 43 4.20 0.17 14.93
CA GLY A 43 3.14 -0.56 15.56
C GLY A 43 1.85 0.23 15.69
N GLY A 44 1.63 1.18 14.79
CA GLY A 44 0.43 1.99 14.84
C GLY A 44 -0.80 1.20 14.44
N ALA A 45 -0.91 0.88 13.15
CA ALA A 45 -2.04 0.11 12.65
C ALA A 45 -1.63 -0.79 11.50
N ALA A 46 -1.12 -0.18 10.43
CA ALA A 46 -0.69 -0.93 9.26
C ALA A 46 0.45 -1.89 9.62
N HIS A 47 1.42 -1.39 10.37
CA HIS A 47 2.56 -2.19 10.77
C HIS A 47 2.14 -3.43 11.57
N LYS A 48 1.41 -3.22 12.67
CA LYS A 48 0.97 -4.34 13.50
C LYS A 48 -0.11 -5.18 12.83
N ASP A 49 -1.18 -4.53 12.37
CA ASP A 49 -2.29 -5.22 11.73
C ASP A 49 -1.93 -5.70 10.32
N GLY A 50 -1.42 -4.79 9.51
CA GLY A 50 -1.07 -5.13 8.14
C GLY A 50 0.22 -5.91 8.00
N ARG A 51 1.18 -5.64 8.88
CA ARG A 51 2.47 -6.34 8.81
C ARG A 51 3.18 -6.02 7.50
N LEU A 52 3.06 -4.77 7.06
CA LEU A 52 3.68 -4.33 5.82
C LEU A 52 4.87 -3.41 6.10
N GLN A 53 5.94 -3.58 5.33
CA GLN A 53 7.14 -2.76 5.49
C GLN A 53 7.49 -2.07 4.18
N ILE A 54 8.50 -1.20 4.23
CA ILE A 54 8.93 -0.47 3.04
C ILE A 54 9.48 -1.41 1.98
N GLY A 55 8.96 -1.28 0.77
CA GLY A 55 9.40 -2.12 -0.33
C GLY A 55 8.26 -2.93 -0.94
N ASP A 56 7.14 -3.04 -0.23
CA ASP A 56 5.99 -3.79 -0.72
C ASP A 56 5.20 -2.96 -1.74
N LYS A 57 4.75 -3.62 -2.81
CA LYS A 57 3.98 -2.95 -3.84
C LYS A 57 2.50 -3.22 -3.65
N ILE A 58 1.69 -2.17 -3.63
CA ILE A 58 0.26 -2.31 -3.45
C ILE A 58 -0.49 -2.35 -4.77
N LEU A 59 -1.17 -3.46 -5.03
CA LEU A 59 -1.93 -3.60 -6.27
C LEU A 59 -3.42 -3.21 -6.09
N ALA A 60 -3.83 -2.93 -4.85
CA ALA A 60 -5.21 -2.55 -4.55
C ALA A 60 -5.42 -2.39 -3.05
N VAL A 61 -6.41 -1.57 -2.69
CA VAL A 61 -6.74 -1.33 -1.29
C VAL A 61 -8.22 -1.60 -1.06
N ASN A 62 -8.52 -2.55 -0.17
CA ASN A 62 -9.91 -2.92 0.12
C ASN A 62 -10.60 -3.41 -1.17
N SER A 63 -11.13 -2.47 -1.95
CA SER A 63 -11.78 -2.80 -3.21
C SER A 63 -11.46 -1.74 -4.28
N VAL A 64 -10.47 -0.88 -4.00
CA VAL A 64 -10.08 0.18 -4.91
C VAL A 64 -8.71 -0.11 -5.55
N GLY A 65 -8.59 0.20 -6.83
CA GLY A 65 -7.33 -0.02 -7.52
C GLY A 65 -6.53 1.26 -7.69
N LEU A 66 -5.47 1.40 -6.89
CA LEU A 66 -4.60 2.58 -6.96
C LEU A 66 -3.36 2.27 -7.78
N GLU A 67 -3.53 1.43 -8.79
CA GLU A 67 -2.42 1.05 -9.64
C GLU A 67 -2.32 1.92 -10.88
N ASP A 68 -1.13 1.94 -11.45
CA ASP A 68 -0.84 2.72 -12.65
C ASP A 68 -1.31 4.17 -12.48
N VAL A 69 -1.28 4.66 -11.24
CA VAL A 69 -1.70 6.02 -10.96
C VAL A 69 -0.70 6.72 -10.04
N MET A 70 -0.79 8.04 -9.95
CA MET A 70 0.13 8.82 -9.12
C MET A 70 -0.08 8.55 -7.64
N HIS A 71 0.87 9.06 -6.87
CA HIS A 71 0.85 8.95 -5.42
C HIS A 71 -0.43 9.56 -4.84
N GLU A 72 -0.90 10.66 -5.45
CA GLU A 72 -2.09 11.36 -4.97
C GLU A 72 -3.35 10.51 -5.11
N ASP A 73 -3.59 9.97 -6.30
CA ASP A 73 -4.77 9.16 -6.55
C ASP A 73 -4.80 7.95 -5.62
N ALA A 74 -3.62 7.40 -5.36
CA ALA A 74 -3.50 6.24 -4.49
C ALA A 74 -3.93 6.61 -3.08
N VAL A 75 -3.54 7.81 -2.64
CA VAL A 75 -3.91 8.30 -1.33
C VAL A 75 -5.42 8.30 -1.19
N ALA A 76 -6.09 8.73 -2.26
CA ALA A 76 -7.54 8.75 -2.28
C ALA A 76 -8.11 7.35 -2.21
N ALA A 77 -7.38 6.40 -2.79
CA ALA A 77 -7.79 5.00 -2.80
C ALA A 77 -7.85 4.43 -1.39
N LEU A 78 -6.76 4.62 -0.63
CA LEU A 78 -6.70 4.12 0.74
C LEU A 78 -7.56 4.97 1.68
N LYS A 79 -7.53 6.29 1.47
CA LYS A 79 -8.29 7.22 2.31
C LYS A 79 -9.79 6.92 2.23
N ASN A 80 -10.23 6.47 1.08
CA ASN A 80 -11.63 6.14 0.85
C ASN A 80 -12.07 4.91 1.65
N THR A 81 -11.11 4.07 2.03
CA THR A 81 -11.40 2.85 2.78
C THR A 81 -12.22 3.13 4.04
N TYR A 82 -12.44 2.08 4.84
CA TYR A 82 -13.22 2.21 6.07
C TYR A 82 -12.53 1.45 7.22
N ASP A 83 -13.32 0.86 8.13
CA ASP A 83 -12.81 0.12 9.29
C ASP A 83 -11.57 -0.71 8.96
N VAL A 84 -11.76 -1.82 8.27
CA VAL A 84 -10.64 -2.69 7.92
C VAL A 84 -10.18 -2.45 6.49
N VAL A 85 -8.88 -2.22 6.33
CA VAL A 85 -8.29 -2.00 5.03
C VAL A 85 -7.34 -3.12 4.68
N TYR A 86 -7.64 -3.80 3.59
CA TYR A 86 -6.81 -4.91 3.11
C TYR A 86 -6.20 -4.56 1.77
N LEU A 87 -4.87 -4.55 1.73
CA LEU A 87 -4.15 -4.26 0.51
C LEU A 87 -3.74 -5.55 -0.18
N LYS A 88 -3.73 -5.53 -1.50
CA LYS A 88 -3.34 -6.70 -2.26
C LYS A 88 -1.98 -6.47 -2.88
N VAL A 89 -1.01 -7.29 -2.48
CA VAL A 89 0.36 -7.15 -2.96
C VAL A 89 0.89 -8.47 -3.52
N ALA A 90 1.79 -8.36 -4.48
CA ALA A 90 2.41 -9.52 -5.10
C ALA A 90 3.93 -9.44 -4.99
N LYS A 91 4.54 -10.46 -4.39
CA LYS A 91 5.98 -10.47 -4.21
C LYS A 91 6.68 -11.20 -5.37
N PRO A 92 7.71 -10.57 -6.00
CA PRO A 92 8.43 -11.19 -7.11
C PRO A 92 9.30 -12.36 -6.66
N SER A 93 8.84 -13.57 -6.92
CA SER A 93 9.59 -14.77 -6.55
C SER A 93 10.45 -15.27 -7.70
N ASN A 94 11.61 -15.83 -7.37
CA ASN A 94 12.52 -16.35 -8.38
C ASN A 94 12.08 -17.73 -8.86
N ALA A 95 12.00 -18.67 -7.92
CA ALA A 95 11.59 -20.03 -8.25
C ALA A 95 10.17 -20.06 -8.80
N ALA A 1 2.43 -16.17 -13.90
CA ALA A 1 1.81 -16.05 -12.56
C ALA A 1 2.83 -15.60 -11.52
N GLU A 2 2.33 -15.14 -10.37
CA GLU A 2 3.20 -14.68 -9.29
C GLU A 2 2.58 -14.96 -7.93
N LYS A 3 3.25 -14.53 -6.88
CA LYS A 3 2.76 -14.74 -5.52
C LYS A 3 1.90 -13.56 -5.07
N VAL A 4 0.73 -13.86 -4.51
CA VAL A 4 -0.18 -12.83 -4.04
C VAL A 4 -0.24 -12.80 -2.52
N MET A 5 -0.28 -11.60 -1.97
CA MET A 5 -0.34 -11.42 -0.52
C MET A 5 -1.42 -10.42 -0.14
N GLU A 6 -1.94 -10.55 1.08
CA GLU A 6 -2.98 -9.66 1.57
C GLU A 6 -2.50 -8.92 2.82
N ILE A 7 -2.76 -7.62 2.86
CA ILE A 7 -2.35 -6.79 3.99
C ILE A 7 -3.56 -6.15 4.65
N LYS A 8 -3.78 -6.46 5.93
CA LYS A 8 -4.93 -5.91 6.65
C LYS A 8 -4.54 -4.73 7.53
N LEU A 9 -5.30 -3.65 7.43
CA LEU A 9 -5.04 -2.46 8.23
C LEU A 9 -6.33 -1.96 8.85
N ILE A 10 -6.32 -1.72 10.16
CA ILE A 10 -7.51 -1.24 10.84
C ILE A 10 -7.44 0.27 11.07
N LYS A 11 -8.55 0.93 10.80
CA LYS A 11 -8.64 2.38 10.95
C LYS A 11 -8.78 2.76 12.42
N GLY A 12 -7.66 3.14 13.02
CA GLY A 12 -7.66 3.52 14.42
C GLY A 12 -7.47 5.02 14.60
N PRO A 13 -6.81 5.45 15.69
CA PRO A 13 -6.58 6.87 15.95
C PRO A 13 -5.57 7.48 14.97
N LYS A 14 -4.73 6.63 14.38
CA LYS A 14 -3.72 7.09 13.43
C LYS A 14 -4.12 6.85 11.98
N GLY A 15 -5.27 6.18 11.75
CA GLY A 15 -5.69 5.92 10.39
C GLY A 15 -5.08 4.65 9.83
N LEU A 16 -4.67 4.70 8.57
CA LEU A 16 -4.06 3.54 7.92
C LEU A 16 -2.82 3.07 8.68
N GLY A 17 -2.07 4.03 9.21
CA GLY A 17 -0.88 3.70 9.97
C GLY A 17 0.32 3.41 9.08
N PHE A 18 0.46 4.18 8.01
CA PHE A 18 1.57 4.02 7.07
C PHE A 18 1.54 5.09 5.98
N SER A 19 2.47 5.00 5.05
CA SER A 19 2.56 5.95 3.94
C SER A 19 2.74 5.22 2.62
N ILE A 20 2.41 5.89 1.53
CA ILE A 20 2.54 5.29 0.20
C ILE A 20 3.40 6.16 -0.73
N ALA A 21 3.87 5.54 -1.81
CA ALA A 21 4.70 6.23 -2.78
C ALA A 21 4.13 6.01 -4.17
N GLY A 22 4.10 7.06 -5.00
CA GLY A 22 3.54 6.94 -6.33
C GLY A 22 4.57 6.96 -7.43
N GLY A 23 4.47 5.98 -8.31
CA GLY A 23 5.39 5.90 -9.43
C GLY A 23 5.00 6.80 -10.60
N VAL A 24 3.70 7.08 -10.74
CA VAL A 24 3.23 7.90 -11.85
C VAL A 24 3.21 9.40 -11.50
N GLY A 25 3.96 10.18 -12.26
CA GLY A 25 4.01 11.62 -12.05
C GLY A 25 4.98 12.03 -10.97
N ASN A 26 4.79 11.48 -9.79
CA ASN A 26 5.65 11.77 -8.64
C ASN A 26 6.44 10.52 -8.27
N GLN A 27 7.08 9.94 -9.28
CA GLN A 27 7.86 8.73 -9.13
C GLN A 27 8.75 8.72 -7.90
N HIS A 28 8.45 7.79 -7.00
CA HIS A 28 9.21 7.61 -5.78
C HIS A 28 10.05 6.33 -5.89
N ILE A 29 9.59 5.39 -6.72
CA ILE A 29 10.30 4.12 -6.90
C ILE A 29 11.20 4.19 -8.14
N PRO A 30 12.52 3.92 -7.98
CA PRO A 30 13.46 3.97 -9.12
C PRO A 30 13.17 2.89 -10.15
N GLY A 31 12.19 3.14 -11.01
CA GLY A 31 11.84 2.18 -12.03
C GLY A 31 10.56 1.44 -11.73
N ASP A 32 9.48 2.20 -11.51
CA ASP A 32 8.19 1.61 -11.20
C ASP A 32 7.09 2.67 -11.19
N ASN A 33 6.06 2.46 -12.00
CA ASN A 33 4.94 3.40 -12.09
C ASN A 33 3.75 2.91 -11.26
N SER A 34 4.03 2.15 -10.21
CA SER A 34 2.98 1.63 -9.34
C SER A 34 3.07 2.25 -7.96
N ILE A 35 2.36 1.66 -6.99
CA ILE A 35 2.37 2.17 -5.64
C ILE A 35 3.27 1.30 -4.75
N TYR A 36 4.09 1.96 -3.95
CA TYR A 36 4.99 1.28 -3.04
C TYR A 36 4.93 1.93 -1.68
N VAL A 37 5.22 1.18 -0.64
CA VAL A 37 5.20 1.73 0.71
C VAL A 37 6.48 2.50 0.98
N THR A 38 6.37 3.62 1.70
CA THR A 38 7.53 4.45 2.00
C THR A 38 7.71 4.68 3.50
N LYS A 39 6.67 4.46 4.29
CA LYS A 39 6.77 4.66 5.73
C LYS A 39 5.70 3.90 6.50
N ILE A 40 6.11 3.28 7.60
CA ILE A 40 5.21 2.52 8.45
C ILE A 40 5.22 3.09 9.87
N ILE A 41 4.04 3.25 10.45
CA ILE A 41 3.95 3.79 11.80
C ILE A 41 4.22 2.66 12.80
N GLU A 42 5.30 2.82 13.59
CA GLU A 42 5.73 1.84 14.59
C GLU A 42 4.56 1.15 15.29
N GLY A 43 4.18 -0.02 14.78
CA GLY A 43 3.08 -0.76 15.37
C GLY A 43 1.81 0.05 15.50
N GLY A 44 1.67 1.09 14.66
CA GLY A 44 0.50 1.92 14.70
C GLY A 44 -0.76 1.17 14.31
N ALA A 45 -0.94 0.97 13.01
CA ALA A 45 -2.09 0.26 12.50
C ALA A 45 -1.70 -0.68 11.37
N ALA A 46 -1.10 -0.10 10.32
CA ALA A 46 -0.66 -0.88 9.17
C ALA A 46 0.47 -1.83 9.55
N HIS A 47 1.45 -1.31 10.29
CA HIS A 47 2.59 -2.11 10.71
C HIS A 47 2.17 -3.32 11.54
N LYS A 48 1.44 -3.08 12.62
CA LYS A 48 1.00 -4.16 13.50
C LYS A 48 -0.05 -5.06 12.84
N ASP A 49 -1.10 -4.46 12.31
CA ASP A 49 -2.19 -5.22 11.67
C ASP A 49 -1.77 -5.78 10.31
N GLY A 50 -1.22 -4.93 9.45
CA GLY A 50 -0.82 -5.36 8.13
C GLY A 50 0.51 -6.09 8.08
N ARG A 51 1.45 -5.69 8.93
CA ARG A 51 2.77 -6.34 8.96
C ARG A 51 3.51 -6.04 7.66
N LEU A 52 3.29 -4.85 7.12
CA LEU A 52 3.93 -4.42 5.88
C LEU A 52 5.09 -3.47 6.15
N GLN A 53 6.18 -3.63 5.41
CA GLN A 53 7.34 -2.78 5.58
C GLN A 53 7.63 -1.98 4.31
N ILE A 54 8.53 -1.01 4.40
CA ILE A 54 8.89 -0.18 3.25
C ILE A 54 9.51 -1.03 2.15
N GLY A 55 8.98 -0.90 0.93
CA GLY A 55 9.49 -1.67 -0.19
C GLY A 55 8.42 -2.50 -0.87
N ASP A 56 7.33 -2.79 -0.15
CA ASP A 56 6.25 -3.59 -0.70
C ASP A 56 5.52 -2.84 -1.81
N LYS A 57 4.80 -3.60 -2.65
CA LYS A 57 4.05 -3.00 -3.76
C LYS A 57 2.55 -3.26 -3.57
N ILE A 58 1.76 -2.22 -3.69
CA ILE A 58 0.31 -2.33 -3.52
C ILE A 58 -0.39 -2.38 -4.86
N LEU A 59 -1.06 -3.49 -5.15
CA LEU A 59 -1.78 -3.64 -6.42
C LEU A 59 -3.29 -3.32 -6.28
N ALA A 60 -3.76 -3.09 -5.05
CA ALA A 60 -5.18 -2.79 -4.81
C ALA A 60 -5.48 -2.68 -3.32
N VAL A 61 -6.46 -1.85 -2.99
CA VAL A 61 -6.86 -1.66 -1.59
C VAL A 61 -8.35 -1.96 -1.44
N ASN A 62 -8.67 -2.95 -0.62
CA ASN A 62 -10.06 -3.35 -0.40
C ASN A 62 -10.73 -3.74 -1.72
N SER A 63 -11.23 -2.75 -2.45
CA SER A 63 -11.87 -2.99 -3.74
C SER A 63 -11.48 -1.89 -4.75
N VAL A 64 -10.50 -1.05 -4.40
CA VAL A 64 -10.07 0.02 -5.27
C VAL A 64 -8.67 -0.24 -5.83
N GLY A 65 -8.47 0.10 -7.10
CA GLY A 65 -7.18 -0.11 -7.74
C GLY A 65 -6.39 1.18 -7.86
N LEU A 66 -5.36 1.32 -7.01
CA LEU A 66 -4.52 2.51 -7.04
C LEU A 66 -3.24 2.23 -7.82
N GLU A 67 -3.37 1.47 -8.89
CA GLU A 67 -2.23 1.13 -9.71
C GLU A 67 -2.18 2.02 -10.92
N ASP A 68 -1.04 1.99 -11.59
CA ASP A 68 -0.83 2.80 -12.79
C ASP A 68 -1.29 4.25 -12.58
N VAL A 69 -1.25 4.72 -11.34
CA VAL A 69 -1.67 6.07 -11.03
C VAL A 69 -0.65 6.75 -10.11
N MET A 70 -0.74 8.08 -10.00
CA MET A 70 0.18 8.83 -9.17
C MET A 70 -0.05 8.58 -7.69
N HIS A 71 0.89 9.06 -6.90
CA HIS A 71 0.84 8.94 -5.45
C HIS A 71 -0.44 9.58 -4.88
N GLU A 72 -0.88 10.68 -5.48
CA GLU A 72 -2.07 11.39 -5.00
C GLU A 72 -3.35 10.57 -5.17
N ASP A 73 -3.58 10.08 -6.38
CA ASP A 73 -4.77 9.29 -6.66
C ASP A 73 -4.80 8.04 -5.79
N ALA A 74 -3.62 7.47 -5.55
CA ALA A 74 -3.51 6.28 -4.71
C ALA A 74 -3.97 6.59 -3.31
N VAL A 75 -3.61 7.78 -2.81
CA VAL A 75 -4.02 8.21 -1.48
C VAL A 75 -5.53 8.20 -1.37
N ALA A 76 -6.18 8.67 -2.43
CA ALA A 76 -7.63 8.69 -2.48
C ALA A 76 -8.19 7.29 -2.46
N ALA A 77 -7.47 6.37 -3.08
CA ALA A 77 -7.88 4.97 -3.14
C ALA A 77 -7.86 4.31 -1.76
N LEU A 78 -6.75 4.47 -1.06
CA LEU A 78 -6.59 3.88 0.27
C LEU A 78 -7.41 4.62 1.33
N LYS A 79 -7.45 5.94 1.25
CA LYS A 79 -8.18 6.74 2.22
C LYS A 79 -9.69 6.47 2.16
N ASN A 80 -10.18 6.25 0.96
CA ASN A 80 -11.61 5.98 0.76
C ASN A 80 -12.08 4.75 1.54
N THR A 81 -11.12 3.89 1.92
CA THR A 81 -11.44 2.67 2.66
C THR A 81 -12.16 2.98 3.98
N TYR A 82 -12.37 1.97 4.81
CA TYR A 82 -13.05 2.14 6.08
C TYR A 82 -12.22 1.55 7.22
N ASP A 83 -12.87 1.07 8.28
CA ASP A 83 -12.18 0.48 9.43
C ASP A 83 -11.06 -0.46 8.99
N VAL A 84 -11.41 -1.69 8.66
CA VAL A 84 -10.42 -2.66 8.23
C VAL A 84 -10.32 -2.69 6.71
N VAL A 85 -9.13 -2.41 6.20
CA VAL A 85 -8.89 -2.41 4.78
C VAL A 85 -7.82 -3.41 4.40
N TYR A 86 -8.12 -4.27 3.44
CA TYR A 86 -7.16 -5.26 2.99
C TYR A 86 -6.53 -4.83 1.68
N LEU A 87 -5.21 -4.68 1.69
CA LEU A 87 -4.49 -4.30 0.48
C LEU A 87 -3.95 -5.55 -0.18
N LYS A 88 -3.97 -5.58 -1.49
CA LYS A 88 -3.49 -6.73 -2.23
C LYS A 88 -2.15 -6.43 -2.88
N VAL A 89 -1.16 -7.22 -2.52
CA VAL A 89 0.20 -7.03 -3.02
C VAL A 89 0.70 -8.28 -3.77
N ALA A 90 1.59 -8.04 -4.73
CA ALA A 90 2.16 -9.11 -5.53
C ALA A 90 3.67 -9.15 -5.32
N LYS A 91 4.20 -10.30 -4.94
CA LYS A 91 5.62 -10.44 -4.70
C LYS A 91 6.34 -10.95 -5.96
N PRO A 92 7.28 -10.14 -6.51
CA PRO A 92 8.02 -10.53 -7.71
C PRO A 92 9.16 -11.50 -7.40
N SER A 93 8.81 -12.71 -6.98
CA SER A 93 9.80 -13.72 -6.65
C SER A 93 10.70 -13.26 -5.50
N ASN A 94 11.56 -14.15 -5.03
CA ASN A 94 12.47 -13.83 -3.94
C ASN A 94 13.79 -14.56 -4.09
N ALA A 95 13.78 -15.87 -3.90
CA ALA A 95 14.98 -16.69 -4.02
C ALA A 95 15.57 -16.58 -5.42
N ALA A 1 2.60 -18.97 -12.13
CA ALA A 1 2.04 -18.60 -10.80
C ALA A 1 2.89 -17.53 -10.12
N GLU A 2 2.27 -16.78 -9.22
CA GLU A 2 2.96 -15.73 -8.49
C GLU A 2 2.68 -15.81 -7.00
N LYS A 3 3.22 -14.85 -6.25
CA LYS A 3 3.03 -14.82 -4.81
C LYS A 3 2.10 -13.68 -4.40
N VAL A 4 0.89 -14.04 -3.98
CA VAL A 4 -0.08 -13.04 -3.56
C VAL A 4 -0.25 -13.04 -2.04
N MET A 5 -0.14 -11.86 -1.44
CA MET A 5 -0.27 -11.73 0.01
C MET A 5 -1.29 -10.65 0.37
N GLU A 6 -2.08 -10.91 1.41
CA GLU A 6 -3.10 -9.97 1.86
C GLU A 6 -2.59 -9.14 3.04
N ILE A 7 -2.90 -7.86 3.01
CA ILE A 7 -2.48 -6.94 4.07
C ILE A 7 -3.70 -6.22 4.65
N LYS A 8 -3.94 -6.40 5.94
CA LYS A 8 -5.10 -5.77 6.58
C LYS A 8 -4.68 -4.67 7.55
N LEU A 9 -5.35 -3.53 7.47
CA LEU A 9 -5.05 -2.40 8.35
C LEU A 9 -6.33 -1.87 8.97
N ILE A 10 -6.33 -1.71 10.29
CA ILE A 10 -7.51 -1.20 10.98
C ILE A 10 -7.36 0.30 11.22
N LYS A 11 -8.32 1.06 10.71
CA LYS A 11 -8.32 2.51 10.84
C LYS A 11 -8.28 2.94 12.30
N GLY A 12 -7.07 3.11 12.81
CA GLY A 12 -6.91 3.53 14.19
C GLY A 12 -7.12 5.02 14.36
N PRO A 13 -6.85 5.57 15.56
CA PRO A 13 -7.02 7.01 15.81
C PRO A 13 -6.10 7.86 14.93
N LYS A 14 -5.03 7.26 14.42
CA LYS A 14 -4.08 7.98 13.58
C LYS A 14 -4.26 7.66 12.09
N GLY A 15 -5.16 6.74 11.75
CA GLY A 15 -5.38 6.40 10.35
C GLY A 15 -4.93 5.00 10.02
N LEU A 16 -4.45 4.81 8.79
CA LEU A 16 -3.99 3.50 8.35
C LEU A 16 -2.75 3.05 9.11
N GLY A 17 -1.86 4.01 9.39
CA GLY A 17 -0.66 3.68 10.14
C GLY A 17 0.55 3.44 9.24
N PHE A 18 0.63 4.18 8.14
CA PHE A 18 1.75 4.04 7.22
C PHE A 18 1.70 5.10 6.11
N SER A 19 2.57 4.95 5.12
CA SER A 19 2.63 5.90 4.01
C SER A 19 2.69 5.16 2.67
N ILE A 20 2.41 5.89 1.60
CA ILE A 20 2.44 5.32 0.25
C ILE A 20 3.32 6.15 -0.68
N ALA A 21 3.77 5.52 -1.75
CA ALA A 21 4.61 6.20 -2.74
C ALA A 21 4.04 5.96 -4.12
N GLY A 22 4.02 7.00 -4.96
CA GLY A 22 3.45 6.85 -6.29
C GLY A 22 4.46 6.97 -7.41
N GLY A 23 4.39 6.03 -8.33
CA GLY A 23 5.31 6.03 -9.45
C GLY A 23 4.85 6.90 -10.62
N VAL A 24 3.55 7.19 -10.68
CA VAL A 24 3.01 7.99 -11.79
C VAL A 24 3.05 9.50 -11.49
N GLY A 25 3.81 10.23 -12.30
CA GLY A 25 3.90 11.68 -12.15
C GLY A 25 4.87 12.09 -11.06
N ASN A 26 4.62 11.61 -9.86
CA ASN A 26 5.47 11.91 -8.71
C ASN A 26 6.25 10.66 -8.33
N GLN A 27 6.96 10.12 -9.32
CA GLN A 27 7.73 8.91 -9.15
C GLN A 27 8.58 8.89 -7.89
N HIS A 28 8.29 7.91 -7.04
CA HIS A 28 9.02 7.70 -5.81
C HIS A 28 9.98 6.52 -5.99
N ILE A 29 9.57 5.57 -6.85
CA ILE A 29 10.38 4.39 -7.11
C ILE A 29 11.22 4.60 -8.37
N PRO A 30 12.53 4.27 -8.33
CA PRO A 30 13.41 4.44 -9.50
C PRO A 30 13.21 3.36 -10.56
N GLY A 31 12.12 3.46 -11.32
CA GLY A 31 11.86 2.50 -12.37
C GLY A 31 10.53 1.77 -12.22
N ASP A 32 9.61 2.35 -11.45
CA ASP A 32 8.29 1.73 -11.26
C ASP A 32 7.19 2.78 -11.23
N ASN A 33 6.18 2.58 -12.08
CA ASN A 33 5.06 3.52 -12.15
C ASN A 33 3.84 2.96 -11.40
N SER A 34 4.08 2.38 -10.23
CA SER A 34 3.02 1.81 -9.41
C SER A 34 3.06 2.40 -8.00
N ILE A 35 2.37 1.77 -7.06
CA ILE A 35 2.34 2.25 -5.69
C ILE A 35 3.22 1.36 -4.81
N TYR A 36 4.04 2.00 -3.99
CA TYR A 36 4.93 1.29 -3.09
C TYR A 36 4.89 1.94 -1.72
N VAL A 37 5.18 1.15 -0.69
CA VAL A 37 5.17 1.68 0.66
C VAL A 37 6.46 2.43 0.95
N THR A 38 6.37 3.54 1.69
CA THR A 38 7.55 4.35 1.99
C THR A 38 7.77 4.54 3.49
N LYS A 39 6.73 4.34 4.30
CA LYS A 39 6.86 4.50 5.74
C LYS A 39 5.79 3.73 6.51
N ILE A 40 6.22 3.06 7.57
CA ILE A 40 5.30 2.29 8.41
C ILE A 40 5.33 2.82 9.84
N ILE A 41 4.16 2.97 10.44
CA ILE A 41 4.08 3.46 11.80
C ILE A 41 4.34 2.32 12.77
N GLU A 42 5.42 2.45 13.55
CA GLU A 42 5.85 1.44 14.53
C GLU A 42 4.67 0.77 15.24
N GLY A 43 4.23 -0.36 14.68
CA GLY A 43 3.13 -1.10 15.25
C GLY A 43 1.87 -0.26 15.42
N GLY A 44 1.76 0.80 14.63
CA GLY A 44 0.59 1.66 14.72
C GLY A 44 -0.68 0.96 14.30
N ALA A 45 -0.77 0.64 13.01
CA ALA A 45 -1.95 -0.04 12.48
C ALA A 45 -1.55 -0.96 11.33
N ALA A 46 -0.94 -0.39 10.30
CA ALA A 46 -0.51 -1.16 9.14
C ALA A 46 0.56 -2.17 9.53
N HIS A 47 1.54 -1.73 10.29
CA HIS A 47 2.63 -2.60 10.72
C HIS A 47 2.12 -3.78 11.54
N LYS A 48 1.39 -3.50 12.62
CA LYS A 48 0.86 -4.57 13.47
C LYS A 48 -0.24 -5.38 12.79
N ASP A 49 -1.25 -4.68 12.28
CA ASP A 49 -2.38 -5.33 11.63
C ASP A 49 -2.03 -5.90 10.25
N GLY A 50 -1.42 -5.07 9.40
CA GLY A 50 -1.07 -5.51 8.06
C GLY A 50 0.23 -6.27 7.96
N ARG A 51 1.20 -5.94 8.81
CA ARG A 51 2.50 -6.60 8.76
C ARG A 51 3.20 -6.29 7.45
N LEU A 52 3.19 -5.02 7.05
CA LEU A 52 3.82 -4.59 5.81
C LEU A 52 5.00 -3.68 6.08
N GLN A 53 6.07 -3.87 5.31
CA GLN A 53 7.27 -3.06 5.46
C GLN A 53 7.55 -2.27 4.18
N ILE A 54 8.41 -1.27 4.28
CA ILE A 54 8.75 -0.43 3.13
C ILE A 54 9.34 -1.29 2.00
N GLY A 55 8.95 -0.97 0.77
CA GLY A 55 9.43 -1.71 -0.37
C GLY A 55 8.35 -2.55 -1.03
N ASP A 56 7.27 -2.81 -0.30
CA ASP A 56 6.17 -3.61 -0.82
C ASP A 56 5.35 -2.83 -1.83
N LYS A 57 4.87 -3.51 -2.87
CA LYS A 57 4.06 -2.88 -3.90
C LYS A 57 2.59 -3.24 -3.72
N ILE A 58 1.74 -2.23 -3.72
CA ILE A 58 0.31 -2.45 -3.56
C ILE A 58 -0.38 -2.62 -4.90
N LEU A 59 -0.96 -3.79 -5.13
CA LEU A 59 -1.65 -4.07 -6.40
C LEU A 59 -3.14 -3.70 -6.34
N ALA A 60 -3.65 -3.36 -5.16
CA ALA A 60 -5.06 -2.98 -4.99
C ALA A 60 -5.43 -2.97 -3.51
N VAL A 61 -6.44 -2.19 -3.17
CA VAL A 61 -6.91 -2.10 -1.79
C VAL A 61 -8.42 -2.26 -1.74
N ASN A 62 -8.87 -3.30 -1.02
CA ASN A 62 -10.30 -3.59 -0.91
C ASN A 62 -10.90 -3.85 -2.30
N SER A 63 -11.29 -2.77 -2.99
CA SER A 63 -11.84 -2.89 -4.34
C SER A 63 -11.35 -1.74 -5.22
N VAL A 64 -10.33 -1.00 -4.76
CA VAL A 64 -9.78 0.12 -5.50
C VAL A 64 -8.39 -0.20 -6.06
N GLY A 65 -8.14 0.24 -7.28
CA GLY A 65 -6.85 0.02 -7.92
C GLY A 65 -5.97 1.24 -7.89
N LEU A 66 -5.03 1.27 -6.95
CA LEU A 66 -4.10 2.39 -6.80
C LEU A 66 -2.71 1.94 -7.24
N GLU A 67 -2.67 1.25 -8.36
CA GLU A 67 -1.42 0.73 -8.91
C GLU A 67 -1.24 1.11 -10.37
N ASP A 68 -1.85 2.22 -10.76
CA ASP A 68 -1.77 2.71 -12.13
C ASP A 68 -2.10 4.21 -12.18
N VAL A 69 -1.79 4.90 -11.09
CA VAL A 69 -2.04 6.32 -11.00
C VAL A 69 -1.05 6.97 -10.03
N MET A 70 -0.97 8.30 -10.05
CA MET A 70 -0.03 9.01 -9.19
C MET A 70 -0.25 8.72 -7.72
N HIS A 71 0.74 9.15 -6.93
CA HIS A 71 0.71 9.00 -5.49
C HIS A 71 -0.53 9.67 -4.89
N GLU A 72 -0.94 10.79 -5.49
CA GLU A 72 -2.10 11.54 -5.02
C GLU A 72 -3.39 10.75 -5.18
N ASP A 73 -3.62 10.25 -6.39
CA ASP A 73 -4.81 9.46 -6.68
C ASP A 73 -4.85 8.22 -5.79
N ALA A 74 -3.67 7.65 -5.53
CA ALA A 74 -3.57 6.47 -4.67
C ALA A 74 -4.05 6.81 -3.28
N VAL A 75 -3.71 8.01 -2.81
CA VAL A 75 -4.14 8.47 -1.50
C VAL A 75 -5.66 8.43 -1.43
N ALA A 76 -6.29 8.86 -2.52
CA ALA A 76 -7.74 8.85 -2.61
C ALA A 76 -8.27 7.41 -2.56
N ALA A 77 -7.48 6.49 -3.11
CA ALA A 77 -7.86 5.08 -3.13
C ALA A 77 -7.89 4.52 -1.71
N LEU A 78 -6.88 4.87 -0.91
CA LEU A 78 -6.80 4.40 0.47
C LEU A 78 -7.82 5.11 1.35
N LYS A 79 -7.91 6.43 1.22
CA LYS A 79 -8.85 7.22 2.02
C LYS A 79 -10.28 6.76 1.80
N ASN A 80 -10.56 6.34 0.58
CA ASN A 80 -11.90 5.85 0.23
C ASN A 80 -12.30 4.64 1.07
N THR A 81 -11.30 3.96 1.65
CA THR A 81 -11.56 2.79 2.48
C THR A 81 -12.25 3.18 3.79
N TYR A 82 -12.28 2.26 4.74
CA TYR A 82 -12.91 2.51 6.03
C TYR A 82 -12.11 1.89 7.16
N ASP A 83 -12.77 1.46 8.24
CA ASP A 83 -12.09 0.87 9.40
C ASP A 83 -11.03 -0.14 8.97
N VAL A 84 -11.44 -1.36 8.67
CA VAL A 84 -10.48 -2.38 8.25
C VAL A 84 -10.38 -2.44 6.73
N VAL A 85 -9.19 -2.17 6.21
CA VAL A 85 -8.97 -2.20 4.78
C VAL A 85 -7.90 -3.22 4.41
N TYR A 86 -8.16 -3.98 3.35
CA TYR A 86 -7.22 -5.00 2.91
C TYR A 86 -6.49 -4.59 1.63
N LEU A 87 -5.17 -4.50 1.72
CA LEU A 87 -4.34 -4.16 0.59
C LEU A 87 -3.68 -5.43 0.08
N LYS A 88 -3.69 -5.64 -1.22
CA LYS A 88 -3.11 -6.84 -1.79
C LYS A 88 -1.79 -6.51 -2.50
N VAL A 89 -0.78 -7.34 -2.24
CA VAL A 89 0.54 -7.14 -2.81
C VAL A 89 1.09 -8.42 -3.43
N ALA A 90 1.89 -8.27 -4.49
CA ALA A 90 2.50 -9.39 -5.17
C ALA A 90 4.01 -9.36 -5.01
N LYS A 91 4.57 -10.45 -4.49
CA LYS A 91 6.01 -10.54 -4.27
C LYS A 91 6.72 -11.18 -5.47
N PRO A 92 7.52 -10.41 -6.24
CA PRO A 92 8.24 -10.94 -7.40
C PRO A 92 9.52 -11.66 -7.00
N SER A 93 9.47 -12.99 -6.99
CA SER A 93 10.64 -13.79 -6.64
C SER A 93 10.52 -15.20 -7.20
N ASN A 94 11.64 -15.90 -7.28
CA ASN A 94 11.67 -17.26 -7.80
C ASN A 94 11.32 -18.27 -6.70
N ALA A 95 10.20 -18.98 -6.89
CA ALA A 95 9.76 -19.97 -5.92
C ALA A 95 8.63 -20.82 -6.49
N ALA A 1 3.79 -17.87 -12.66
CA ALA A 1 3.10 -16.70 -12.06
C ALA A 1 3.86 -16.17 -10.84
N GLU A 2 3.41 -15.03 -10.32
CA GLU A 2 4.06 -14.43 -9.15
C GLU A 2 3.34 -14.84 -7.87
N LYS A 3 3.86 -14.36 -6.74
CA LYS A 3 3.26 -14.68 -5.44
C LYS A 3 2.18 -13.67 -5.07
N VAL A 4 1.14 -14.15 -4.40
CA VAL A 4 0.03 -13.30 -3.98
C VAL A 4 0.00 -13.15 -2.47
N MET A 5 -0.07 -11.91 -1.99
CA MET A 5 -0.10 -11.64 -0.56
C MET A 5 -1.29 -10.77 -0.17
N GLU A 6 -1.72 -10.90 1.07
CA GLU A 6 -2.85 -10.13 1.58
C GLU A 6 -2.42 -9.28 2.78
N ILE A 7 -2.77 -8.00 2.74
CA ILE A 7 -2.42 -7.07 3.80
C ILE A 7 -3.66 -6.47 4.42
N LYS A 8 -3.71 -6.43 5.75
CA LYS A 8 -4.87 -5.88 6.45
C LYS A 8 -4.46 -4.72 7.38
N LEU A 9 -5.15 -3.59 7.26
CA LEU A 9 -4.85 -2.43 8.10
C LEU A 9 -6.11 -1.94 8.78
N ILE A 10 -5.98 -1.53 10.04
CA ILE A 10 -7.14 -1.02 10.78
C ILE A 10 -7.04 0.50 10.95
N LYS A 11 -8.14 1.16 10.66
CA LYS A 11 -8.21 2.61 10.76
C LYS A 11 -8.25 3.06 12.22
N GLY A 12 -7.07 3.12 12.84
CA GLY A 12 -6.99 3.54 14.21
C GLY A 12 -7.04 5.05 14.37
N PRO A 13 -6.72 5.59 15.56
CA PRO A 13 -6.74 7.03 15.81
C PRO A 13 -5.71 7.77 14.96
N LYS A 14 -4.70 7.05 14.48
CA LYS A 14 -3.64 7.65 13.66
C LYS A 14 -3.90 7.48 12.16
N GLY A 15 -4.97 6.79 11.78
CA GLY A 15 -5.25 6.59 10.37
C GLY A 15 -4.90 5.20 9.90
N LEU A 16 -4.51 5.08 8.63
CA LEU A 16 -4.14 3.79 8.06
C LEU A 16 -2.99 3.16 8.84
N GLY A 17 -2.05 3.99 9.27
CA GLY A 17 -0.91 3.50 10.02
C GLY A 17 0.35 3.35 9.17
N PHE A 18 0.38 4.04 8.03
CA PHE A 18 1.54 3.98 7.15
C PHE A 18 1.43 5.02 6.04
N SER A 19 2.32 4.94 5.06
CA SER A 19 2.32 5.87 3.94
C SER A 19 2.49 5.13 2.62
N ILE A 20 2.14 5.81 1.53
CA ILE A 20 2.25 5.23 0.20
C ILE A 20 3.16 6.09 -0.68
N ALA A 21 3.67 5.48 -1.73
CA ALA A 21 4.54 6.18 -2.67
C ALA A 21 4.04 5.95 -4.09
N GLY A 22 4.03 7.00 -4.90
CA GLY A 22 3.54 6.87 -6.26
C GLY A 22 4.61 6.94 -7.32
N GLY A 23 4.58 5.95 -8.20
CA GLY A 23 5.54 5.90 -9.27
C GLY A 23 5.18 6.80 -10.45
N VAL A 24 3.90 7.13 -10.59
CA VAL A 24 3.45 7.97 -11.70
C VAL A 24 3.49 9.46 -11.37
N GLY A 25 4.33 10.20 -12.10
CA GLY A 25 4.45 11.64 -11.92
C GLY A 25 5.38 12.01 -10.78
N ASN A 26 5.10 11.49 -9.60
CA ASN A 26 5.91 11.75 -8.42
C ASN A 26 6.65 10.48 -8.03
N GLN A 27 7.34 9.90 -9.01
CA GLN A 27 8.08 8.67 -8.81
C GLN A 27 8.91 8.64 -7.54
N HIS A 28 8.54 7.76 -6.64
CA HIS A 28 9.25 7.56 -5.39
C HIS A 28 10.08 6.27 -5.49
N ILE A 29 9.65 5.36 -6.36
CA ILE A 29 10.35 4.09 -6.54
C ILE A 29 11.31 4.18 -7.73
N PRO A 30 12.58 3.73 -7.55
CA PRO A 30 13.58 3.80 -8.63
C PRO A 30 13.31 2.80 -9.76
N GLY A 31 12.38 3.16 -10.64
CA GLY A 31 12.04 2.29 -11.75
C GLY A 31 10.73 1.55 -11.56
N ASP A 32 9.66 2.30 -11.30
CA ASP A 32 8.35 1.70 -11.10
C ASP A 32 7.26 2.77 -11.10
N ASN A 33 6.21 2.55 -11.88
CA ASN A 33 5.10 3.50 -11.96
C ASN A 33 3.88 2.98 -11.20
N SER A 34 4.13 2.17 -10.17
CA SER A 34 3.05 1.62 -9.35
C SER A 34 3.07 2.23 -7.95
N ILE A 35 2.40 1.58 -7.01
CA ILE A 35 2.37 2.08 -5.64
C ILE A 35 3.24 1.21 -4.73
N TYR A 36 4.05 1.88 -3.93
CA TYR A 36 4.93 1.21 -2.99
C TYR A 36 4.86 1.90 -1.64
N VAL A 37 5.16 1.17 -0.58
CA VAL A 37 5.12 1.74 0.75
C VAL A 37 6.38 2.54 1.03
N THR A 38 6.24 3.68 1.72
CA THR A 38 7.39 4.53 2.03
C THR A 38 7.57 4.76 3.53
N LYS A 39 6.49 4.67 4.30
CA LYS A 39 6.59 4.87 5.75
C LYS A 39 5.58 4.02 6.51
N ILE A 40 6.03 3.43 7.62
CA ILE A 40 5.17 2.59 8.44
C ILE A 40 5.09 3.14 9.86
N ILE A 41 3.88 3.18 10.42
CA ILE A 41 3.70 3.68 11.77
C ILE A 41 4.04 2.58 12.77
N GLU A 42 5.11 2.80 13.54
CA GLU A 42 5.61 1.84 14.52
C GLU A 42 4.49 1.14 15.29
N GLY A 43 4.08 -0.02 14.78
CA GLY A 43 3.03 -0.79 15.41
C GLY A 43 1.75 0.00 15.60
N GLY A 44 1.48 0.93 14.70
CA GLY A 44 0.28 1.74 14.79
C GLY A 44 -0.95 1.01 14.30
N ALA A 45 -0.87 0.49 13.07
CA ALA A 45 -1.99 -0.23 12.47
C ALA A 45 -1.52 -1.05 11.28
N ALA A 46 -0.94 -0.38 10.30
CA ALA A 46 -0.45 -1.05 9.10
C ALA A 46 0.71 -1.98 9.43
N HIS A 47 1.66 -1.50 10.22
CA HIS A 47 2.81 -2.30 10.60
C HIS A 47 2.41 -3.58 11.33
N LYS A 48 1.67 -3.43 12.43
CA LYS A 48 1.23 -4.57 13.22
C LYS A 48 0.18 -5.41 12.50
N ASP A 49 -0.88 -4.75 12.04
CA ASP A 49 -1.98 -5.45 11.36
C ASP A 49 -1.59 -5.88 9.94
N GLY A 50 -1.05 -4.95 9.16
CA GLY A 50 -0.68 -5.24 7.80
C GLY A 50 0.62 -6.01 7.66
N ARG A 51 1.55 -5.77 8.58
CA ARG A 51 2.84 -6.44 8.53
C ARG A 51 3.58 -6.08 7.24
N LEU A 52 3.33 -4.86 6.76
CA LEU A 52 3.96 -4.37 5.54
C LEU A 52 5.00 -3.31 5.86
N GLN A 53 6.12 -3.34 5.15
CA GLN A 53 7.20 -2.39 5.36
C GLN A 53 7.58 -1.68 4.06
N ILE A 54 8.52 -0.75 4.16
CA ILE A 54 8.96 0.01 2.99
C ILE A 54 9.58 -0.92 1.95
N GLY A 55 8.93 -1.02 0.80
CA GLY A 55 9.42 -1.88 -0.26
C GLY A 55 8.33 -2.72 -0.90
N ASP A 56 7.20 -2.85 -0.22
CA ASP A 56 6.08 -3.64 -0.74
C ASP A 56 5.29 -2.87 -1.79
N LYS A 57 4.72 -3.59 -2.75
CA LYS A 57 3.93 -2.97 -3.81
C LYS A 57 2.45 -3.28 -3.63
N ILE A 58 1.63 -2.24 -3.69
CA ILE A 58 0.19 -2.40 -3.52
C ILE A 58 -0.52 -2.54 -4.87
N LEU A 59 -1.19 -3.68 -5.08
CA LEU A 59 -1.91 -3.91 -6.33
C LEU A 59 -3.40 -3.53 -6.22
N ALA A 60 -3.87 -3.24 -5.01
CA ALA A 60 -5.27 -2.87 -4.78
C ALA A 60 -5.56 -2.73 -3.29
N VAL A 61 -6.54 -1.90 -2.96
CA VAL A 61 -6.93 -1.68 -1.57
C VAL A 61 -8.41 -1.99 -1.39
N ASN A 62 -8.72 -2.96 -0.54
CA ASN A 62 -10.10 -3.36 -0.30
C ASN A 62 -10.76 -3.80 -1.61
N SER A 63 -11.29 -2.83 -2.35
CA SER A 63 -11.90 -3.10 -3.65
C SER A 63 -11.56 -2.00 -4.65
N VAL A 64 -10.57 -1.15 -4.31
CA VAL A 64 -10.15 -0.06 -5.16
C VAL A 64 -8.77 -0.33 -5.77
N GLY A 65 -8.62 0.02 -7.04
CA GLY A 65 -7.36 -0.17 -7.73
C GLY A 65 -6.60 1.13 -7.90
N LEU A 66 -5.53 1.30 -7.14
CA LEU A 66 -4.72 2.51 -7.20
C LEU A 66 -3.41 2.23 -7.92
N GLU A 67 -3.48 1.44 -8.98
CA GLU A 67 -2.32 1.10 -9.73
C GLU A 67 -2.22 1.97 -10.96
N ASP A 68 -1.06 1.91 -11.61
CA ASP A 68 -0.80 2.67 -12.82
C ASP A 68 -1.22 4.15 -12.66
N VAL A 69 -1.22 4.64 -11.43
CA VAL A 69 -1.59 6.02 -11.17
C VAL A 69 -0.61 6.68 -10.19
N MET A 70 -0.63 8.00 -10.14
CA MET A 70 0.26 8.74 -9.25
C MET A 70 -0.06 8.49 -7.79
N HIS A 71 0.84 8.97 -6.94
CA HIS A 71 0.71 8.86 -5.51
C HIS A 71 -0.61 9.50 -5.02
N GLU A 72 -1.00 10.60 -5.65
CA GLU A 72 -2.22 11.32 -5.25
C GLU A 72 -3.48 10.47 -5.40
N ASP A 73 -3.68 9.90 -6.58
CA ASP A 73 -4.86 9.06 -6.84
C ASP A 73 -4.87 7.88 -5.89
N ALA A 74 -3.70 7.34 -5.59
CA ALA A 74 -3.59 6.21 -4.69
C ALA A 74 -4.09 6.60 -3.32
N VAL A 75 -3.80 7.83 -2.92
CA VAL A 75 -4.27 8.34 -1.63
C VAL A 75 -5.78 8.31 -1.57
N ALA A 76 -6.41 8.69 -2.69
CA ALA A 76 -7.86 8.67 -2.78
C ALA A 76 -8.39 7.26 -2.62
N ALA A 77 -7.62 6.30 -3.12
CA ALA A 77 -7.99 4.89 -3.01
C ALA A 77 -8.01 4.44 -1.56
N LEU A 78 -7.03 4.91 -0.78
CA LEU A 78 -6.94 4.55 0.64
C LEU A 78 -8.00 5.27 1.46
N LYS A 79 -8.22 6.55 1.15
CA LYS A 79 -9.20 7.37 1.87
C LYS A 79 -10.58 6.75 1.80
N ASN A 80 -10.93 6.25 0.63
CA ASN A 80 -12.23 5.63 0.40
C ASN A 80 -12.47 4.44 1.35
N THR A 81 -11.40 3.89 1.91
CA THR A 81 -11.52 2.75 2.81
C THR A 81 -12.22 3.15 4.11
N TYR A 82 -12.22 2.22 5.08
CA TYR A 82 -12.87 2.46 6.37
C TYR A 82 -12.07 1.81 7.50
N ASP A 83 -12.74 1.30 8.54
CA ASP A 83 -12.07 0.67 9.67
C ASP A 83 -10.96 -0.28 9.23
N VAL A 84 -11.30 -1.50 8.88
CA VAL A 84 -10.30 -2.45 8.43
C VAL A 84 -10.27 -2.55 6.91
N VAL A 85 -9.12 -2.22 6.34
CA VAL A 85 -8.96 -2.26 4.90
C VAL A 85 -7.88 -3.28 4.51
N TYR A 86 -8.19 -4.13 3.54
CA TYR A 86 -7.23 -5.12 3.10
C TYR A 86 -6.57 -4.72 1.79
N LEU A 87 -5.26 -4.54 1.82
CA LEU A 87 -4.51 -4.20 0.64
C LEU A 87 -3.91 -5.47 0.06
N LYS A 88 -3.92 -5.58 -1.25
CA LYS A 88 -3.38 -6.77 -1.91
C LYS A 88 -2.07 -6.44 -2.58
N VAL A 89 -1.07 -7.28 -2.32
CA VAL A 89 0.27 -7.09 -2.86
C VAL A 89 0.75 -8.36 -3.57
N ALA A 90 1.57 -8.17 -4.59
CA ALA A 90 2.14 -9.28 -5.35
C ALA A 90 3.65 -9.20 -5.30
N LYS A 91 4.30 -10.32 -4.99
CA LYS A 91 5.76 -10.36 -4.90
C LYS A 91 6.38 -10.77 -6.23
N PRO A 92 7.17 -9.88 -6.89
CA PRO A 92 7.80 -10.20 -8.17
C PRO A 92 9.04 -11.08 -8.00
N SER A 93 9.01 -12.28 -8.57
CA SER A 93 10.14 -13.20 -8.47
C SER A 93 10.71 -13.52 -9.85
N ASN A 94 12.02 -13.74 -9.90
CA ASN A 94 12.70 -14.06 -11.16
C ASN A 94 12.69 -12.85 -12.10
N ALA A 95 11.52 -12.52 -12.62
CA ALA A 95 11.39 -11.39 -13.53
C ALA A 95 11.81 -10.09 -12.87
N ALA A 1 2.09 -17.49 -13.12
CA ALA A 1 1.42 -16.77 -12.01
C ALA A 1 2.34 -16.65 -10.79
N GLU A 2 2.28 -15.51 -10.11
CA GLU A 2 3.12 -15.27 -8.95
C GLU A 2 2.32 -15.50 -7.66
N LYS A 3 2.86 -15.03 -6.54
CA LYS A 3 2.19 -15.19 -5.24
C LYS A 3 1.60 -13.88 -4.77
N VAL A 4 0.28 -13.87 -4.57
CA VAL A 4 -0.42 -12.67 -4.12
C VAL A 4 -0.71 -12.74 -2.63
N MET A 5 -0.54 -11.61 -1.96
CA MET A 5 -0.76 -11.52 -0.52
C MET A 5 -1.74 -10.41 -0.18
N GLU A 6 -2.45 -10.57 0.94
CA GLU A 6 -3.41 -9.57 1.38
C GLU A 6 -2.95 -8.89 2.66
N ILE A 7 -2.80 -7.57 2.60
CA ILE A 7 -2.36 -6.80 3.75
C ILE A 7 -3.54 -6.11 4.42
N LYS A 8 -3.80 -6.46 5.68
CA LYS A 8 -4.92 -5.89 6.41
C LYS A 8 -4.48 -4.81 7.39
N LEU A 9 -5.18 -3.67 7.36
CA LEU A 9 -4.90 -2.55 8.25
C LEU A 9 -6.20 -1.99 8.83
N ILE A 10 -6.25 -1.83 10.14
CA ILE A 10 -7.46 -1.31 10.77
C ILE A 10 -7.32 0.19 11.06
N LYS A 11 -8.38 0.93 10.74
CA LYS A 11 -8.41 2.37 10.94
C LYS A 11 -8.39 2.70 12.43
N GLY A 12 -7.19 2.89 12.96
CA GLY A 12 -7.05 3.21 14.36
C GLY A 12 -6.91 4.70 14.60
N PRO A 13 -6.49 5.12 15.80
CA PRO A 13 -6.30 6.53 16.13
C PRO A 13 -5.31 7.22 15.19
N LYS A 14 -4.47 6.42 14.54
CA LYS A 14 -3.46 6.95 13.62
C LYS A 14 -3.91 6.85 12.15
N GLY A 15 -5.05 6.22 11.89
CA GLY A 15 -5.52 6.08 10.52
C GLY A 15 -4.97 4.83 9.86
N LEU A 16 -4.52 4.98 8.61
CA LEU A 16 -3.98 3.85 7.87
C LEU A 16 -2.80 3.21 8.61
N GLY A 17 -1.98 4.05 9.23
CA GLY A 17 -0.84 3.55 9.97
C GLY A 17 0.39 3.37 9.11
N PHE A 18 0.49 4.14 8.04
CA PHE A 18 1.64 4.06 7.15
C PHE A 18 1.59 5.13 6.06
N SER A 19 2.50 5.04 5.10
CA SER A 19 2.56 5.99 4.00
C SER A 19 2.66 5.25 2.66
N ILE A 20 2.34 5.96 1.58
CA ILE A 20 2.39 5.36 0.25
C ILE A 20 3.28 6.19 -0.68
N ALA A 21 3.80 5.53 -1.71
CA ALA A 21 4.64 6.21 -2.68
C ALA A 21 4.13 5.88 -4.08
N GLY A 22 4.10 6.88 -4.96
CA GLY A 22 3.58 6.65 -6.30
C GLY A 22 4.62 6.78 -7.38
N GLY A 23 4.58 5.83 -8.32
CA GLY A 23 5.52 5.84 -9.41
C GLY A 23 5.06 6.66 -10.61
N VAL A 24 3.75 6.90 -10.71
CA VAL A 24 3.21 7.67 -11.84
C VAL A 24 3.15 9.17 -11.56
N GLY A 25 3.91 9.94 -12.34
CA GLY A 25 3.92 11.39 -12.18
C GLY A 25 4.79 11.86 -11.04
N ASN A 26 4.49 11.36 -9.85
CA ASN A 26 5.25 11.70 -8.66
C ASN A 26 6.13 10.53 -8.27
N GLN A 27 6.86 10.01 -9.25
CA GLN A 27 7.74 8.88 -9.08
C GLN A 27 8.57 8.92 -7.81
N HIS A 28 8.27 8.01 -6.90
CA HIS A 28 9.00 7.88 -5.66
C HIS A 28 10.03 6.75 -5.81
N ILE A 29 9.70 5.75 -6.64
CA ILE A 29 10.59 4.63 -6.89
C ILE A 29 11.39 4.86 -8.17
N PRO A 30 12.73 4.73 -8.13
CA PRO A 30 13.57 4.94 -9.31
C PRO A 30 13.47 3.79 -10.31
N GLY A 31 12.39 3.78 -11.09
CA GLY A 31 12.21 2.74 -12.08
C GLY A 31 10.89 2.00 -12.00
N ASP A 32 9.95 2.52 -11.20
CA ASP A 32 8.64 1.88 -11.07
C ASP A 32 7.52 2.91 -11.14
N ASN A 33 6.46 2.56 -11.87
CA ASN A 33 5.31 3.45 -12.02
C ASN A 33 4.09 2.92 -11.26
N SER A 34 4.34 2.22 -10.16
CA SER A 34 3.27 1.66 -9.35
C SER A 34 3.27 2.29 -7.95
N ILE A 35 2.57 1.67 -7.01
CA ILE A 35 2.50 2.18 -5.65
C ILE A 35 3.30 1.29 -4.69
N TYR A 36 4.14 1.91 -3.89
CA TYR A 36 4.95 1.19 -2.91
C TYR A 36 4.91 1.91 -1.58
N VAL A 37 5.16 1.17 -0.51
CA VAL A 37 5.15 1.76 0.82
C VAL A 37 6.47 2.49 1.09
N THR A 38 6.38 3.64 1.75
CA THR A 38 7.56 4.43 2.06
C THR A 38 7.71 4.73 3.55
N LYS A 39 6.64 4.54 4.33
CA LYS A 39 6.71 4.80 5.76
C LYS A 39 5.69 3.97 6.54
N ILE A 40 6.15 3.37 7.63
CA ILE A 40 5.29 2.54 8.47
C ILE A 40 5.25 3.10 9.89
N ILE A 41 4.07 3.18 10.47
CA ILE A 41 3.93 3.69 11.83
C ILE A 41 4.23 2.59 12.83
N GLU A 42 5.27 2.81 13.65
CA GLU A 42 5.71 1.84 14.66
C GLU A 42 4.55 1.20 15.40
N GLY A 43 4.17 0.00 14.96
CA GLY A 43 3.07 -0.71 15.59
C GLY A 43 1.79 0.08 15.61
N GLY A 44 1.61 0.96 14.63
CA GLY A 44 0.41 1.76 14.56
C GLY A 44 -0.78 0.97 14.08
N ALA A 45 -0.88 0.78 12.77
CA ALA A 45 -1.98 0.03 12.18
C ALA A 45 -1.50 -0.89 11.07
N ALA A 46 -0.93 -0.31 10.02
CA ALA A 46 -0.41 -1.08 8.91
C ALA A 46 0.71 -2.01 9.34
N HIS A 47 1.64 -1.49 10.11
CA HIS A 47 2.78 -2.28 10.59
C HIS A 47 2.32 -3.44 11.47
N LYS A 48 1.57 -3.13 12.53
CA LYS A 48 1.10 -4.16 13.44
C LYS A 48 0.04 -5.05 12.80
N ASP A 49 -1.00 -4.43 12.25
CA ASP A 49 -2.10 -5.16 11.62
C ASP A 49 -1.72 -5.75 10.27
N GLY A 50 -1.17 -4.91 9.39
CA GLY A 50 -0.81 -5.36 8.05
C GLY A 50 0.52 -6.08 7.96
N ARG A 51 1.47 -5.74 8.85
CA ARG A 51 2.79 -6.35 8.83
C ARG A 51 3.52 -6.01 7.53
N LEU A 52 3.24 -4.81 7.01
CA LEU A 52 3.88 -4.35 5.78
C LEU A 52 4.98 -3.35 6.09
N GLN A 53 6.09 -3.43 5.35
CA GLN A 53 7.21 -2.52 5.55
C GLN A 53 7.56 -1.80 4.25
N ILE A 54 8.52 -0.88 4.34
CA ILE A 54 8.95 -0.12 3.18
C ILE A 54 9.53 -1.03 2.12
N GLY A 55 8.88 -1.09 0.97
CA GLY A 55 9.35 -1.93 -0.12
C GLY A 55 8.24 -2.77 -0.75
N ASP A 56 7.12 -2.92 -0.04
CA ASP A 56 6.01 -3.71 -0.55
C ASP A 56 5.30 -2.98 -1.68
N LYS A 57 4.63 -3.74 -2.55
CA LYS A 57 3.91 -3.15 -3.67
C LYS A 57 2.42 -3.36 -3.50
N ILE A 58 1.65 -2.28 -3.64
CA ILE A 58 0.20 -2.37 -3.49
C ILE A 58 -0.51 -2.38 -4.83
N LEU A 59 -1.19 -3.49 -5.14
CA LEU A 59 -1.90 -3.59 -6.42
C LEU A 59 -3.38 -3.20 -6.30
N ALA A 60 -3.88 -3.08 -5.07
CA ALA A 60 -5.28 -2.70 -4.83
C ALA A 60 -5.59 -2.61 -3.35
N VAL A 61 -6.51 -1.71 -2.99
CA VAL A 61 -6.92 -1.53 -1.61
C VAL A 61 -8.40 -1.87 -1.46
N ASN A 62 -8.70 -2.87 -0.64
CA ASN A 62 -10.09 -3.31 -0.43
C ASN A 62 -10.72 -3.70 -1.78
N SER A 63 -11.30 -2.72 -2.47
CA SER A 63 -11.90 -2.95 -3.77
C SER A 63 -11.52 -1.82 -4.75
N VAL A 64 -10.55 -0.98 -4.35
CA VAL A 64 -10.09 0.13 -5.17
C VAL A 64 -8.68 -0.14 -5.69
N GLY A 65 -8.43 0.24 -6.94
CA GLY A 65 -7.13 0.02 -7.52
C GLY A 65 -6.28 1.28 -7.60
N LEU A 66 -5.28 1.37 -6.72
CA LEU A 66 -4.36 2.52 -6.73
C LEU A 66 -3.08 2.16 -7.45
N GLU A 67 -3.19 1.26 -8.42
CA GLU A 67 -2.05 0.81 -9.19
C GLU A 67 -1.98 1.57 -10.50
N ASP A 68 -0.83 1.50 -11.14
CA ASP A 68 -0.58 2.19 -12.41
C ASP A 68 -1.11 3.63 -12.37
N VAL A 69 -1.14 4.23 -11.18
CA VAL A 69 -1.62 5.58 -11.01
C VAL A 69 -0.65 6.38 -10.14
N MET A 70 -0.79 7.70 -10.13
CA MET A 70 0.09 8.54 -9.34
C MET A 70 -0.14 8.36 -7.85
N HIS A 71 0.81 8.85 -7.08
CA HIS A 71 0.76 8.78 -5.63
C HIS A 71 -0.51 9.47 -5.11
N GLU A 72 -0.93 10.54 -5.77
CA GLU A 72 -2.10 11.30 -5.35
C GLU A 72 -3.39 10.47 -5.48
N ASP A 73 -3.60 9.91 -6.66
CA ASP A 73 -4.79 9.09 -6.90
C ASP A 73 -4.83 7.91 -5.95
N ALA A 74 -3.64 7.36 -5.66
CA ALA A 74 -3.53 6.24 -4.76
C ALA A 74 -4.01 6.63 -3.37
N VAL A 75 -3.68 7.86 -2.97
CA VAL A 75 -4.10 8.38 -1.67
C VAL A 75 -5.62 8.36 -1.58
N ALA A 76 -6.26 8.75 -2.68
CA ALA A 76 -7.72 8.77 -2.73
C ALA A 76 -8.27 7.34 -2.58
N ALA A 77 -7.53 6.40 -3.14
CA ALA A 77 -7.91 4.99 -3.05
C ALA A 77 -7.91 4.52 -1.60
N LEU A 78 -6.90 4.96 -0.85
CA LEU A 78 -6.80 4.60 0.56
C LEU A 78 -7.82 5.35 1.40
N LYS A 79 -8.02 6.63 1.09
CA LYS A 79 -8.96 7.47 1.82
C LYS A 79 -10.37 6.88 1.87
N ASN A 80 -10.83 6.43 0.72
CA ASN A 80 -12.17 5.86 0.60
C ASN A 80 -12.36 4.62 1.48
N THR A 81 -11.26 3.99 1.89
CA THR A 81 -11.34 2.78 2.72
C THR A 81 -12.17 3.03 3.99
N TYR A 82 -12.20 2.04 4.87
CA TYR A 82 -12.95 2.13 6.11
C TYR A 82 -12.13 1.53 7.26
N ASP A 83 -12.80 1.01 8.30
CA ASP A 83 -12.11 0.42 9.45
C ASP A 83 -10.98 -0.51 9.00
N VAL A 84 -11.31 -1.72 8.61
CA VAL A 84 -10.30 -2.65 8.15
C VAL A 84 -10.16 -2.60 6.63
N VAL A 85 -8.98 -2.27 6.17
CA VAL A 85 -8.72 -2.20 4.75
C VAL A 85 -7.70 -3.25 4.34
N TYR A 86 -8.11 -4.14 3.47
CA TYR A 86 -7.23 -5.21 3.01
C TYR A 86 -6.68 -4.86 1.62
N LEU A 87 -5.36 -4.74 1.52
CA LEU A 87 -4.72 -4.42 0.27
C LEU A 87 -4.22 -5.68 -0.41
N LYS A 88 -4.15 -5.65 -1.73
CA LYS A 88 -3.69 -6.80 -2.49
C LYS A 88 -2.31 -6.51 -3.06
N VAL A 89 -1.34 -7.31 -2.64
CA VAL A 89 0.05 -7.14 -3.06
C VAL A 89 0.58 -8.38 -3.77
N ALA A 90 1.54 -8.18 -4.67
CA ALA A 90 2.16 -9.27 -5.40
C ALA A 90 3.67 -9.29 -5.14
N LYS A 91 4.16 -10.40 -4.61
CA LYS A 91 5.58 -10.53 -4.31
C LYS A 91 6.34 -11.18 -5.47
N PRO A 92 7.36 -10.50 -6.04
CA PRO A 92 8.13 -11.04 -7.15
C PRO A 92 9.21 -12.02 -6.69
N SER A 93 9.25 -13.19 -7.33
CA SER A 93 10.23 -14.22 -6.98
C SER A 93 11.40 -14.19 -7.96
N ASN A 94 12.53 -14.78 -7.53
CA ASN A 94 13.73 -14.83 -8.35
C ASN A 94 14.30 -13.43 -8.59
N ALA A 95 13.64 -12.66 -9.46
CA ALA A 95 14.08 -11.30 -9.75
C ALA A 95 15.49 -11.30 -10.36
N ALA A 1 2.42 -15.52 -13.40
CA ALA A 1 1.99 -16.39 -12.26
C ALA A 1 2.77 -16.06 -10.99
N GLU A 2 2.81 -14.77 -10.64
CA GLU A 2 3.51 -14.32 -9.46
C GLU A 2 2.76 -14.74 -8.19
N LYS A 3 3.28 -14.35 -7.04
CA LYS A 3 2.66 -14.68 -5.76
C LYS A 3 1.96 -13.47 -5.16
N VAL A 4 0.63 -13.50 -5.12
CA VAL A 4 -0.15 -12.41 -4.58
C VAL A 4 -0.56 -12.69 -3.13
N MET A 5 -0.24 -11.76 -2.24
CA MET A 5 -0.58 -11.90 -0.83
C MET A 5 -1.47 -10.76 -0.37
N GLU A 6 -2.29 -11.03 0.64
CA GLU A 6 -3.21 -10.03 1.18
C GLU A 6 -2.64 -9.38 2.43
N ILE A 7 -2.96 -8.10 2.62
CA ILE A 7 -2.50 -7.34 3.77
C ILE A 7 -3.69 -6.77 4.51
N LYS A 8 -3.87 -7.15 5.77
CA LYS A 8 -5.01 -6.66 6.56
C LYS A 8 -4.56 -5.67 7.62
N LEU A 9 -5.08 -4.45 7.50
CA LEU A 9 -4.79 -3.39 8.46
C LEU A 9 -6.06 -2.66 8.80
N ILE A 10 -6.25 -2.32 10.07
CA ILE A 10 -7.44 -1.61 10.49
C ILE A 10 -7.19 -0.11 10.58
N LYS A 11 -8.09 0.66 9.99
CA LYS A 11 -8.00 2.11 9.99
C LYS A 11 -7.81 2.65 11.42
N GLY A 12 -6.55 2.80 11.82
CA GLY A 12 -6.24 3.30 13.15
C GLY A 12 -6.81 4.68 13.40
N PRO A 13 -6.74 5.19 14.65
CA PRO A 13 -7.26 6.51 14.98
C PRO A 13 -6.64 7.62 14.13
N LYS A 14 -5.37 7.42 13.75
CA LYS A 14 -4.66 8.40 12.94
C LYS A 14 -4.57 8.00 11.47
N GLY A 15 -5.40 7.04 11.05
CA GLY A 15 -5.37 6.61 9.67
C GLY A 15 -4.95 5.17 9.52
N LEU A 16 -4.51 4.80 8.32
CA LEU A 16 -4.09 3.43 8.04
C LEU A 16 -2.85 3.04 8.87
N GLY A 17 -2.06 4.04 9.23
CA GLY A 17 -0.86 3.78 10.02
C GLY A 17 0.35 3.50 9.17
N PHE A 18 0.51 4.27 8.10
CA PHE A 18 1.64 4.12 7.20
C PHE A 18 1.63 5.20 6.12
N SER A 19 2.54 5.07 5.17
CA SER A 19 2.65 6.04 4.08
C SER A 19 2.81 5.30 2.75
N ILE A 20 2.44 5.96 1.67
CA ILE A 20 2.53 5.36 0.34
C ILE A 20 3.41 6.20 -0.58
N ALA A 21 3.89 5.58 -1.65
CA ALA A 21 4.72 6.24 -2.63
C ALA A 21 4.18 5.97 -4.02
N GLY A 22 4.18 6.97 -4.88
CA GLY A 22 3.64 6.80 -6.22
C GLY A 22 4.66 6.83 -7.31
N GLY A 23 4.57 5.84 -8.19
CA GLY A 23 5.49 5.75 -9.30
C GLY A 23 5.07 6.61 -10.49
N VAL A 24 3.78 6.92 -10.60
CA VAL A 24 3.28 7.71 -11.72
C VAL A 24 3.29 9.21 -11.42
N GLY A 25 4.08 9.95 -12.19
CA GLY A 25 4.17 11.40 -12.03
C GLY A 25 5.09 11.81 -10.90
N ASN A 26 4.78 11.32 -9.71
CA ASN A 26 5.58 11.62 -8.53
C ASN A 26 6.42 10.40 -8.17
N GLN A 27 7.05 9.83 -9.19
CA GLN A 27 7.87 8.64 -9.04
C GLN A 27 8.77 8.65 -7.80
N HIS A 28 8.45 7.76 -6.88
CA HIS A 28 9.22 7.59 -5.67
C HIS A 28 10.17 6.39 -5.84
N ILE A 29 9.73 5.43 -6.66
CA ILE A 29 10.51 4.23 -6.94
C ILE A 29 11.28 4.40 -8.26
N PRO A 30 12.62 4.23 -8.25
CA PRO A 30 13.42 4.38 -9.46
C PRO A 30 13.24 3.21 -10.42
N GLY A 31 12.12 3.22 -11.16
CA GLY A 31 11.87 2.16 -12.12
C GLY A 31 10.53 1.48 -11.95
N ASP A 32 9.62 2.09 -11.19
CA ASP A 32 8.29 1.50 -10.98
C ASP A 32 7.21 2.58 -11.01
N ASN A 33 6.15 2.33 -11.79
CA ASN A 33 5.04 3.28 -11.90
C ASN A 33 3.83 2.81 -11.09
N SER A 34 4.08 2.01 -10.06
CA SER A 34 3.01 1.51 -9.21
C SER A 34 3.09 2.14 -7.82
N ILE A 35 2.38 1.57 -6.84
CA ILE A 35 2.42 2.11 -5.50
C ILE A 35 3.34 1.28 -4.62
N TYR A 36 4.17 1.97 -3.85
CA TYR A 36 5.10 1.33 -2.95
C TYR A 36 5.05 2.00 -1.59
N VAL A 37 5.29 1.24 -0.54
CA VAL A 37 5.25 1.80 0.80
C VAL A 37 6.55 2.55 1.11
N THR A 38 6.44 3.67 1.82
CA THR A 38 7.62 4.47 2.14
C THR A 38 7.80 4.67 3.65
N LYS A 39 6.71 4.61 4.42
CA LYS A 39 6.80 4.80 5.86
C LYS A 39 5.75 3.99 6.61
N ILE A 40 6.18 3.36 7.69
CA ILE A 40 5.29 2.54 8.51
C ILE A 40 5.26 3.07 9.94
N ILE A 41 4.07 3.16 10.53
CA ILE A 41 3.94 3.64 11.90
C ILE A 41 4.27 2.52 12.87
N GLU A 42 5.38 2.70 13.61
CA GLU A 42 5.87 1.70 14.57
C GLU A 42 4.73 1.04 15.36
N GLY A 43 4.36 -0.17 14.93
CA GLY A 43 3.30 -0.90 15.60
C GLY A 43 1.99 -0.14 15.64
N GLY A 44 1.80 0.78 14.69
CA GLY A 44 0.58 1.55 14.64
C GLY A 44 -0.60 0.73 14.14
N ALA A 45 -1.04 1.04 12.92
CA ALA A 45 -2.17 0.31 12.34
C ALA A 45 -1.70 -0.63 11.24
N ALA A 46 -1.11 -0.08 10.20
CA ALA A 46 -0.62 -0.87 9.08
C ALA A 46 0.56 -1.77 9.50
N HIS A 47 1.50 -1.20 10.24
CA HIS A 47 2.67 -1.96 10.68
C HIS A 47 2.28 -3.18 11.52
N LYS A 48 1.56 -2.95 12.61
CA LYS A 48 1.15 -4.04 13.49
C LYS A 48 0.08 -4.94 12.85
N ASP A 49 -1.00 -4.33 12.39
CA ASP A 49 -2.09 -5.08 11.77
C ASP A 49 -1.75 -5.57 10.36
N GLY A 50 -1.28 -4.67 9.52
CA GLY A 50 -0.95 -5.02 8.15
C GLY A 50 0.36 -5.78 8.01
N ARG A 51 1.31 -5.51 8.87
CA ARG A 51 2.61 -6.17 8.82
C ARG A 51 3.32 -5.86 7.50
N LEU A 52 3.02 -4.70 6.94
CA LEU A 52 3.64 -4.27 5.69
C LEU A 52 4.78 -3.30 5.96
N GLN A 53 5.89 -3.46 5.22
CA GLN A 53 7.04 -2.59 5.41
C GLN A 53 7.41 -1.87 4.13
N ILE A 54 8.43 -1.02 4.22
CA ILE A 54 8.90 -0.25 3.07
C ILE A 54 9.46 -1.18 2.00
N GLY A 55 8.96 -1.04 0.77
CA GLY A 55 9.43 -1.87 -0.32
C GLY A 55 8.33 -2.71 -0.94
N ASP A 56 7.20 -2.82 -0.25
CA ASP A 56 6.08 -3.61 -0.76
C ASP A 56 5.31 -2.84 -1.83
N LYS A 57 4.78 -3.54 -2.82
CA LYS A 57 4.01 -2.91 -3.88
C LYS A 57 2.52 -3.16 -3.65
N ILE A 58 1.73 -2.10 -3.67
CA ILE A 58 0.30 -2.23 -3.43
C ILE A 58 -0.50 -2.22 -4.73
N LEU A 59 -1.23 -3.31 -4.97
CA LEU A 59 -2.07 -3.41 -6.17
C LEU A 59 -3.42 -2.75 -5.91
N ALA A 60 -4.14 -3.29 -4.94
CA ALA A 60 -5.46 -2.77 -4.60
C ALA A 60 -5.63 -2.61 -3.09
N VAL A 61 -6.54 -1.71 -2.70
CA VAL A 61 -6.83 -1.46 -1.30
C VAL A 61 -8.32 -1.63 -1.04
N ASN A 62 -8.67 -2.56 -0.14
CA ASN A 62 -10.07 -2.84 0.18
C ASN A 62 -10.80 -3.29 -1.09
N SER A 63 -11.29 -2.34 -1.87
CA SER A 63 -11.97 -2.63 -3.13
C SER A 63 -11.62 -1.59 -4.20
N VAL A 64 -10.58 -0.78 -3.94
CA VAL A 64 -10.16 0.25 -4.86
C VAL A 64 -8.82 -0.08 -5.52
N GLY A 65 -8.70 0.22 -6.81
CA GLY A 65 -7.47 -0.05 -7.53
C GLY A 65 -6.66 1.21 -7.76
N LEU A 66 -5.58 1.37 -7.00
CA LEU A 66 -4.72 2.54 -7.12
C LEU A 66 -3.49 2.22 -7.96
N GLU A 67 -3.69 1.40 -8.98
CA GLU A 67 -2.60 1.01 -9.85
C GLU A 67 -2.46 1.92 -11.04
N ASP A 68 -1.27 1.91 -11.62
CA ASP A 68 -0.96 2.73 -12.79
C ASP A 68 -1.38 4.19 -12.56
N VAL A 69 -1.33 4.63 -11.31
CA VAL A 69 -1.72 6.00 -10.98
C VAL A 69 -0.69 6.65 -10.07
N MET A 70 -0.71 7.98 -9.99
CA MET A 70 0.22 8.72 -9.16
C MET A 70 -0.02 8.49 -7.69
N HIS A 71 0.93 8.97 -6.89
CA HIS A 71 0.88 8.86 -5.45
C HIS A 71 -0.40 9.50 -4.89
N GLU A 72 -0.83 10.62 -5.49
CA GLU A 72 -2.02 11.33 -5.02
C GLU A 72 -3.29 10.51 -5.16
N ASP A 73 -3.52 9.98 -6.36
CA ASP A 73 -4.72 9.19 -6.61
C ASP A 73 -4.76 7.97 -5.70
N ALA A 74 -3.60 7.39 -5.43
CA ALA A 74 -3.52 6.23 -4.56
C ALA A 74 -3.95 6.62 -3.15
N VAL A 75 -3.55 7.81 -2.72
CA VAL A 75 -3.93 8.31 -1.40
C VAL A 75 -5.44 8.31 -1.26
N ALA A 76 -6.11 8.74 -2.33
CA ALA A 76 -7.56 8.77 -2.35
C ALA A 76 -8.11 7.35 -2.27
N ALA A 77 -7.38 6.42 -2.86
CA ALA A 77 -7.77 5.02 -2.85
C ALA A 77 -7.77 4.46 -1.43
N LEU A 78 -6.77 4.85 -0.65
CA LEU A 78 -6.65 4.40 0.73
C LEU A 78 -7.74 5.01 1.61
N LYS A 79 -7.91 6.33 1.52
CA LYS A 79 -8.91 7.04 2.31
C LYS A 79 -10.31 6.50 2.05
N ASN A 80 -10.54 6.08 0.82
CA ASN A 80 -11.84 5.54 0.43
C ASN A 80 -12.20 4.30 1.26
N THR A 81 -11.21 3.67 1.86
CA THR A 81 -11.44 2.48 2.68
C THR A 81 -12.29 2.82 3.91
N TYR A 82 -12.33 1.90 4.87
CA TYR A 82 -13.11 2.09 6.08
C TYR A 82 -12.43 1.42 7.29
N ASP A 83 -13.21 0.93 8.27
CA ASP A 83 -12.67 0.29 9.46
C ASP A 83 -11.50 -0.63 9.15
N VAL A 84 -11.79 -1.83 8.64
CA VAL A 84 -10.74 -2.77 8.30
C VAL A 84 -10.40 -2.67 6.81
N VAL A 85 -9.14 -2.41 6.52
CA VAL A 85 -8.69 -2.26 5.15
C VAL A 85 -7.76 -3.40 4.74
N TYR A 86 -7.96 -3.91 3.53
CA TYR A 86 -7.13 -5.00 3.02
C TYR A 86 -6.33 -4.53 1.79
N LEU A 87 -5.02 -4.57 1.89
CA LEU A 87 -4.17 -4.18 0.77
C LEU A 87 -3.72 -5.43 0.03
N LYS A 88 -3.71 -5.36 -1.28
CA LYS A 88 -3.29 -6.48 -2.11
C LYS A 88 -1.93 -6.18 -2.68
N VAL A 89 -1.01 -7.13 -2.54
CA VAL A 89 0.35 -6.96 -3.02
C VAL A 89 0.88 -8.22 -3.72
N ALA A 90 1.77 -8.01 -4.68
CA ALA A 90 2.37 -9.11 -5.42
C ALA A 90 3.90 -9.05 -5.29
N LYS A 91 4.48 -10.12 -4.77
CA LYS A 91 5.93 -10.17 -4.58
C LYS A 91 6.63 -10.83 -5.77
N PRO A 92 7.73 -10.23 -6.28
CA PRO A 92 8.46 -10.78 -7.41
C PRO A 92 9.38 -11.93 -7.02
N SER A 93 9.02 -13.13 -7.42
CA SER A 93 9.82 -14.31 -7.10
C SER A 93 11.23 -14.20 -7.69
N ASN A 94 12.20 -14.83 -7.02
CA ASN A 94 13.58 -14.80 -7.48
C ASN A 94 14.41 -15.88 -6.79
N ALA A 95 14.87 -16.85 -7.55
CA ALA A 95 15.67 -17.94 -7.02
C ALA A 95 17.00 -18.08 -7.77
N ALA A 1 1.79 -18.02 -12.26
CA ALA A 1 1.36 -17.68 -10.89
C ALA A 1 2.48 -16.99 -10.13
N GLU A 2 2.11 -16.00 -9.32
CA GLU A 2 3.09 -15.26 -8.53
C GLU A 2 2.72 -15.27 -7.05
N LYS A 3 3.59 -14.67 -6.23
CA LYS A 3 3.35 -14.61 -4.80
C LYS A 3 2.37 -13.51 -4.44
N VAL A 4 1.14 -13.88 -4.11
CA VAL A 4 0.12 -12.92 -3.74
C VAL A 4 0.01 -12.81 -2.22
N MET A 5 -0.12 -11.58 -1.72
CA MET A 5 -0.22 -11.34 -0.29
C MET A 5 -1.36 -10.39 0.04
N GLU A 6 -1.97 -10.61 1.21
CA GLU A 6 -3.07 -9.77 1.66
C GLU A 6 -2.67 -9.01 2.93
N ILE A 7 -2.73 -7.69 2.86
CA ILE A 7 -2.36 -6.84 3.99
C ILE A 7 -3.59 -6.16 4.57
N LYS A 8 -3.89 -6.45 5.84
CA LYS A 8 -5.05 -5.83 6.48
C LYS A 8 -4.61 -4.73 7.44
N LEU A 9 -5.23 -3.56 7.30
CA LEU A 9 -4.92 -2.42 8.15
C LEU A 9 -6.19 -1.89 8.79
N ILE A 10 -6.14 -1.66 10.10
CA ILE A 10 -7.31 -1.13 10.79
C ILE A 10 -7.20 0.39 10.96
N LYS A 11 -8.20 1.08 10.47
CA LYS A 11 -8.25 2.53 10.53
C LYS A 11 -8.20 3.03 11.97
N GLY A 12 -6.99 3.21 12.49
CA GLY A 12 -6.83 3.69 13.85
C GLY A 12 -7.02 5.19 13.95
N PRO A 13 -6.92 5.78 15.15
CA PRO A 13 -7.07 7.23 15.33
C PRO A 13 -6.10 8.03 14.48
N LYS A 14 -5.01 7.39 14.03
CA LYS A 14 -4.01 8.06 13.21
C LYS A 14 -4.14 7.71 11.73
N GLY A 15 -5.21 7.00 11.35
CA GLY A 15 -5.39 6.64 9.95
C GLY A 15 -5.02 5.20 9.67
N LEU A 16 -4.57 4.94 8.45
CA LEU A 16 -4.18 3.59 8.05
C LEU A 16 -3.01 3.06 8.88
N GLY A 17 -2.08 3.95 9.21
CA GLY A 17 -0.93 3.56 10.00
C GLY A 17 0.32 3.33 9.17
N PHE A 18 0.47 4.09 8.10
CA PHE A 18 1.64 3.96 7.22
C PHE A 18 1.64 5.05 6.15
N SER A 19 2.48 4.86 5.15
CA SER A 19 2.60 5.82 4.05
C SER A 19 2.70 5.10 2.71
N ILE A 20 2.42 5.82 1.63
CA ILE A 20 2.47 5.25 0.29
C ILE A 20 3.33 6.10 -0.64
N ALA A 21 3.81 5.48 -1.72
CA ALA A 21 4.61 6.16 -2.71
C ALA A 21 4.02 5.95 -4.09
N GLY A 22 3.99 7.00 -4.90
CA GLY A 22 3.40 6.89 -6.22
C GLY A 22 4.41 6.95 -7.34
N GLY A 23 4.31 5.99 -8.23
CA GLY A 23 5.22 5.92 -9.36
C GLY A 23 4.80 6.80 -10.53
N VAL A 24 3.51 7.11 -10.62
CA VAL A 24 3.00 7.94 -11.73
C VAL A 24 3.03 9.43 -11.42
N GLY A 25 3.83 10.17 -12.18
CA GLY A 25 3.93 11.61 -12.00
C GLY A 25 4.86 12.00 -10.86
N ASN A 26 4.56 11.48 -9.69
CA ASN A 26 5.37 11.77 -8.50
C ASN A 26 6.20 10.54 -8.16
N GLN A 27 6.84 9.99 -9.18
CA GLN A 27 7.65 8.80 -9.05
C GLN A 27 8.56 8.80 -7.82
N HIS A 28 8.25 7.91 -6.90
CA HIS A 28 9.03 7.74 -5.68
C HIS A 28 9.90 6.47 -5.81
N ILE A 29 9.46 5.52 -6.64
CA ILE A 29 10.19 4.28 -6.85
C ILE A 29 11.08 4.38 -8.08
N PRO A 30 12.38 4.02 -7.97
CA PRO A 30 13.31 4.10 -9.10
C PRO A 30 13.09 2.98 -10.12
N GLY A 31 12.05 3.13 -10.92
CA GLY A 31 11.75 2.13 -11.95
C GLY A 31 10.44 1.42 -11.71
N ASP A 32 9.38 2.17 -11.44
CA ASP A 32 8.07 1.60 -11.19
C ASP A 32 6.99 2.68 -11.13
N ASN A 33 5.98 2.54 -11.97
CA ASN A 33 4.88 3.51 -12.02
C ASN A 33 3.69 3.04 -11.18
N SER A 34 3.95 2.20 -10.18
CA SER A 34 2.90 1.68 -9.32
C SER A 34 3.01 2.27 -7.91
N ILE A 35 2.27 1.71 -6.97
CA ILE A 35 2.31 2.19 -5.59
C ILE A 35 3.22 1.30 -4.74
N TYR A 36 4.01 1.95 -3.91
CA TYR A 36 4.92 1.25 -3.01
C TYR A 36 4.86 1.87 -1.63
N VAL A 37 5.15 1.08 -0.62
CA VAL A 37 5.13 1.57 0.75
C VAL A 37 6.43 2.32 1.05
N THR A 38 6.33 3.42 1.78
CA THR A 38 7.50 4.23 2.10
C THR A 38 7.70 4.46 3.59
N LYS A 39 6.63 4.37 4.37
CA LYS A 39 6.74 4.60 5.81
C LYS A 39 5.70 3.80 6.59
N ILE A 40 6.12 3.19 7.69
CA ILE A 40 5.24 2.41 8.53
C ILE A 40 5.23 2.98 9.95
N ILE A 41 4.05 3.10 10.53
CA ILE A 41 3.94 3.62 11.88
C ILE A 41 4.22 2.51 12.88
N GLU A 42 5.33 2.65 13.61
CA GLU A 42 5.78 1.66 14.60
C GLU A 42 4.64 0.99 15.36
N GLY A 43 4.21 -0.17 14.86
CA GLY A 43 3.14 -0.91 15.48
C GLY A 43 1.89 -0.08 15.72
N GLY A 44 1.55 0.78 14.76
CA GLY A 44 0.38 1.62 14.91
C GLY A 44 -0.89 0.95 14.40
N ALA A 45 -0.89 0.62 13.11
CA ALA A 45 -2.03 -0.04 12.50
C ALA A 45 -1.59 -0.94 11.36
N ALA A 46 -0.99 -0.35 10.34
CA ALA A 46 -0.52 -1.09 9.19
C ALA A 46 0.61 -2.05 9.57
N HIS A 47 1.57 -1.56 10.34
CA HIS A 47 2.70 -2.38 10.75
C HIS A 47 2.27 -3.57 11.59
N LYS A 48 1.55 -3.32 12.68
CA LYS A 48 1.10 -4.40 13.55
C LYS A 48 0.02 -5.26 12.90
N ASP A 49 -1.03 -4.61 12.40
CA ASP A 49 -2.15 -5.31 11.77
C ASP A 49 -1.79 -5.84 10.37
N GLY A 50 -1.25 -4.95 9.54
CA GLY A 50 -0.92 -5.32 8.17
C GLY A 50 0.39 -6.08 8.05
N ARG A 51 1.38 -5.72 8.86
CA ARG A 51 2.69 -6.38 8.81
C ARG A 51 3.39 -6.09 7.48
N LEU A 52 3.26 -4.85 7.01
CA LEU A 52 3.88 -4.44 5.76
C LEU A 52 5.02 -3.47 6.04
N GLN A 53 6.12 -3.61 5.29
CA GLN A 53 7.28 -2.74 5.46
C GLN A 53 7.61 -2.01 4.16
N ILE A 54 8.55 -1.07 4.26
CA ILE A 54 8.97 -0.29 3.09
C ILE A 54 9.59 -1.19 2.03
N GLY A 55 9.00 -1.20 0.85
CA GLY A 55 9.52 -2.03 -0.24
C GLY A 55 8.43 -2.82 -0.94
N ASP A 56 7.29 -2.99 -0.28
CA ASP A 56 6.17 -3.74 -0.87
C ASP A 56 5.42 -2.88 -1.88
N LYS A 57 4.80 -3.54 -2.86
CA LYS A 57 4.03 -2.83 -3.88
C LYS A 57 2.55 -3.16 -3.76
N ILE A 58 1.72 -2.14 -3.72
CA ILE A 58 0.28 -2.33 -3.59
C ILE A 58 -0.39 -2.46 -4.96
N LEU A 59 -1.02 -3.60 -5.20
CA LEU A 59 -1.71 -3.84 -6.46
C LEU A 59 -3.18 -3.37 -6.39
N ALA A 60 -3.72 -3.36 -5.18
CA ALA A 60 -5.12 -2.94 -4.98
C ALA A 60 -5.44 -2.84 -3.49
N VAL A 61 -6.35 -1.93 -3.16
CA VAL A 61 -6.75 -1.73 -1.77
C VAL A 61 -8.24 -2.05 -1.62
N ASN A 62 -8.57 -3.04 -0.79
CA ASN A 62 -9.96 -3.46 -0.58
C ASN A 62 -10.60 -3.83 -1.93
N SER A 63 -11.13 -2.84 -2.62
CA SER A 63 -11.75 -3.05 -3.93
C SER A 63 -11.35 -1.92 -4.89
N VAL A 64 -10.36 -1.10 -4.50
CA VAL A 64 -9.90 0.02 -5.31
C VAL A 64 -8.51 -0.26 -5.86
N GLY A 65 -8.29 0.14 -7.12
CA GLY A 65 -7.01 -0.08 -7.74
C GLY A 65 -6.17 1.18 -7.81
N LEU A 66 -5.38 1.43 -6.76
CA LEU A 66 -4.51 2.60 -6.72
C LEU A 66 -3.34 2.46 -7.70
N GLU A 67 -3.19 1.29 -8.30
CA GLU A 67 -2.12 1.04 -9.24
C GLU A 67 -2.25 1.95 -10.46
N ASP A 68 -1.20 1.97 -11.27
CA ASP A 68 -1.16 2.77 -12.49
C ASP A 68 -1.62 4.22 -12.28
N VAL A 69 -1.49 4.72 -11.06
CA VAL A 69 -1.88 6.10 -10.78
C VAL A 69 -0.83 6.79 -9.91
N MET A 70 -0.89 8.12 -9.84
CA MET A 70 0.06 8.88 -9.05
C MET A 70 -0.13 8.65 -7.57
N HIS A 71 0.83 9.12 -6.80
CA HIS A 71 0.80 9.01 -5.35
C HIS A 71 -0.46 9.67 -4.78
N GLU A 72 -0.88 10.79 -5.37
CA GLU A 72 -2.05 11.53 -4.88
C GLU A 72 -3.35 10.76 -5.07
N ASP A 73 -3.60 10.30 -6.29
CA ASP A 73 -4.82 9.53 -6.56
C ASP A 73 -4.82 8.25 -5.75
N ALA A 74 -3.63 7.69 -5.55
CA ALA A 74 -3.49 6.48 -4.77
C ALA A 74 -3.96 6.73 -3.34
N VAL A 75 -3.64 7.91 -2.82
CA VAL A 75 -4.05 8.30 -1.48
C VAL A 75 -5.58 8.27 -1.38
N ALA A 76 -6.22 8.77 -2.42
CA ALA A 76 -7.68 8.79 -2.47
C ALA A 76 -8.24 7.37 -2.50
N ALA A 77 -7.48 6.46 -3.12
CA ALA A 77 -7.89 5.07 -3.22
C ALA A 77 -7.90 4.41 -1.84
N LEU A 78 -6.80 4.56 -1.10
CA LEU A 78 -6.69 3.98 0.23
C LEU A 78 -7.51 4.76 1.26
N LYS A 79 -7.50 6.09 1.13
CA LYS A 79 -8.24 6.94 2.06
C LYS A 79 -9.72 6.63 2.05
N ASN A 80 -10.24 6.36 0.86
CA ASN A 80 -11.66 6.04 0.69
C ASN A 80 -12.06 4.81 1.51
N THR A 81 -11.08 3.98 1.88
CA THR A 81 -11.36 2.77 2.65
C THR A 81 -12.07 3.10 3.96
N TYR A 82 -12.24 2.09 4.82
CA TYR A 82 -12.92 2.28 6.10
C TYR A 82 -12.13 1.63 7.24
N ASP A 83 -12.84 1.10 8.26
CA ASP A 83 -12.20 0.47 9.42
C ASP A 83 -11.03 -0.42 9.00
N VAL A 84 -11.32 -1.64 8.59
CA VAL A 84 -10.27 -2.55 8.18
C VAL A 84 -10.21 -2.66 6.66
N VAL A 85 -9.05 -2.34 6.10
CA VAL A 85 -8.85 -2.39 4.66
C VAL A 85 -7.78 -3.41 4.29
N TYR A 86 -8.08 -4.25 3.31
CA TYR A 86 -7.13 -5.26 2.87
C TYR A 86 -6.49 -4.88 1.54
N LEU A 87 -5.18 -4.72 1.54
CA LEU A 87 -4.45 -4.40 0.33
C LEU A 87 -3.87 -5.67 -0.26
N LYS A 88 -3.91 -5.78 -1.58
CA LYS A 88 -3.39 -6.95 -2.26
C LYS A 88 -2.08 -6.64 -2.96
N VAL A 89 -1.03 -7.31 -2.52
CA VAL A 89 0.31 -7.10 -3.06
C VAL A 89 0.84 -8.37 -3.72
N ALA A 90 1.65 -8.20 -4.76
CA ALA A 90 2.24 -9.32 -5.48
C ALA A 90 3.77 -9.24 -5.36
N LYS A 91 4.38 -10.27 -4.81
CA LYS A 91 5.82 -10.31 -4.64
C LYS A 91 6.50 -11.02 -5.81
N PRO A 92 7.43 -10.35 -6.53
CA PRO A 92 8.13 -10.96 -7.66
C PRO A 92 9.22 -11.93 -7.21
N SER A 93 8.86 -13.20 -7.07
CA SER A 93 9.80 -14.22 -6.64
C SER A 93 10.95 -14.37 -7.63
N ASN A 94 11.81 -15.35 -7.40
CA ASN A 94 12.96 -15.60 -8.28
C ASN A 94 13.54 -16.98 -8.02
N ALA A 95 12.99 -17.99 -8.69
CA ALA A 95 13.47 -19.36 -8.53
C ALA A 95 14.81 -19.56 -9.22
N ALA A 1 4.03 -18.69 -11.51
CA ALA A 1 3.16 -17.90 -10.60
C ALA A 1 3.97 -17.26 -9.48
N GLU A 2 3.32 -16.40 -8.71
CA GLU A 2 3.98 -15.72 -7.60
C GLU A 2 3.20 -15.91 -6.30
N LYS A 3 3.60 -15.18 -5.25
CA LYS A 3 2.95 -15.28 -3.96
C LYS A 3 2.29 -13.96 -3.59
N VAL A 4 0.97 -13.90 -3.69
CA VAL A 4 0.21 -12.69 -3.36
C VAL A 4 -0.43 -12.83 -1.99
N MET A 5 -0.19 -11.83 -1.13
CA MET A 5 -0.76 -11.85 0.22
C MET A 5 -1.56 -10.58 0.50
N GLU A 6 -2.52 -10.69 1.41
CA GLU A 6 -3.35 -9.55 1.77
C GLU A 6 -2.84 -8.85 3.02
N ILE A 7 -2.73 -7.53 2.94
CA ILE A 7 -2.27 -6.71 4.05
C ILE A 7 -3.46 -6.07 4.76
N LYS A 8 -3.68 -6.42 6.01
CA LYS A 8 -4.80 -5.89 6.77
C LYS A 8 -4.39 -4.73 7.67
N LEU A 9 -5.09 -3.61 7.50
CA LEU A 9 -4.84 -2.42 8.31
C LEU A 9 -6.17 -1.82 8.74
N ILE A 10 -6.33 -1.56 10.03
CA ILE A 10 -7.57 -1.01 10.53
C ILE A 10 -7.49 0.52 10.68
N LYS A 11 -8.49 1.20 10.15
CA LYS A 11 -8.54 2.65 10.22
C LYS A 11 -8.78 3.13 11.64
N GLY A 12 -7.77 2.95 12.49
CA GLY A 12 -7.89 3.37 13.87
C GLY A 12 -7.78 4.88 14.02
N PRO A 13 -7.46 5.38 15.23
CA PRO A 13 -7.32 6.82 15.45
C PRO A 13 -6.13 7.43 14.72
N LYS A 14 -5.18 6.58 14.35
CA LYS A 14 -3.99 7.04 13.64
C LYS A 14 -4.14 6.98 12.12
N GLY A 15 -5.26 6.45 11.63
CA GLY A 15 -5.46 6.37 10.19
C GLY A 15 -5.02 5.04 9.61
N LEU A 16 -4.57 5.05 8.35
CA LEU A 16 -4.12 3.84 7.70
C LEU A 16 -2.99 3.17 8.49
N GLY A 17 -2.12 3.98 9.06
CA GLY A 17 -1.02 3.45 9.84
C GLY A 17 0.24 3.24 9.02
N PHE A 18 0.38 4.02 7.95
CA PHE A 18 1.55 3.92 7.09
C PHE A 18 1.53 4.99 6.01
N SER A 19 2.41 4.85 5.03
CA SER A 19 2.51 5.81 3.93
C SER A 19 2.64 5.08 2.61
N ILE A 20 2.40 5.80 1.51
CA ILE A 20 2.50 5.21 0.18
C ILE A 20 3.37 6.06 -0.74
N ALA A 21 3.83 5.45 -1.81
CA ALA A 21 4.66 6.13 -2.79
C ALA A 21 4.08 5.90 -4.17
N GLY A 22 4.04 6.95 -5.00
CA GLY A 22 3.46 6.81 -6.31
C GLY A 22 4.46 6.92 -7.43
N GLY A 23 4.41 5.95 -8.33
CA GLY A 23 5.30 5.95 -9.46
C GLY A 23 4.82 6.79 -10.63
N VAL A 24 3.53 7.11 -10.65
CA VAL A 24 2.97 7.90 -11.75
C VAL A 24 3.02 9.41 -11.49
N GLY A 25 3.75 10.13 -12.33
CA GLY A 25 3.87 11.57 -12.21
C GLY A 25 4.87 11.99 -11.16
N ASN A 26 4.65 11.54 -9.94
CA ASN A 26 5.53 11.86 -8.81
C ASN A 26 6.29 10.61 -8.41
N GLN A 27 7.01 10.05 -9.37
CA GLN A 27 7.76 8.83 -9.17
C GLN A 27 8.63 8.85 -7.92
N HIS A 28 8.31 7.95 -7.00
CA HIS A 28 9.05 7.79 -5.77
C HIS A 28 9.97 6.56 -5.90
N ILE A 29 9.56 5.61 -6.74
CA ILE A 29 10.33 4.40 -6.97
C ILE A 29 11.20 4.55 -8.22
N PRO A 30 12.50 4.15 -8.15
CA PRO A 30 13.40 4.28 -9.29
C PRO A 30 13.15 3.24 -10.38
N GLY A 31 12.14 3.49 -11.21
CA GLY A 31 11.81 2.56 -12.28
C GLY A 31 10.53 1.79 -12.05
N ASP A 32 9.46 2.50 -11.72
CA ASP A 32 8.18 1.85 -11.48
C ASP A 32 7.06 2.88 -11.40
N ASN A 33 5.96 2.64 -12.12
CA ASN A 33 4.83 3.55 -12.12
C ASN A 33 3.67 2.98 -11.31
N SER A 34 3.99 2.25 -10.26
CA SER A 34 2.98 1.66 -9.38
C SER A 34 3.05 2.26 -7.99
N ILE A 35 2.34 1.66 -7.04
CA ILE A 35 2.36 2.15 -5.67
C ILE A 35 3.25 1.27 -4.80
N TYR A 36 4.07 1.91 -3.99
CA TYR A 36 4.97 1.21 -3.09
C TYR A 36 4.90 1.84 -1.71
N VAL A 37 5.24 1.08 -0.69
CA VAL A 37 5.21 1.60 0.67
C VAL A 37 6.46 2.42 0.95
N THR A 38 6.30 3.51 1.69
CA THR A 38 7.43 4.38 2.00
C THR A 38 7.60 4.63 3.50
N LYS A 39 6.53 4.44 4.28
CA LYS A 39 6.60 4.65 5.72
C LYS A 39 5.59 3.80 6.47
N ILE A 40 6.03 3.20 7.56
CA ILE A 40 5.17 2.37 8.39
C ILE A 40 5.13 2.93 9.81
N ILE A 41 3.94 2.99 10.40
CA ILE A 41 3.80 3.51 11.74
C ILE A 41 4.17 2.43 12.76
N GLU A 42 5.24 2.73 13.52
CA GLU A 42 5.77 1.81 14.54
C GLU A 42 4.68 1.03 15.28
N GLY A 43 4.47 -0.21 14.86
CA GLY A 43 3.47 -1.05 15.49
C GLY A 43 2.10 -0.41 15.54
N GLY A 44 1.82 0.48 14.60
CA GLY A 44 0.54 1.16 14.57
C GLY A 44 -0.56 0.27 14.01
N ALA A 45 -1.12 0.66 12.87
CA ALA A 45 -2.19 -0.11 12.25
C ALA A 45 -1.64 -1.00 11.14
N ALA A 46 -0.98 -0.38 10.16
CA ALA A 46 -0.42 -1.12 9.03
C ALA A 46 0.73 -2.03 9.46
N HIS A 47 1.65 -1.49 10.26
CA HIS A 47 2.81 -2.27 10.70
C HIS A 47 2.38 -3.51 11.49
N LYS A 48 1.62 -3.32 12.56
CA LYS A 48 1.19 -4.43 13.39
C LYS A 48 0.16 -5.32 12.69
N ASP A 49 -0.91 -4.69 12.19
CA ASP A 49 -1.98 -5.42 11.51
C ASP A 49 -1.56 -5.90 10.12
N GLY A 50 -1.05 -4.96 9.31
CA GLY A 50 -0.65 -5.29 7.96
C GLY A 50 0.65 -6.05 7.87
N ARG A 51 1.62 -5.69 8.73
CA ARG A 51 2.92 -6.36 8.72
C ARG A 51 3.65 -6.07 7.39
N LEU A 52 3.55 -4.82 6.95
CA LEU A 52 4.19 -4.40 5.71
C LEU A 52 5.34 -3.43 5.99
N GLN A 53 6.42 -3.59 5.24
CA GLN A 53 7.60 -2.73 5.40
C GLN A 53 7.88 -1.96 4.11
N ILE A 54 8.92 -1.13 4.15
CA ILE A 54 9.28 -0.33 2.98
C ILE A 54 9.91 -1.19 1.89
N GLY A 55 9.21 -1.28 0.78
CA GLY A 55 9.68 -2.09 -0.34
C GLY A 55 8.59 -2.90 -0.99
N ASP A 56 7.44 -3.01 -0.33
CA ASP A 56 6.31 -3.77 -0.87
C ASP A 56 5.57 -2.97 -1.93
N LYS A 57 4.82 -3.66 -2.79
CA LYS A 57 4.05 -3.01 -3.83
C LYS A 57 2.56 -3.32 -3.69
N ILE A 58 1.74 -2.29 -3.73
CA ILE A 58 0.29 -2.46 -3.59
C ILE A 58 -0.38 -2.58 -4.96
N LEU A 59 -1.02 -3.73 -5.20
CA LEU A 59 -1.70 -3.95 -6.47
C LEU A 59 -3.20 -3.62 -6.39
N ALA A 60 -3.69 -3.28 -5.19
CA ALA A 60 -5.11 -2.95 -4.98
C ALA A 60 -5.43 -2.93 -3.49
N VAL A 61 -6.44 -2.15 -3.11
CA VAL A 61 -6.85 -2.07 -1.72
C VAL A 61 -8.37 -2.22 -1.61
N ASN A 62 -8.81 -3.25 -0.89
CA ASN A 62 -10.24 -3.52 -0.73
C ASN A 62 -10.88 -3.76 -2.10
N SER A 63 -11.26 -2.67 -2.78
CA SER A 63 -11.84 -2.76 -4.12
C SER A 63 -11.36 -1.60 -5.00
N VAL A 64 -10.34 -0.88 -4.55
CA VAL A 64 -9.80 0.24 -5.30
C VAL A 64 -8.42 -0.07 -5.89
N GLY A 65 -8.20 0.37 -7.12
CA GLY A 65 -6.93 0.14 -7.79
C GLY A 65 -6.02 1.35 -7.75
N LEU A 66 -5.05 1.33 -6.85
CA LEU A 66 -4.10 2.43 -6.71
C LEU A 66 -2.74 1.99 -7.22
N GLU A 67 -2.74 1.35 -8.37
CA GLU A 67 -1.51 0.86 -8.98
C GLU A 67 -1.42 1.27 -10.45
N ASP A 68 -2.06 2.38 -10.78
CA ASP A 68 -2.05 2.91 -12.14
C ASP A 68 -2.38 4.40 -12.12
N VAL A 69 -1.96 5.06 -11.04
CA VAL A 69 -2.21 6.49 -10.87
C VAL A 69 -1.14 7.10 -9.98
N MET A 70 -1.05 8.42 -9.96
CA MET A 70 -0.04 9.10 -9.15
C MET A 70 -0.23 8.82 -7.67
N HIS A 71 0.78 9.21 -6.90
CA HIS A 71 0.78 9.04 -5.47
C HIS A 71 -0.44 9.75 -4.83
N GLU A 72 -0.83 10.89 -5.38
CA GLU A 72 -1.96 11.65 -4.84
C GLU A 72 -3.28 10.90 -4.96
N ASP A 73 -3.59 10.45 -6.17
CA ASP A 73 -4.82 9.71 -6.40
C ASP A 73 -4.81 8.42 -5.59
N ALA A 74 -3.63 7.83 -5.46
CA ALA A 74 -3.46 6.61 -4.70
C ALA A 74 -3.87 6.85 -3.26
N VAL A 75 -3.54 8.03 -2.75
CA VAL A 75 -3.90 8.42 -1.39
C VAL A 75 -5.41 8.40 -1.27
N ALA A 76 -6.08 8.90 -2.30
CA ALA A 76 -7.53 8.91 -2.34
C ALA A 76 -8.07 7.48 -2.27
N ALA A 77 -7.32 6.56 -2.86
CA ALA A 77 -7.69 5.16 -2.86
C ALA A 77 -7.68 4.62 -1.43
N LEU A 78 -6.67 5.03 -0.67
CA LEU A 78 -6.53 4.62 0.73
C LEU A 78 -7.55 5.32 1.62
N LYS A 79 -7.74 6.62 1.38
CA LYS A 79 -8.68 7.41 2.16
C LYS A 79 -10.11 6.89 2.02
N ASN A 80 -10.44 6.50 0.80
CA ASN A 80 -11.77 5.97 0.50
C ASN A 80 -12.08 4.70 1.31
N THR A 81 -11.04 4.06 1.83
CA THR A 81 -11.20 2.83 2.62
C THR A 81 -12.10 3.08 3.83
N TYR A 82 -12.11 2.14 4.79
CA TYR A 82 -12.96 2.28 5.97
C TYR A 82 -12.36 1.52 7.16
N ASP A 83 -13.20 1.23 8.18
CA ASP A 83 -12.78 0.53 9.42
C ASP A 83 -11.59 -0.41 9.22
N VAL A 84 -11.76 -1.42 8.38
CA VAL A 84 -10.70 -2.37 8.10
C VAL A 84 -10.40 -2.41 6.61
N VAL A 85 -9.15 -2.21 6.23
CA VAL A 85 -8.76 -2.22 4.83
C VAL A 85 -7.72 -3.29 4.53
N TYR A 86 -8.03 -4.14 3.55
CA TYR A 86 -7.10 -5.19 3.14
C TYR A 86 -6.47 -4.84 1.80
N LEU A 87 -5.15 -4.76 1.78
CA LEU A 87 -4.41 -4.43 0.56
C LEU A 87 -3.92 -5.71 -0.11
N LYS A 88 -3.88 -5.69 -1.43
CA LYS A 88 -3.42 -6.84 -2.19
C LYS A 88 -2.05 -6.56 -2.79
N VAL A 89 -1.06 -7.36 -2.38
CA VAL A 89 0.31 -7.19 -2.85
C VAL A 89 0.87 -8.51 -3.40
N ALA A 90 1.75 -8.40 -4.38
CA ALA A 90 2.37 -9.57 -4.98
C ALA A 90 3.89 -9.52 -4.84
N LYS A 91 4.46 -10.53 -4.19
CA LYS A 91 5.90 -10.58 -4.00
C LYS A 91 6.58 -11.41 -5.09
N PRO A 92 7.54 -10.81 -5.84
CA PRO A 92 8.24 -11.53 -6.91
C PRO A 92 9.32 -12.48 -6.37
N SER A 93 8.94 -13.73 -6.16
CA SER A 93 9.87 -14.73 -5.64
C SER A 93 9.61 -16.10 -6.27
N ASN A 94 10.25 -17.13 -5.73
CA ASN A 94 10.10 -18.48 -6.23
C ASN A 94 10.56 -18.57 -7.68
N ALA A 95 11.56 -17.76 -8.03
CA ALA A 95 12.09 -17.74 -9.39
C ALA A 95 13.38 -16.93 -9.46
N ALA A 1 4.75 -19.44 -11.62
CA ALA A 1 3.67 -18.73 -10.90
C ALA A 1 4.23 -17.72 -9.91
N GLU A 2 3.40 -16.76 -9.51
CA GLU A 2 3.82 -15.74 -8.57
C GLU A 2 3.28 -16.01 -7.18
N LYS A 3 3.56 -15.11 -6.24
CA LYS A 3 3.10 -15.25 -4.87
C LYS A 3 2.49 -13.94 -4.38
N VAL A 4 1.18 -13.83 -4.46
CA VAL A 4 0.49 -12.62 -4.04
C VAL A 4 -0.15 -12.79 -2.67
N MET A 5 0.03 -11.78 -1.82
CA MET A 5 -0.54 -11.79 -0.48
C MET A 5 -1.24 -10.47 -0.20
N GLU A 6 -2.21 -10.49 0.71
CA GLU A 6 -2.95 -9.27 1.05
C GLU A 6 -2.52 -8.70 2.40
N ILE A 7 -2.62 -7.38 2.53
CA ILE A 7 -2.25 -6.69 3.75
C ILE A 7 -3.49 -6.06 4.40
N LYS A 8 -3.80 -6.48 5.62
CA LYS A 8 -4.96 -5.95 6.34
C LYS A 8 -4.57 -4.79 7.25
N LEU A 9 -5.30 -3.69 7.18
CA LEU A 9 -5.02 -2.53 8.00
C LEU A 9 -6.28 -2.01 8.66
N ILE A 10 -6.25 -1.83 9.98
CA ILE A 10 -7.41 -1.32 10.70
C ILE A 10 -7.27 0.18 10.94
N LYS A 11 -8.30 0.92 10.56
CA LYS A 11 -8.30 2.37 10.72
C LYS A 11 -8.20 2.78 12.18
N GLY A 12 -6.98 2.98 12.64
CA GLY A 12 -6.77 3.36 14.02
C GLY A 12 -7.05 4.85 14.22
N PRO A 13 -6.72 5.40 15.41
CA PRO A 13 -6.96 6.82 15.70
C PRO A 13 -6.15 7.74 14.78
N LYS A 14 -5.04 7.23 14.26
CA LYS A 14 -4.19 8.02 13.37
C LYS A 14 -4.38 7.67 11.90
N GLY A 15 -5.21 6.67 11.59
CA GLY A 15 -5.42 6.29 10.21
C GLY A 15 -4.95 4.88 9.92
N LEU A 16 -4.41 4.66 8.73
CA LEU A 16 -3.93 3.35 8.33
C LEU A 16 -2.71 2.94 9.15
N GLY A 17 -1.85 3.90 9.44
CA GLY A 17 -0.65 3.61 10.22
C GLY A 17 0.57 3.42 9.35
N PHE A 18 0.64 4.15 8.24
CA PHE A 18 1.77 4.05 7.32
C PHE A 18 1.66 5.08 6.20
N SER A 19 2.51 4.94 5.19
CA SER A 19 2.51 5.85 4.06
C SER A 19 2.62 5.09 2.73
N ILE A 20 2.24 5.76 1.64
CA ILE A 20 2.31 5.15 0.32
C ILE A 20 3.20 5.98 -0.61
N ALA A 21 3.64 5.35 -1.70
CA ALA A 21 4.48 6.01 -2.68
C ALA A 21 3.91 5.77 -4.07
N GLY A 22 3.92 6.81 -4.90
CA GLY A 22 3.38 6.66 -6.24
C GLY A 22 4.41 6.75 -7.33
N GLY A 23 4.36 5.79 -8.23
CA GLY A 23 5.30 5.76 -9.33
C GLY A 23 4.91 6.67 -10.49
N VAL A 24 3.63 6.96 -10.63
CA VAL A 24 3.15 7.81 -11.73
C VAL A 24 3.15 9.30 -11.37
N GLY A 25 3.90 10.09 -12.12
CA GLY A 25 3.96 11.53 -11.89
C GLY A 25 4.96 11.92 -10.82
N ASN A 26 4.78 11.34 -9.65
CA ASN A 26 5.68 11.62 -8.52
C ASN A 26 6.43 10.35 -8.16
N GLN A 27 7.09 9.78 -9.16
CA GLN A 27 7.84 8.55 -9.01
C GLN A 27 8.71 8.50 -7.75
N HIS A 28 8.28 7.72 -6.79
CA HIS A 28 9.02 7.52 -5.55
C HIS A 28 9.90 6.28 -5.70
N ILE A 29 9.48 5.34 -6.57
CA ILE A 29 10.24 4.12 -6.80
C ILE A 29 11.12 4.28 -8.04
N PRO A 30 12.46 4.10 -7.90
CA PRO A 30 13.37 4.24 -9.03
C PRO A 30 13.20 3.12 -10.07
N GLY A 31 12.09 3.15 -10.78
CA GLY A 31 11.84 2.14 -11.79
C GLY A 31 10.52 1.41 -11.57
N ASP A 32 9.45 2.17 -11.40
CA ASP A 32 8.13 1.57 -11.19
C ASP A 32 7.04 2.64 -11.18
N ASN A 33 5.99 2.41 -11.95
CA ASN A 33 4.87 3.36 -12.03
C ASN A 33 3.67 2.84 -11.25
N SER A 34 3.95 2.07 -10.19
CA SER A 34 2.90 1.51 -9.34
C SER A 34 2.97 2.12 -7.95
N ILE A 35 2.27 1.50 -6.99
CA ILE A 35 2.27 1.98 -5.62
C ILE A 35 3.18 1.12 -4.74
N TYR A 36 3.97 1.79 -3.91
CA TYR A 36 4.87 1.12 -3.00
C TYR A 36 4.80 1.79 -1.64
N VAL A 37 5.11 1.04 -0.59
CA VAL A 37 5.09 1.60 0.76
C VAL A 37 6.37 2.38 1.02
N THR A 38 6.26 3.51 1.73
CA THR A 38 7.44 4.34 1.99
C THR A 38 7.69 4.56 3.49
N LYS A 39 6.67 4.38 4.31
CA LYS A 39 6.85 4.59 5.75
C LYS A 39 5.78 3.87 6.57
N ILE A 40 6.22 3.24 7.66
CA ILE A 40 5.31 2.51 8.54
C ILE A 40 5.38 3.10 9.94
N ILE A 41 4.23 3.29 10.57
CA ILE A 41 4.19 3.84 11.91
C ILE A 41 4.49 2.76 12.94
N GLU A 42 5.60 2.94 13.66
CA GLU A 42 6.07 1.98 14.66
C GLU A 42 4.93 1.33 15.45
N GLY A 43 4.66 0.08 15.14
CA GLY A 43 3.60 -0.66 15.83
C GLY A 43 2.26 0.04 15.77
N GLY A 44 2.06 0.88 14.76
CA GLY A 44 0.80 1.58 14.63
C GLY A 44 -0.33 0.65 14.25
N ALA A 45 -0.89 0.86 13.05
CA ALA A 45 -1.98 0.02 12.56
C ALA A 45 -1.51 -0.87 11.42
N ALA A 46 -0.81 -0.27 10.46
CA ALA A 46 -0.31 -1.01 9.31
C ALA A 46 0.77 -2.00 9.72
N HIS A 47 1.72 -1.53 10.54
CA HIS A 47 2.82 -2.37 10.99
C HIS A 47 2.31 -3.58 11.77
N LYS A 48 1.54 -3.34 12.82
CA LYS A 48 1.01 -4.44 13.64
C LYS A 48 -0.04 -5.26 12.90
N ASP A 49 -1.05 -4.59 12.36
CA ASP A 49 -2.13 -5.27 11.65
C ASP A 49 -1.71 -5.80 10.27
N GLY A 50 -1.12 -4.93 9.47
CA GLY A 50 -0.71 -5.33 8.13
C GLY A 50 0.61 -6.05 8.06
N ARG A 51 1.55 -5.67 8.92
CA ARG A 51 2.87 -6.30 8.92
C ARG A 51 3.62 -5.98 7.62
N LEU A 52 3.29 -4.85 7.01
CA LEU A 52 3.93 -4.42 5.77
C LEU A 52 5.07 -3.46 6.05
N GLN A 53 6.15 -3.60 5.30
CA GLN A 53 7.31 -2.73 5.48
C GLN A 53 7.64 -2.02 4.16
N ILE A 54 8.54 -1.05 4.24
CA ILE A 54 8.94 -0.30 3.06
C ILE A 54 9.50 -1.22 1.98
N GLY A 55 8.77 -1.32 0.87
CA GLY A 55 9.21 -2.17 -0.21
C GLY A 55 8.05 -2.96 -0.83
N ASP A 56 6.94 -3.08 -0.10
CA ASP A 56 5.78 -3.81 -0.59
C ASP A 56 5.05 -3.01 -1.68
N LYS A 57 4.78 -3.66 -2.81
CA LYS A 57 4.09 -3.00 -3.91
C LYS A 57 2.59 -3.31 -3.87
N ILE A 58 1.76 -2.28 -3.93
CA ILE A 58 0.32 -2.45 -3.89
C ILE A 58 -0.31 -2.32 -5.28
N LEU A 59 -1.26 -3.20 -5.58
CA LEU A 59 -1.94 -3.17 -6.88
C LEU A 59 -3.44 -2.87 -6.73
N ALA A 60 -3.94 -2.94 -5.51
CA ALA A 60 -5.35 -2.67 -5.24
C ALA A 60 -5.64 -2.72 -3.75
N VAL A 61 -6.65 -1.98 -3.33
CA VAL A 61 -7.03 -1.94 -1.92
C VAL A 61 -8.52 -2.18 -1.76
N ASN A 62 -8.88 -3.25 -1.04
CA ASN A 62 -10.29 -3.60 -0.83
C ASN A 62 -10.99 -3.81 -2.18
N SER A 63 -11.46 -2.73 -2.77
CA SER A 63 -12.12 -2.77 -4.07
C SER A 63 -11.71 -1.56 -4.93
N VAL A 64 -10.67 -0.83 -4.49
CA VAL A 64 -10.20 0.33 -5.20
C VAL A 64 -8.85 0.05 -5.85
N GLY A 65 -8.67 0.55 -7.07
CA GLY A 65 -7.43 0.34 -7.77
C GLY A 65 -6.53 1.56 -7.77
N LEU A 66 -5.52 1.55 -6.89
CA LEU A 66 -4.56 2.65 -6.82
C LEU A 66 -3.29 2.27 -7.56
N GLU A 67 -3.47 1.52 -8.64
CA GLU A 67 -2.37 1.08 -9.47
C GLU A 67 -2.31 1.90 -10.74
N ASP A 68 -1.17 1.84 -11.41
CA ASP A 68 -0.95 2.59 -12.64
C ASP A 68 -1.40 4.05 -12.51
N VAL A 69 -1.38 4.56 -11.28
CA VAL A 69 -1.78 5.94 -11.02
C VAL A 69 -0.77 6.63 -10.11
N MET A 70 -0.85 7.94 -10.02
CA MET A 70 0.08 8.70 -9.18
C MET A 70 -0.17 8.46 -7.71
N HIS A 71 0.78 8.92 -6.91
CA HIS A 71 0.70 8.81 -5.47
C HIS A 71 -0.55 9.49 -4.92
N GLU A 72 -0.95 10.60 -5.54
CA GLU A 72 -2.12 11.36 -5.09
C GLU A 72 -3.41 10.58 -5.26
N ASP A 73 -3.64 10.06 -6.47
CA ASP A 73 -4.85 9.29 -6.73
C ASP A 73 -4.93 8.07 -5.81
N ALA A 74 -3.77 7.50 -5.52
CA ALA A 74 -3.71 6.34 -4.64
C ALA A 74 -4.15 6.71 -3.24
N VAL A 75 -3.75 7.90 -2.79
CA VAL A 75 -4.13 8.38 -1.47
C VAL A 75 -5.65 8.42 -1.36
N ALA A 76 -6.29 8.89 -2.43
CA ALA A 76 -7.74 8.94 -2.48
C ALA A 76 -8.33 7.54 -2.45
N ALA A 77 -7.60 6.61 -3.04
CA ALA A 77 -8.03 5.21 -3.09
C ALA A 77 -8.00 4.60 -1.69
N LEU A 78 -6.96 4.93 -0.93
CA LEU A 78 -6.81 4.43 0.43
C LEU A 78 -7.80 5.13 1.37
N LYS A 79 -7.89 6.45 1.25
CA LYS A 79 -8.76 7.25 2.11
C LYS A 79 -10.22 6.82 1.97
N ASN A 80 -10.60 6.41 0.78
CA ASN A 80 -11.96 5.97 0.51
C ASN A 80 -12.31 4.70 1.30
N THR A 81 -11.29 3.98 1.74
CA THR A 81 -11.50 2.75 2.50
C THR A 81 -12.24 3.03 3.81
N TYR A 82 -12.22 2.06 4.73
CA TYR A 82 -12.90 2.22 6.01
C TYR A 82 -12.07 1.61 7.14
N ASP A 83 -12.73 1.13 8.21
CA ASP A 83 -12.04 0.52 9.34
C ASP A 83 -10.95 -0.44 8.89
N VAL A 84 -11.33 -1.67 8.54
CA VAL A 84 -10.35 -2.65 8.11
C VAL A 84 -10.27 -2.68 6.58
N VAL A 85 -9.09 -2.35 6.06
CA VAL A 85 -8.88 -2.33 4.63
C VAL A 85 -7.78 -3.30 4.22
N TYR A 86 -8.07 -4.17 3.27
CA TYR A 86 -7.09 -5.14 2.80
C TYR A 86 -6.46 -4.69 1.49
N LEU A 87 -5.14 -4.58 1.48
CA LEU A 87 -4.42 -4.20 0.28
C LEU A 87 -3.93 -5.46 -0.40
N LYS A 88 -3.82 -5.42 -1.71
CA LYS A 88 -3.35 -6.59 -2.45
C LYS A 88 -1.94 -6.31 -2.95
N VAL A 89 -1.00 -7.11 -2.45
CA VAL A 89 0.41 -6.94 -2.79
C VAL A 89 1.01 -8.23 -3.36
N ALA A 90 1.86 -8.07 -4.37
CA ALA A 90 2.52 -9.21 -5.00
C ALA A 90 4.03 -9.08 -4.87
N LYS A 91 4.66 -10.07 -4.25
CA LYS A 91 6.10 -10.04 -4.05
C LYS A 91 6.83 -10.83 -5.15
N PRO A 92 7.67 -10.17 -5.97
CA PRO A 92 8.40 -10.84 -7.05
C PRO A 92 9.65 -11.55 -6.52
N SER A 93 9.44 -12.59 -5.72
CA SER A 93 10.53 -13.36 -5.15
C SER A 93 11.37 -12.50 -4.21
N ASN A 94 10.72 -11.57 -3.52
CA ASN A 94 11.42 -10.68 -2.59
C ASN A 94 12.47 -9.85 -3.31
N ALA A 95 12.06 -8.73 -3.89
CA ALA A 95 12.98 -7.85 -4.60
C ALA A 95 12.76 -6.39 -4.22
N ALA A 1 4.31 -17.34 -12.49
CA ALA A 1 3.36 -17.06 -11.37
C ALA A 1 4.04 -16.23 -10.29
N GLU A 2 3.23 -15.76 -9.34
CA GLU A 2 3.74 -14.94 -8.24
C GLU A 2 2.94 -15.15 -6.97
N LYS A 3 3.56 -14.88 -5.83
CA LYS A 3 2.90 -15.04 -4.54
C LYS A 3 2.14 -13.76 -4.16
N VAL A 4 0.82 -13.87 -4.11
CA VAL A 4 -0.03 -12.72 -3.77
C VAL A 4 -0.62 -12.88 -2.37
N MET A 5 -0.37 -11.90 -1.51
CA MET A 5 -0.88 -11.93 -0.15
C MET A 5 -1.62 -10.64 0.18
N GLU A 6 -2.63 -10.75 1.06
CA GLU A 6 -3.42 -9.60 1.45
C GLU A 6 -2.94 -9.02 2.77
N ILE A 7 -2.97 -7.69 2.87
CA ILE A 7 -2.54 -6.99 4.07
C ILE A 7 -3.72 -6.22 4.68
N LYS A 8 -4.07 -6.57 5.91
CA LYS A 8 -5.20 -5.95 6.60
C LYS A 8 -4.73 -4.89 7.59
N LEU A 9 -5.35 -3.71 7.52
CA LEU A 9 -5.03 -2.61 8.43
C LEU A 9 -6.32 -2.02 8.99
N ILE A 10 -6.37 -1.82 10.31
CA ILE A 10 -7.55 -1.27 10.93
C ILE A 10 -7.40 0.24 11.16
N LYS A 11 -8.44 0.98 10.82
CA LYS A 11 -8.44 2.43 10.96
C LYS A 11 -8.47 2.84 12.42
N GLY A 12 -7.31 3.12 12.98
CA GLY A 12 -7.20 3.54 14.35
C GLY A 12 -7.04 5.04 14.49
N PRO A 13 -6.50 5.53 15.62
CA PRO A 13 -6.31 6.96 15.83
C PRO A 13 -5.30 7.57 14.84
N LYS A 14 -4.46 6.72 14.26
CA LYS A 14 -3.46 7.16 13.29
C LYS A 14 -3.89 6.90 11.84
N GLY A 15 -5.04 6.27 11.65
CA GLY A 15 -5.49 5.99 10.29
C GLY A 15 -4.88 4.73 9.74
N LEU A 16 -4.42 4.78 8.49
CA LEU A 16 -3.81 3.62 7.84
C LEU A 16 -2.60 3.14 8.63
N GLY A 17 -1.89 4.07 9.26
CA GLY A 17 -0.72 3.72 10.04
C GLY A 17 0.49 3.47 9.17
N PHE A 18 0.60 4.19 8.07
CA PHE A 18 1.73 4.05 7.16
C PHE A 18 1.65 5.08 6.02
N SER A 19 2.57 4.98 5.08
CA SER A 19 2.61 5.91 3.95
C SER A 19 2.70 5.17 2.62
N ILE A 20 2.33 5.86 1.55
CA ILE A 20 2.37 5.30 0.20
C ILE A 20 3.25 6.13 -0.72
N ALA A 21 3.75 5.51 -1.78
CA ALA A 21 4.58 6.21 -2.75
C ALA A 21 4.02 5.97 -4.14
N GLY A 22 3.98 7.01 -4.96
CA GLY A 22 3.42 6.87 -6.30
C GLY A 22 4.44 6.99 -7.39
N GLY A 23 4.41 6.03 -8.30
CA GLY A 23 5.34 6.02 -9.41
C GLY A 23 4.92 6.93 -10.55
N VAL A 24 3.62 7.22 -10.66
CA VAL A 24 3.12 8.07 -11.75
C VAL A 24 3.11 9.56 -11.39
N GLY A 25 3.88 10.35 -12.13
CA GLY A 25 3.93 11.78 -11.91
C GLY A 25 4.91 12.17 -10.82
N ASN A 26 4.71 11.59 -9.65
CA ASN A 26 5.57 11.87 -8.50
C ASN A 26 6.36 10.61 -8.15
N GLN A 27 7.03 10.08 -9.16
CA GLN A 27 7.81 8.86 -9.03
C GLN A 27 8.68 8.83 -7.78
N HIS A 28 8.34 7.93 -6.88
CA HIS A 28 9.10 7.73 -5.65
C HIS A 28 9.96 6.47 -5.78
N ILE A 29 9.52 5.55 -6.64
CA ILE A 29 10.26 4.30 -6.85
C ILE A 29 11.16 4.43 -8.08
N PRO A 30 12.45 4.01 -7.97
CA PRO A 30 13.39 4.09 -9.09
C PRO A 30 13.17 3.02 -10.15
N GLY A 31 12.14 3.19 -10.97
CA GLY A 31 11.86 2.23 -12.02
C GLY A 31 10.52 1.52 -11.83
N ASP A 32 9.48 2.29 -11.55
CA ASP A 32 8.15 1.72 -11.35
C ASP A 32 7.08 2.81 -11.29
N ASN A 33 6.03 2.64 -12.07
CA ASN A 33 4.94 3.61 -12.10
C ASN A 33 3.74 3.12 -11.28
N SER A 34 4.01 2.29 -10.27
CA SER A 34 2.95 1.75 -9.42
C SER A 34 3.02 2.36 -8.01
N ILE A 35 2.37 1.71 -7.04
CA ILE A 35 2.38 2.20 -5.67
C ILE A 35 3.28 1.33 -4.79
N TYR A 36 4.07 1.99 -3.96
CA TYR A 36 4.98 1.31 -3.05
C TYR A 36 4.91 1.94 -1.67
N VAL A 37 5.15 1.15 -0.63
CA VAL A 37 5.13 1.66 0.73
C VAL A 37 6.45 2.35 1.04
N THR A 38 6.40 3.50 1.72
CA THR A 38 7.62 4.24 2.03
C THR A 38 7.79 4.50 3.53
N LYS A 39 6.71 4.39 4.31
CA LYS A 39 6.80 4.63 5.75
C LYS A 39 5.76 3.84 6.52
N ILE A 40 6.18 3.19 7.60
CA ILE A 40 5.29 2.40 8.44
C ILE A 40 5.30 2.93 9.86
N ILE A 41 4.12 3.04 10.46
CA ILE A 41 4.02 3.54 11.82
C ILE A 41 4.32 2.40 12.80
N GLU A 42 5.43 2.55 13.53
CA GLU A 42 5.90 1.55 14.50
C GLU A 42 4.75 0.88 15.27
N GLY A 43 4.44 -0.35 14.86
CA GLY A 43 3.38 -1.10 15.50
C GLY A 43 2.07 -0.34 15.60
N GLY A 44 1.88 0.63 14.72
CA GLY A 44 0.66 1.42 14.74
C GLY A 44 -0.53 0.65 14.22
N ALA A 45 -0.99 0.99 13.03
CA ALA A 45 -2.12 0.32 12.41
C ALA A 45 -1.68 -0.64 11.32
N ALA A 46 -0.99 -0.10 10.32
CA ALA A 46 -0.52 -0.90 9.20
C ALA A 46 0.56 -1.90 9.63
N HIS A 47 1.55 -1.44 10.37
CA HIS A 47 2.64 -2.30 10.81
C HIS A 47 2.15 -3.48 11.63
N LYS A 48 1.42 -3.22 12.71
CA LYS A 48 0.93 -4.30 13.56
C LYS A 48 -0.15 -5.14 12.88
N ASP A 49 -1.18 -4.48 12.37
CA ASP A 49 -2.29 -5.16 11.73
C ASP A 49 -1.94 -5.69 10.34
N GLY A 50 -1.39 -4.83 9.48
CA GLY A 50 -1.06 -5.23 8.13
C GLY A 50 0.29 -5.91 7.98
N ARG A 51 1.27 -5.45 8.75
CA ARG A 51 2.62 -6.01 8.67
C ARG A 51 3.24 -5.71 7.31
N LEU A 52 3.40 -4.43 7.00
CA LEU A 52 3.98 -4.01 5.74
C LEU A 52 5.21 -3.14 5.96
N GLN A 53 6.30 -3.45 5.25
CA GLN A 53 7.54 -2.68 5.38
C GLN A 53 7.83 -1.89 4.11
N ILE A 54 8.76 -0.95 4.20
CA ILE A 54 9.13 -0.12 3.06
C ILE A 54 9.75 -0.97 1.95
N GLY A 55 9.03 -1.11 0.84
CA GLY A 55 9.53 -1.89 -0.27
C GLY A 55 8.46 -2.72 -0.96
N ASP A 56 7.30 -2.86 -0.32
CA ASP A 56 6.20 -3.64 -0.89
C ASP A 56 5.44 -2.82 -1.93
N LYS A 57 4.84 -3.51 -2.89
CA LYS A 57 4.07 -2.84 -3.94
C LYS A 57 2.59 -3.19 -3.81
N ILE A 58 1.74 -2.19 -3.81
CA ILE A 58 0.31 -2.39 -3.69
C ILE A 58 -0.36 -2.55 -5.05
N LEU A 59 -1.04 -3.67 -5.25
CA LEU A 59 -1.72 -3.96 -6.50
C LEU A 59 -3.17 -3.45 -6.47
N ALA A 60 -3.74 -3.37 -5.28
CA ALA A 60 -5.12 -2.90 -5.10
C ALA A 60 -5.54 -2.99 -3.64
N VAL A 61 -6.43 -2.10 -3.24
CA VAL A 61 -6.91 -2.08 -1.86
C VAL A 61 -8.41 -2.38 -1.83
N ASN A 62 -8.79 -3.48 -1.16
CA ASN A 62 -10.19 -3.90 -1.08
C ASN A 62 -10.77 -4.08 -2.49
N SER A 63 -11.27 -2.98 -3.07
CA SER A 63 -11.83 -3.02 -4.41
C SER A 63 -11.35 -1.82 -5.24
N VAL A 64 -10.37 -1.08 -4.71
CA VAL A 64 -9.84 0.09 -5.40
C VAL A 64 -8.43 -0.18 -5.92
N GLY A 65 -8.14 0.31 -7.12
CA GLY A 65 -6.84 0.10 -7.70
C GLY A 65 -5.99 1.36 -7.73
N LEU A 66 -5.24 1.61 -6.66
CA LEU A 66 -4.36 2.77 -6.61
C LEU A 66 -3.21 2.64 -7.60
N GLU A 67 -3.02 1.43 -8.12
CA GLU A 67 -1.96 1.17 -9.07
C GLU A 67 -2.17 1.97 -10.35
N ASP A 68 -1.16 1.97 -11.20
CA ASP A 68 -1.20 2.67 -12.48
C ASP A 68 -1.68 4.12 -12.34
N VAL A 69 -1.51 4.70 -11.16
CA VAL A 69 -1.92 6.09 -10.94
C VAL A 69 -0.96 6.79 -9.98
N MET A 70 -0.88 8.11 -10.06
CA MET A 70 0.02 8.87 -9.21
C MET A 70 -0.21 8.62 -7.74
N HIS A 71 0.75 9.09 -6.95
CA HIS A 71 0.70 8.98 -5.51
C HIS A 71 -0.56 9.65 -4.95
N GLU A 72 -0.98 10.74 -5.59
CA GLU A 72 -2.16 11.50 -5.14
C GLU A 72 -3.45 10.69 -5.30
N ASP A 73 -3.67 10.16 -6.49
CA ASP A 73 -4.85 9.36 -6.76
C ASP A 73 -4.87 8.13 -5.87
N ALA A 74 -3.68 7.58 -5.61
CA ALA A 74 -3.55 6.41 -4.77
C ALA A 74 -4.03 6.74 -3.36
N VAL A 75 -3.72 7.96 -2.90
CA VAL A 75 -4.16 8.42 -1.60
C VAL A 75 -5.68 8.38 -1.52
N ALA A 76 -6.31 8.81 -2.62
CA ALA A 76 -7.76 8.79 -2.72
C ALA A 76 -8.28 7.37 -2.57
N ALA A 77 -7.52 6.43 -3.10
CA ALA A 77 -7.88 5.01 -3.02
C ALA A 77 -7.91 4.55 -1.57
N LEU A 78 -6.95 5.02 -0.79
CA LEU A 78 -6.86 4.67 0.62
C LEU A 78 -7.94 5.37 1.43
N LYS A 79 -8.15 6.66 1.17
CA LYS A 79 -9.16 7.44 1.89
C LYS A 79 -10.54 6.82 1.76
N ASN A 80 -10.82 6.27 0.59
CA ASN A 80 -12.11 5.65 0.31
C ASN A 80 -12.37 4.44 1.22
N THR A 81 -11.30 3.88 1.78
CA THR A 81 -11.42 2.71 2.66
C THR A 81 -12.18 3.05 3.93
N TYR A 82 -12.27 2.08 4.84
CA TYR A 82 -12.98 2.26 6.09
C TYR A 82 -12.17 1.67 7.26
N ASP A 83 -12.85 1.19 8.31
CA ASP A 83 -12.17 0.60 9.47
C ASP A 83 -11.06 -0.34 9.04
N VAL A 84 -11.40 -1.57 8.69
CA VAL A 84 -10.40 -2.53 8.26
C VAL A 84 -10.27 -2.53 6.73
N VAL A 85 -9.07 -2.26 6.25
CA VAL A 85 -8.82 -2.23 4.83
C VAL A 85 -7.80 -3.29 4.41
N TYR A 86 -8.10 -3.99 3.33
CA TYR A 86 -7.21 -5.03 2.84
C TYR A 86 -6.41 -4.54 1.64
N LEU A 87 -5.12 -4.83 1.63
CA LEU A 87 -4.25 -4.44 0.54
C LEU A 87 -3.76 -5.69 -0.18
N LYS A 88 -3.78 -5.66 -1.50
CA LYS A 88 -3.34 -6.81 -2.29
C LYS A 88 -1.99 -6.53 -2.93
N VAL A 89 -1.00 -7.33 -2.54
CA VAL A 89 0.36 -7.16 -3.03
C VAL A 89 0.93 -8.50 -3.54
N ALA A 90 1.79 -8.41 -4.54
CA ALA A 90 2.43 -9.58 -5.11
C ALA A 90 3.94 -9.45 -5.01
N LYS A 91 4.58 -10.40 -4.34
CA LYS A 91 6.04 -10.37 -4.17
C LYS A 91 6.74 -11.19 -5.26
N PRO A 92 7.79 -10.65 -5.89
CA PRO A 92 8.53 -11.37 -6.94
C PRO A 92 9.02 -12.72 -6.45
N SER A 93 8.48 -13.79 -7.03
CA SER A 93 8.87 -15.15 -6.65
C SER A 93 10.24 -15.52 -7.23
N ASN A 94 10.91 -16.46 -6.57
CA ASN A 94 12.23 -16.90 -7.00
C ASN A 94 12.54 -18.30 -6.47
N ALA A 95 12.55 -18.42 -5.15
CA ALA A 95 12.83 -19.70 -4.50
C ALA A 95 11.75 -20.72 -4.82
N ALA A 1 4.24 -17.68 -12.31
CA ALA A 1 4.27 -17.96 -10.85
C ALA A 1 4.71 -16.74 -10.06
N GLU A 2 3.83 -16.27 -9.17
CA GLU A 2 4.12 -15.10 -8.35
C GLU A 2 3.55 -15.26 -6.95
N LYS A 3 4.18 -14.62 -5.97
CA LYS A 3 3.73 -14.69 -4.59
C LYS A 3 2.83 -13.50 -4.24
N VAL A 4 1.60 -13.80 -3.82
CA VAL A 4 0.65 -12.75 -3.45
C VAL A 4 0.30 -12.84 -1.97
N MET A 5 0.29 -11.68 -1.30
CA MET A 5 -0.02 -11.64 0.12
C MET A 5 -1.05 -10.56 0.44
N GLU A 6 -1.94 -10.85 1.37
CA GLU A 6 -2.99 -9.92 1.77
C GLU A 6 -2.53 -9.10 2.97
N ILE A 7 -2.87 -7.81 2.96
CA ILE A 7 -2.49 -6.92 4.05
C ILE A 7 -3.71 -6.23 4.63
N LYS A 8 -3.96 -6.45 5.92
CA LYS A 8 -5.12 -5.85 6.58
C LYS A 8 -4.70 -4.70 7.50
N LEU A 9 -5.39 -3.57 7.38
CA LEU A 9 -5.11 -2.41 8.21
C LEU A 9 -6.40 -1.86 8.82
N ILE A 10 -6.40 -1.65 10.12
CA ILE A 10 -7.58 -1.14 10.80
C ILE A 10 -7.48 0.37 11.02
N LYS A 11 -8.56 1.08 10.71
CA LYS A 11 -8.61 2.52 10.85
C LYS A 11 -8.73 2.93 12.32
N GLY A 12 -7.64 3.44 12.88
CA GLY A 12 -7.64 3.87 14.27
C GLY A 12 -7.36 5.35 14.41
N PRO A 13 -6.69 5.77 15.50
CA PRO A 13 -6.37 7.18 15.71
C PRO A 13 -5.35 7.69 14.71
N LYS A 14 -4.56 6.78 14.14
CA LYS A 14 -3.54 7.14 13.17
C LYS A 14 -3.97 6.84 11.72
N GLY A 15 -5.14 6.22 11.56
CA GLY A 15 -5.61 5.91 10.22
C GLY A 15 -5.01 4.61 9.69
N LEU A 16 -4.57 4.63 8.45
CA LEU A 16 -3.98 3.44 7.84
C LEU A 16 -2.78 2.94 8.64
N GLY A 17 -2.00 3.88 9.16
CA GLY A 17 -0.84 3.52 9.94
C GLY A 17 0.38 3.24 9.08
N PHE A 18 0.55 4.03 8.02
CA PHE A 18 1.68 3.87 7.12
C PHE A 18 1.67 4.97 6.05
N SER A 19 2.57 4.85 5.08
CA SER A 19 2.67 5.82 4.00
C SER A 19 2.77 5.10 2.66
N ILE A 20 2.47 5.82 1.59
CA ILE A 20 2.52 5.25 0.25
C ILE A 20 3.41 6.08 -0.67
N ALA A 21 3.80 5.49 -1.77
CA ALA A 21 4.64 6.16 -2.75
C ALA A 21 4.04 5.96 -4.14
N GLY A 22 4.04 6.99 -4.95
CA GLY A 22 3.45 6.87 -6.27
C GLY A 22 4.46 6.88 -7.39
N GLY A 23 4.35 5.89 -8.26
CA GLY A 23 5.26 5.77 -9.37
C GLY A 23 4.83 6.60 -10.57
N VAL A 24 3.55 6.95 -10.65
CA VAL A 24 3.02 7.72 -11.78
C VAL A 24 3.12 9.23 -11.53
N GLY A 25 3.89 9.91 -12.37
CA GLY A 25 4.04 11.35 -12.26
C GLY A 25 4.98 11.77 -11.15
N ASN A 26 4.65 11.37 -9.94
CA ASN A 26 5.46 11.68 -8.77
C ASN A 26 6.27 10.45 -8.38
N GLN A 27 6.92 9.86 -9.37
CA GLN A 27 7.70 8.66 -9.18
C GLN A 27 8.59 8.69 -7.94
N HIS A 28 8.26 7.82 -7.00
CA HIS A 28 9.04 7.68 -5.77
C HIS A 28 9.98 6.48 -5.91
N ILE A 29 9.55 5.49 -6.69
CA ILE A 29 10.34 4.29 -6.92
C ILE A 29 11.11 4.42 -8.24
N PRO A 30 12.46 4.30 -8.22
CA PRO A 30 13.27 4.42 -9.43
C PRO A 30 13.09 3.22 -10.37
N GLY A 31 11.99 3.21 -11.12
CA GLY A 31 11.74 2.13 -12.05
C GLY A 31 10.35 1.52 -11.95
N ASP A 32 9.48 2.11 -11.12
CA ASP A 32 8.13 1.59 -10.95
C ASP A 32 7.09 2.70 -11.03
N ASN A 33 5.93 2.39 -11.60
CA ASN A 33 4.86 3.37 -11.74
C ASN A 33 3.75 3.08 -10.72
N SER A 34 3.61 1.81 -10.33
CA SER A 34 2.58 1.41 -9.37
C SER A 34 2.80 2.07 -8.01
N ILE A 35 2.16 1.53 -6.97
CA ILE A 35 2.28 2.06 -5.62
C ILE A 35 3.26 1.23 -4.79
N TYR A 36 4.03 1.92 -3.97
CA TYR A 36 5.00 1.27 -3.10
C TYR A 36 4.93 1.90 -1.72
N VAL A 37 5.32 1.15 -0.70
CA VAL A 37 5.30 1.65 0.66
C VAL A 37 6.58 2.43 0.97
N THR A 38 6.46 3.51 1.73
CA THR A 38 7.63 4.34 2.06
C THR A 38 7.84 4.51 3.56
N LYS A 39 6.78 4.36 4.35
CA LYS A 39 6.92 4.51 5.81
C LYS A 39 5.81 3.80 6.56
N ILE A 40 6.19 3.14 7.65
CA ILE A 40 5.24 2.41 8.49
C ILE A 40 5.25 2.95 9.91
N ILE A 41 4.08 3.14 10.49
CA ILE A 41 3.98 3.63 11.85
C ILE A 41 4.20 2.47 12.81
N GLU A 42 5.29 2.54 13.58
CA GLU A 42 5.69 1.49 14.53
C GLU A 42 4.50 0.87 15.26
N GLY A 43 4.04 -0.26 14.73
CA GLY A 43 2.92 -0.98 15.32
C GLY A 43 1.69 -0.11 15.51
N GLY A 44 1.53 0.89 14.65
CA GLY A 44 0.38 1.77 14.74
C GLY A 44 -0.89 1.10 14.29
N ALA A 45 -0.95 0.75 13.01
CA ALA A 45 -2.12 0.08 12.45
C ALA A 45 -1.71 -0.84 11.31
N ALA A 46 -1.06 -0.28 10.30
CA ALA A 46 -0.60 -1.06 9.15
C ALA A 46 0.50 -2.02 9.56
N HIS A 47 1.44 -1.54 10.34
CA HIS A 47 2.55 -2.37 10.79
C HIS A 47 2.07 -3.58 11.59
N LYS A 48 1.30 -3.33 12.64
CA LYS A 48 0.79 -4.42 13.48
C LYS A 48 -0.27 -5.25 12.77
N ASP A 49 -1.28 -4.59 12.22
CA ASP A 49 -2.37 -5.26 11.54
C ASP A 49 -1.96 -5.84 10.18
N GLY A 50 -1.32 -5.01 9.36
CA GLY A 50 -0.92 -5.44 8.03
C GLY A 50 0.41 -6.18 7.99
N ARG A 51 1.36 -5.78 8.83
CA ARG A 51 2.68 -6.41 8.85
C ARG A 51 3.40 -6.14 7.52
N LEU A 52 3.44 -4.87 7.13
CA LEU A 52 4.08 -4.48 5.89
C LEU A 52 5.23 -3.50 6.14
N GLN A 53 6.32 -3.66 5.40
CA GLN A 53 7.47 -2.78 5.54
C GLN A 53 7.75 -2.03 4.24
N ILE A 54 8.72 -1.12 4.29
CA ILE A 54 9.08 -0.33 3.12
C ILE A 54 9.71 -1.21 2.04
N GLY A 55 9.16 -1.12 0.83
CA GLY A 55 9.66 -1.91 -0.27
C GLY A 55 8.58 -2.72 -0.96
N ASP A 56 7.45 -2.92 -0.28
CA ASP A 56 6.34 -3.68 -0.84
C ASP A 56 5.56 -2.85 -1.84
N LYS A 57 4.98 -3.51 -2.84
CA LYS A 57 4.20 -2.81 -3.87
C LYS A 57 2.73 -3.16 -3.72
N ILE A 58 1.89 -2.14 -3.65
CA ILE A 58 0.45 -2.35 -3.49
C ILE A 58 -0.27 -2.40 -4.84
N LEU A 59 -1.00 -3.47 -5.08
CA LEU A 59 -1.76 -3.61 -6.33
C LEU A 59 -3.11 -2.92 -6.19
N ALA A 60 -3.95 -3.49 -5.35
CA ALA A 60 -5.29 -2.96 -5.10
C ALA A 60 -5.60 -2.96 -3.62
N VAL A 61 -6.51 -2.09 -3.21
CA VAL A 61 -6.90 -1.99 -1.81
C VAL A 61 -8.41 -2.15 -1.66
N ASN A 62 -8.82 -3.17 -0.91
CA ASN A 62 -10.24 -3.45 -0.71
C ASN A 62 -10.92 -3.70 -2.06
N SER A 63 -11.35 -2.64 -2.72
CA SER A 63 -11.98 -2.74 -4.03
C SER A 63 -11.54 -1.58 -4.93
N VAL A 64 -10.47 -0.87 -4.53
CA VAL A 64 -9.95 0.25 -5.30
C VAL A 64 -8.61 -0.10 -5.92
N GLY A 65 -8.41 0.35 -7.15
CA GLY A 65 -7.17 0.07 -7.84
C GLY A 65 -6.23 1.27 -7.89
N LEU A 66 -5.28 1.29 -6.97
CA LEU A 66 -4.28 2.36 -6.90
C LEU A 66 -2.99 1.84 -7.50
N GLU A 67 -3.14 1.14 -8.62
CA GLU A 67 -2.02 0.52 -9.31
C GLU A 67 -1.86 1.05 -10.73
N ASP A 68 -2.25 2.30 -10.94
CA ASP A 68 -2.14 2.91 -12.25
C ASP A 68 -2.38 4.42 -12.17
N VAL A 69 -1.95 5.02 -11.07
CA VAL A 69 -2.13 6.44 -10.87
C VAL A 69 -1.04 7.01 -9.96
N MET A 70 -0.89 8.33 -9.94
CA MET A 70 0.13 8.97 -9.12
C MET A 70 -0.09 8.73 -7.64
N HIS A 71 0.89 9.16 -6.86
CA HIS A 71 0.86 9.04 -5.42
C HIS A 71 -0.38 9.74 -4.82
N GLU A 72 -0.78 10.88 -5.39
CA GLU A 72 -1.91 11.64 -4.87
C GLU A 72 -3.23 10.88 -5.02
N ASP A 73 -3.53 10.44 -6.22
CA ASP A 73 -4.76 9.71 -6.47
C ASP A 73 -4.74 8.41 -5.69
N ALA A 74 -3.56 7.82 -5.53
CA ALA A 74 -3.40 6.59 -4.78
C ALA A 74 -3.84 6.82 -3.34
N VAL A 75 -3.51 8.00 -2.82
CA VAL A 75 -3.90 8.37 -1.47
C VAL A 75 -5.42 8.34 -1.36
N ALA A 76 -6.06 8.85 -2.40
CA ALA A 76 -7.52 8.87 -2.46
C ALA A 76 -8.08 7.46 -2.45
N ALA A 77 -7.34 6.53 -3.06
CA ALA A 77 -7.77 5.14 -3.11
C ALA A 77 -7.80 4.54 -1.71
N LEU A 78 -6.77 4.85 -0.91
CA LEU A 78 -6.68 4.35 0.45
C LEU A 78 -7.68 5.05 1.37
N LYS A 79 -7.72 6.38 1.31
CA LYS A 79 -8.60 7.18 2.15
C LYS A 79 -10.06 6.75 2.00
N ASN A 80 -10.44 6.43 0.78
CA ASN A 80 -11.81 6.01 0.48
C ASN A 80 -12.20 4.76 1.27
N THR A 81 -11.20 4.00 1.74
CA THR A 81 -11.46 2.79 2.50
C THR A 81 -12.24 3.08 3.78
N TYR A 82 -12.34 2.09 4.66
CA TYR A 82 -13.07 2.26 5.91
C TYR A 82 -12.27 1.69 7.09
N ASP A 83 -12.95 1.24 8.15
CA ASP A 83 -12.28 0.67 9.33
C ASP A 83 -11.15 -0.28 8.92
N VAL A 84 -11.50 -1.51 8.57
CA VAL A 84 -10.50 -2.48 8.17
C VAL A 84 -10.39 -2.53 6.65
N VAL A 85 -9.19 -2.27 6.15
CA VAL A 85 -8.95 -2.29 4.71
C VAL A 85 -7.90 -3.32 4.34
N TYR A 86 -8.18 -4.13 3.32
CA TYR A 86 -7.23 -5.14 2.89
C TYR A 86 -6.54 -4.74 1.60
N LEU A 87 -5.22 -4.62 1.66
CA LEU A 87 -4.42 -4.27 0.49
C LEU A 87 -3.77 -5.53 -0.04
N LYS A 88 -3.77 -5.68 -1.35
CA LYS A 88 -3.18 -6.85 -1.97
C LYS A 88 -1.86 -6.50 -2.64
N VAL A 89 -0.83 -7.27 -2.32
CA VAL A 89 0.51 -7.03 -2.84
C VAL A 89 1.11 -8.33 -3.40
N ALA A 90 1.94 -8.19 -4.43
CA ALA A 90 2.59 -9.34 -5.06
C ALA A 90 4.10 -9.17 -5.09
N LYS A 91 4.82 -10.19 -4.66
CA LYS A 91 6.28 -10.14 -4.63
C LYS A 91 6.87 -10.74 -5.91
N PRO A 92 7.47 -9.90 -6.79
CA PRO A 92 8.07 -10.38 -8.04
C PRO A 92 9.08 -11.51 -7.80
N SER A 93 8.72 -12.72 -8.24
CA SER A 93 9.58 -13.87 -8.07
C SER A 93 10.48 -14.07 -9.29
N ASN A 94 11.39 -13.12 -9.51
CA ASN A 94 12.30 -13.19 -10.64
C ASN A 94 13.40 -12.14 -10.50
N ALA A 95 13.84 -11.89 -9.27
CA ALA A 95 14.88 -10.92 -9.00
C ALA A 95 15.78 -11.39 -7.87
#